data_1SPK
#
_entry.id   1SPK
#
_entity_poly.entity_id   1
_entity_poly.type   'polypeptide(L)'
_entity_poly.pdbx_seq_one_letter_code
;GSSGSSGQKVKTIFPHTAGNNKTLLSFAQGDVLTLLIPEEKDGWLYGEHDTTKARGWFPSSYTKLLSGPSSG
;
_entity_poly.pdbx_strand_id   A
#
# COMPACT_ATOMS: atom_id res chain seq x y z
N GLY A 1 8.48 14.63 -2.92
CA GLY A 1 9.90 14.58 -2.61
C GLY A 1 10.18 13.55 -1.51
N SER A 2 11.18 13.86 -0.69
CA SER A 2 11.55 12.98 0.40
C SER A 2 11.78 13.78 1.68
N SER A 3 11.10 13.38 2.74
CA SER A 3 11.22 14.05 4.01
C SER A 3 11.28 13.02 5.15
N GLY A 4 12.49 12.61 5.47
CA GLY A 4 12.70 11.63 6.52
C GLY A 4 12.08 10.28 6.15
N SER A 5 11.66 9.55 7.18
CA SER A 5 11.05 8.25 6.97
C SER A 5 9.60 8.28 7.45
N SER A 6 8.69 8.11 6.50
CA SER A 6 7.28 8.11 6.80
C SER A 6 6.47 7.67 5.57
N GLY A 7 5.25 7.23 5.83
CA GLY A 7 4.38 6.78 4.77
C GLY A 7 5.15 5.95 3.74
N GLN A 8 5.85 4.94 4.25
CA GLN A 8 6.63 4.06 3.39
C GLN A 8 5.81 3.65 2.16
N LYS A 9 6.50 3.03 1.22
CA LYS A 9 5.85 2.58 0.00
C LYS A 9 5.97 1.07 -0.11
N VAL A 10 4.91 0.46 -0.63
CA VAL A 10 4.87 -0.98 -0.79
C VAL A 10 4.48 -1.33 -2.23
N LYS A 11 4.89 -2.50 -2.67
CA LYS A 11 4.58 -2.95 -4.00
C LYS A 11 3.81 -4.28 -3.93
N THR A 12 2.72 -4.33 -4.68
CA THR A 12 1.89 -5.52 -4.71
C THR A 12 2.51 -6.59 -5.62
N ILE A 13 2.65 -7.78 -5.06
CA ILE A 13 3.23 -8.89 -5.80
C ILE A 13 2.10 -9.76 -6.37
N PHE A 14 0.90 -9.49 -5.90
CA PHE A 14 -0.27 -10.23 -6.36
C PHE A 14 -1.49 -9.33 -6.45
N PRO A 15 -2.38 -9.66 -7.43
CA PRO A 15 -3.59 -8.88 -7.64
C PRO A 15 -4.63 -9.18 -6.55
N HIS A 16 -5.45 -8.18 -6.28
CA HIS A 16 -6.49 -8.32 -5.28
C HIS A 16 -7.50 -7.18 -5.40
N THR A 17 -8.61 -7.48 -6.05
CA THR A 17 -9.65 -6.50 -6.25
C THR A 17 -10.64 -6.50 -5.07
N ALA A 18 -11.30 -5.38 -4.88
CA ALA A 18 -12.26 -5.24 -3.81
C ALA A 18 -13.58 -5.88 -4.23
N GLY A 19 -14.18 -5.30 -5.25
CA GLY A 19 -15.45 -5.80 -5.76
C GLY A 19 -16.62 -5.22 -4.97
N ASN A 20 -16.89 -3.95 -5.21
CA ASN A 20 -17.97 -3.26 -4.54
C ASN A 20 -17.52 -2.85 -3.13
N ASN A 21 -17.06 -3.84 -2.38
CA ASN A 21 -16.60 -3.60 -1.03
C ASN A 21 -15.77 -2.31 -1.00
N LYS A 22 -16.07 -1.47 -0.03
CA LYS A 22 -15.35 -0.21 0.12
C LYS A 22 -14.39 -0.30 1.30
N THR A 23 -14.01 -1.54 1.62
CA THR A 23 -13.11 -1.78 2.73
C THR A 23 -11.78 -2.33 2.21
N LEU A 24 -11.81 -2.78 0.96
CA LEU A 24 -10.61 -3.33 0.35
C LEU A 24 -10.16 -2.42 -0.80
N LEU A 25 -8.85 -2.36 -1.00
CA LEU A 25 -8.30 -1.53 -2.05
C LEU A 25 -8.16 -2.35 -3.33
N SER A 26 -8.64 -1.77 -4.42
CA SER A 26 -8.58 -2.45 -5.71
C SER A 26 -7.38 -1.94 -6.50
N PHE A 27 -6.51 -2.87 -6.87
CA PHE A 27 -5.32 -2.53 -7.64
C PHE A 27 -4.81 -3.75 -8.41
N ALA A 28 -3.76 -3.52 -9.18
CA ALA A 28 -3.17 -4.58 -9.98
C ALA A 28 -1.73 -4.81 -9.50
N GLN A 29 -1.28 -6.05 -9.70
CA GLN A 29 0.07 -6.42 -9.29
C GLN A 29 1.09 -5.44 -9.87
N GLY A 30 1.90 -4.88 -8.98
CA GLY A 30 2.92 -3.94 -9.39
C GLY A 30 2.59 -2.53 -8.88
N ASP A 31 1.31 -2.24 -8.83
CA ASP A 31 0.85 -0.94 -8.36
C ASP A 31 1.56 -0.59 -7.05
N VAL A 32 1.73 0.70 -6.83
CA VAL A 32 2.39 1.17 -5.62
C VAL A 32 1.37 1.90 -4.74
N LEU A 33 1.41 1.56 -3.45
CA LEU A 33 0.50 2.17 -2.50
C LEU A 33 1.31 2.86 -1.40
N THR A 34 0.85 4.05 -1.03
CA THR A 34 1.52 4.81 0.01
C THR A 34 0.93 4.49 1.38
N LEU A 35 1.79 4.05 2.28
CA LEU A 35 1.37 3.71 3.62
C LEU A 35 1.02 4.99 4.38
N LEU A 36 0.09 4.85 5.32
CA LEU A 36 -0.34 5.99 6.12
C LEU A 36 -0.04 5.70 7.60
N ILE A 37 -0.43 4.51 8.03
CA ILE A 37 -0.21 4.10 9.40
C ILE A 37 1.02 3.19 9.48
N PRO A 38 1.85 3.44 10.52
CA PRO A 38 3.05 2.64 10.71
C PRO A 38 2.72 1.26 11.26
N GLU A 39 1.48 1.12 11.72
CA GLU A 39 1.02 -0.14 12.28
C GLU A 39 0.25 -0.93 11.22
N GLU A 40 -0.16 -2.13 11.60
CA GLU A 40 -0.91 -3.00 10.70
C GLU A 40 -2.18 -3.49 11.38
N LYS A 41 -3.23 -3.61 10.58
CA LYS A 41 -4.52 -4.07 11.10
C LYS A 41 -4.48 -5.60 11.24
N ASP A 42 -3.61 -6.05 12.13
CA ASP A 42 -3.47 -7.48 12.38
C ASP A 42 -3.06 -8.17 11.08
N GLY A 43 -1.93 -7.73 10.55
CA GLY A 43 -1.42 -8.30 9.31
C GLY A 43 -1.72 -7.40 8.12
N TRP A 44 -2.95 -6.92 8.08
CA TRP A 44 -3.38 -6.04 7.00
C TRP A 44 -2.70 -4.68 7.20
N LEU A 45 -2.47 -4.01 6.09
CA LEU A 45 -1.82 -2.70 6.13
C LEU A 45 -2.66 -1.70 5.31
N TYR A 46 -2.60 -0.45 5.73
CA TYR A 46 -3.33 0.61 5.06
C TYR A 46 -2.40 1.49 4.23
N GLY A 47 -2.99 2.19 3.28
CA GLY A 47 -2.22 3.08 2.41
C GLY A 47 -3.14 3.78 1.40
N GLU A 48 -2.51 4.52 0.50
CA GLU A 48 -3.25 5.24 -0.52
C GLU A 48 -2.87 4.73 -1.91
N HIS A 49 -3.87 4.61 -2.76
CA HIS A 49 -3.65 4.14 -4.12
C HIS A 49 -3.16 5.30 -4.99
N ASP A 50 -2.15 5.00 -5.79
CA ASP A 50 -1.57 5.99 -6.67
C ASP A 50 -2.33 6.00 -8.00
N THR A 51 -3.65 5.97 -7.88
CA THR A 51 -4.51 5.96 -9.06
C THR A 51 -5.90 6.50 -8.71
N THR A 52 -6.65 5.68 -7.99
CA THR A 52 -7.99 6.05 -7.58
C THR A 52 -7.95 7.21 -6.58
N LYS A 53 -6.81 7.32 -5.91
CA LYS A 53 -6.62 8.37 -4.93
C LYS A 53 -7.32 7.99 -3.63
N ALA A 54 -7.96 6.81 -3.66
CA ALA A 54 -8.67 6.32 -2.50
C ALA A 54 -7.78 5.35 -1.74
N ARG A 55 -8.05 5.24 -0.44
CA ARG A 55 -7.28 4.35 0.41
C ARG A 55 -8.16 3.17 0.88
N GLY A 56 -7.56 1.99 0.85
CA GLY A 56 -8.27 0.79 1.27
C GLY A 56 -7.42 -0.05 2.21
N TRP A 57 -7.91 -1.25 2.49
CA TRP A 57 -7.20 -2.16 3.38
C TRP A 57 -6.69 -3.34 2.54
N PHE A 58 -5.43 -3.69 2.78
CA PHE A 58 -4.82 -4.79 2.06
C PHE A 58 -3.91 -5.61 2.98
N PRO A 59 -3.78 -6.92 2.65
CA PRO A 59 -2.93 -7.81 3.42
C PRO A 59 -1.45 -7.55 3.15
N SER A 60 -0.73 -7.24 4.22
CA SER A 60 0.70 -6.97 4.11
C SER A 60 1.38 -8.08 3.31
N SER A 61 0.74 -9.23 3.30
CA SER A 61 1.27 -10.39 2.59
C SER A 61 1.16 -10.15 1.07
N TYR A 62 0.12 -9.44 0.70
CA TYR A 62 -0.12 -9.14 -0.70
C TYR A 62 0.65 -7.88 -1.13
N THR A 63 1.55 -7.46 -0.27
CA THR A 63 2.35 -6.28 -0.55
C THR A 63 3.76 -6.45 0.02
N LYS A 64 4.71 -5.78 -0.62
CA LYS A 64 6.10 -5.84 -0.18
C LYS A 64 6.67 -4.43 -0.11
N LEU A 65 7.69 -4.28 0.73
CA LEU A 65 8.34 -3.00 0.90
C LEU A 65 9.17 -2.67 -0.34
N LEU A 66 9.04 -1.45 -0.81
CA LEU A 66 9.77 -1.00 -1.99
C LEU A 66 11.27 -1.11 -1.72
N SER A 67 12.05 -0.71 -2.70
CA SER A 67 13.50 -0.76 -2.59
C SER A 67 14.10 0.60 -2.94
N GLY A 68 14.00 1.52 -2.00
CA GLY A 68 14.53 2.86 -2.20
C GLY A 68 13.40 3.87 -2.35
N PRO A 69 13.75 5.16 -2.07
CA PRO A 69 12.78 6.24 -2.17
C PRO A 69 12.49 6.59 -3.64
N SER A 70 11.71 7.65 -3.81
CA SER A 70 11.35 8.09 -5.14
C SER A 70 11.10 9.60 -5.14
N SER A 71 12.19 10.35 -5.03
CA SER A 71 12.09 11.80 -5.01
C SER A 71 12.12 12.35 -6.45
N GLY A 72 11.26 13.32 -6.69
CA GLY A 72 11.17 13.94 -8.00
C GLY A 72 10.19 15.10 -8.00
N GLY A 1 15.67 8.61 -1.59
CA GLY A 1 14.31 8.75 -1.12
C GLY A 1 14.24 9.74 0.06
N SER A 2 13.88 9.20 1.21
CA SER A 2 13.78 10.01 2.42
C SER A 2 14.11 9.16 3.64
N SER A 3 15.19 9.53 4.31
CA SER A 3 15.62 8.82 5.50
C SER A 3 14.48 8.77 6.53
N GLY A 4 14.57 7.80 7.42
CA GLY A 4 13.56 7.64 8.45
C GLY A 4 12.33 6.93 7.90
N SER A 5 11.66 6.19 8.78
CA SER A 5 10.47 5.46 8.40
C SER A 5 9.24 6.33 8.60
N SER A 6 8.75 6.88 7.50
CA SER A 6 7.57 7.74 7.55
C SER A 6 6.83 7.66 6.21
N GLY A 7 5.78 6.86 6.21
CA GLY A 7 4.97 6.71 5.01
C GLY A 7 5.72 5.88 3.95
N GLN A 8 6.27 4.77 4.40
CA GLN A 8 7.01 3.89 3.52
C GLN A 8 6.16 3.53 2.29
N LYS A 9 6.80 2.89 1.33
CA LYS A 9 6.13 2.50 0.11
C LYS A 9 6.17 0.97 -0.01
N VAL A 10 5.08 0.42 -0.53
CA VAL A 10 4.98 -1.03 -0.71
C VAL A 10 4.56 -1.33 -2.14
N LYS A 11 4.92 -2.52 -2.59
CA LYS A 11 4.58 -2.94 -3.94
C LYS A 11 3.77 -4.24 -3.87
N THR A 12 2.72 -4.29 -4.69
CA THR A 12 1.85 -5.45 -4.73
C THR A 12 2.49 -6.55 -5.60
N ILE A 13 2.49 -7.76 -5.04
CA ILE A 13 3.05 -8.90 -5.75
C ILE A 13 1.92 -9.75 -6.33
N PHE A 14 0.71 -9.38 -5.95
CA PHE A 14 -0.46 -10.10 -6.43
C PHE A 14 -1.66 -9.16 -6.57
N PRO A 15 -2.53 -9.47 -7.56
CA PRO A 15 -3.72 -8.68 -7.80
C PRO A 15 -4.79 -8.93 -6.73
N HIS A 16 -5.61 -7.92 -6.50
CA HIS A 16 -6.67 -8.01 -5.51
C HIS A 16 -7.83 -7.10 -5.90
N THR A 17 -9.02 -7.64 -5.82
CA THR A 17 -10.22 -6.89 -6.16
C THR A 17 -11.18 -6.85 -4.96
N ALA A 18 -11.81 -5.69 -4.80
CA ALA A 18 -12.76 -5.50 -3.70
C ALA A 18 -14.06 -6.24 -4.03
N GLY A 19 -14.68 -5.82 -5.13
CA GLY A 19 -15.92 -6.43 -5.56
C GLY A 19 -17.08 -6.04 -4.63
N ASN A 20 -17.51 -7.00 -3.83
CA ASN A 20 -18.59 -6.78 -2.90
C ASN A 20 -18.11 -5.86 -1.77
N ASN A 21 -16.97 -6.22 -1.21
CA ASN A 21 -16.39 -5.44 -0.12
C ASN A 21 -16.49 -3.95 -0.47
N LYS A 22 -16.39 -3.12 0.56
CA LYS A 22 -16.46 -1.68 0.39
C LYS A 22 -15.32 -1.02 1.14
N THR A 23 -14.11 -1.49 0.86
CA THR A 23 -12.92 -0.96 1.51
C THR A 23 -11.66 -1.48 0.84
N LEU A 24 -11.66 -2.79 0.60
CA LEU A 24 -10.51 -3.43 -0.03
C LEU A 24 -10.05 -2.59 -1.22
N LEU A 25 -8.86 -2.03 -1.08
CA LEU A 25 -8.30 -1.20 -2.13
C LEU A 25 -8.15 -2.02 -3.41
N SER A 26 -8.77 -1.53 -4.47
CA SER A 26 -8.71 -2.21 -5.75
C SER A 26 -7.53 -1.69 -6.57
N PHE A 27 -6.70 -2.62 -7.00
CA PHE A 27 -5.53 -2.28 -7.79
C PHE A 27 -5.01 -3.50 -8.57
N ALA A 28 -3.89 -3.29 -9.25
CA ALA A 28 -3.29 -4.35 -10.03
C ALA A 28 -1.84 -4.56 -9.57
N GLN A 29 -1.42 -5.82 -9.59
CA GLN A 29 -0.07 -6.16 -9.18
C GLN A 29 0.93 -5.18 -9.79
N GLY A 30 1.88 -4.77 -8.96
CA GLY A 30 2.90 -3.84 -9.41
C GLY A 30 2.63 -2.43 -8.86
N ASP A 31 1.36 -2.08 -8.81
CA ASP A 31 0.95 -0.78 -8.32
C ASP A 31 1.66 -0.49 -7.00
N VAL A 32 1.92 0.79 -6.77
CA VAL A 32 2.60 1.21 -5.55
C VAL A 32 1.62 2.00 -4.68
N LEU A 33 1.62 1.66 -3.39
CA LEU A 33 0.74 2.33 -2.45
C LEU A 33 1.59 2.95 -1.33
N THR A 34 1.21 4.16 -0.95
CA THR A 34 1.92 4.87 0.10
C THR A 34 1.30 4.56 1.46
N LEU A 35 2.14 4.06 2.36
CA LEU A 35 1.68 3.72 3.70
C LEU A 35 1.37 5.00 4.46
N LEU A 36 0.35 4.92 5.31
CA LEU A 36 -0.06 6.06 6.11
C LEU A 36 0.17 5.75 7.60
N ILE A 37 -0.25 4.56 7.99
CA ILE A 37 -0.11 4.12 9.36
C ILE A 37 1.07 3.15 9.47
N PRO A 38 1.89 3.35 10.53
CA PRO A 38 3.05 2.51 10.75
C PRO A 38 2.63 1.14 11.30
N GLU A 39 1.39 1.08 11.76
CA GLU A 39 0.86 -0.16 12.31
C GLU A 39 0.09 -0.93 11.23
N GLU A 40 -0.32 -2.14 11.59
CA GLU A 40 -1.06 -2.98 10.66
C GLU A 40 -2.35 -3.46 11.31
N LYS A 41 -3.40 -3.53 10.50
CA LYS A 41 -4.69 -3.97 10.97
C LYS A 41 -4.69 -5.50 11.09
N ASP A 42 -3.83 -5.99 11.98
CA ASP A 42 -3.73 -7.42 12.20
C ASP A 42 -3.33 -8.10 10.90
N GLY A 43 -2.18 -7.68 10.37
CA GLY A 43 -1.68 -8.25 9.13
C GLY A 43 -1.94 -7.31 7.95
N TRP A 44 -3.16 -6.80 7.90
CA TRP A 44 -3.56 -5.89 6.84
C TRP A 44 -2.85 -4.55 7.07
N LEU A 45 -2.53 -3.89 5.97
CA LEU A 45 -1.86 -2.61 6.04
C LEU A 45 -2.62 -1.59 5.21
N TYR A 46 -2.54 -0.33 5.64
CA TYR A 46 -3.22 0.75 4.93
C TYR A 46 -2.23 1.61 4.17
N GLY A 47 -2.75 2.34 3.19
CA GLY A 47 -1.92 3.21 2.37
C GLY A 47 -2.77 3.97 1.35
N GLU A 48 -2.08 4.70 0.49
CA GLU A 48 -2.76 5.48 -0.54
C GLU A 48 -2.41 4.94 -1.92
N HIS A 49 -3.41 4.89 -2.79
CA HIS A 49 -3.23 4.41 -4.14
C HIS A 49 -2.68 5.53 -5.02
N ASP A 50 -1.68 5.18 -5.83
CA ASP A 50 -1.05 6.14 -6.71
C ASP A 50 -1.83 6.18 -8.03
N THR A 51 -3.15 6.23 -7.91
CA THR A 51 -4.01 6.28 -9.08
C THR A 51 -5.33 6.97 -8.75
N THR A 52 -6.19 6.22 -8.07
CA THR A 52 -7.49 6.74 -7.68
C THR A 52 -7.33 7.84 -6.62
N LYS A 53 -6.17 7.84 -5.98
CA LYS A 53 -5.88 8.82 -4.95
C LYS A 53 -6.65 8.46 -3.68
N ALA A 54 -7.33 7.32 -3.74
CA ALA A 54 -8.11 6.86 -2.61
C ALA A 54 -7.29 5.84 -1.82
N ARG A 55 -7.62 5.70 -0.55
CA ARG A 55 -6.93 4.76 0.32
C ARG A 55 -7.89 3.66 0.80
N GLY A 56 -7.38 2.44 0.77
CA GLY A 56 -8.18 1.30 1.19
C GLY A 56 -7.39 0.39 2.14
N TRP A 57 -7.93 -0.79 2.37
CA TRP A 57 -7.29 -1.75 3.25
C TRP A 57 -6.81 -2.93 2.40
N PHE A 58 -5.58 -3.34 2.65
CA PHE A 58 -4.99 -4.45 1.92
C PHE A 58 -4.13 -5.32 2.84
N PRO A 59 -4.03 -6.63 2.47
CA PRO A 59 -3.25 -7.57 3.25
C PRO A 59 -1.75 -7.35 3.02
N SER A 60 -1.05 -7.08 4.11
CA SER A 60 0.39 -6.86 4.04
C SER A 60 1.06 -7.98 3.24
N SER A 61 0.37 -9.12 3.21
CA SER A 61 0.88 -10.27 2.48
C SER A 61 0.82 -10.02 0.98
N TYR A 62 -0.18 -9.26 0.58
CA TYR A 62 -0.37 -8.93 -0.82
C TYR A 62 0.48 -7.73 -1.23
N THR A 63 1.34 -7.32 -0.30
CA THR A 63 2.21 -6.18 -0.55
C THR A 63 3.59 -6.44 0.06
N LYS A 64 4.59 -5.80 -0.55
CA LYS A 64 5.96 -5.95 -0.07
C LYS A 64 6.61 -4.57 0.03
N LEU A 65 7.61 -4.48 0.89
CA LEU A 65 8.32 -3.23 1.09
C LEU A 65 9.23 -2.97 -0.10
N LEU A 66 9.17 -1.74 -0.60
CA LEU A 66 9.98 -1.36 -1.74
C LEU A 66 11.46 -1.47 -1.37
N SER A 67 12.30 -0.91 -2.23
CA SER A 67 13.74 -0.94 -2.00
C SER A 67 14.20 -2.39 -1.79
N GLY A 68 14.05 -3.19 -2.84
CA GLY A 68 14.45 -4.58 -2.78
C GLY A 68 15.92 -4.74 -3.16
N PRO A 69 16.22 -5.89 -3.82
CA PRO A 69 17.58 -6.18 -4.24
C PRO A 69 17.97 -5.35 -5.46
N SER A 70 19.27 -5.25 -5.67
CA SER A 70 19.79 -4.48 -6.79
C SER A 70 19.53 -2.98 -6.56
N SER A 71 20.61 -2.22 -6.61
CA SER A 71 20.52 -0.78 -6.41
C SER A 71 21.38 -0.05 -7.44
N GLY A 72 20.72 0.51 -8.44
CA GLY A 72 21.41 1.23 -9.49
C GLY A 72 22.43 2.22 -8.90
N GLY A 1 7.86 14.98 -1.70
CA GLY A 1 8.18 14.38 -0.42
C GLY A 1 9.33 15.12 0.28
N SER A 2 9.05 15.57 1.49
CA SER A 2 10.05 16.30 2.26
C SER A 2 10.78 15.34 3.19
N SER A 3 12.06 15.63 3.40
CA SER A 3 12.90 14.81 4.26
C SER A 3 12.16 14.51 5.57
N GLY A 4 11.88 13.24 5.77
CA GLY A 4 11.18 12.81 6.97
C GLY A 4 9.76 12.32 6.63
N SER A 5 8.87 12.47 7.61
CA SER A 5 7.50 12.05 7.43
C SER A 5 7.42 10.53 7.30
N SER A 6 6.33 9.97 7.82
CA SER A 6 6.13 8.54 7.77
C SER A 6 5.09 8.20 6.71
N GLY A 7 5.43 7.24 5.86
CA GLY A 7 4.53 6.81 4.80
C GLY A 7 5.27 5.98 3.76
N GLN A 8 5.97 4.96 4.26
CA GLN A 8 6.73 4.08 3.38
C GLN A 8 5.89 3.68 2.17
N LYS A 9 6.55 3.06 1.21
CA LYS A 9 5.88 2.63 0.00
C LYS A 9 5.98 1.11 -0.12
N VAL A 10 4.90 0.51 -0.63
CA VAL A 10 4.85 -0.92 -0.80
C VAL A 10 4.43 -1.25 -2.24
N LYS A 11 4.82 -2.43 -2.68
CA LYS A 11 4.49 -2.87 -4.03
C LYS A 11 3.72 -4.20 -3.95
N THR A 12 2.61 -4.24 -4.67
CA THR A 12 1.79 -5.43 -4.70
C THR A 12 2.40 -6.50 -5.60
N ILE A 13 2.53 -7.69 -5.06
CA ILE A 13 3.10 -8.80 -5.81
C ILE A 13 1.98 -9.69 -6.33
N PHE A 14 0.77 -9.38 -5.89
CA PHE A 14 -0.41 -10.14 -6.30
C PHE A 14 -1.63 -9.24 -6.43
N PRO A 15 -2.51 -9.59 -7.40
CA PRO A 15 -3.72 -8.83 -7.63
C PRO A 15 -4.76 -9.10 -6.55
N HIS A 16 -5.56 -8.07 -6.27
CA HIS A 16 -6.60 -8.19 -5.25
C HIS A 16 -7.58 -7.03 -5.39
N THR A 17 -8.68 -7.30 -6.09
CA THR A 17 -9.70 -6.29 -6.31
C THR A 17 -10.68 -6.27 -5.13
N ALA A 18 -11.03 -5.07 -4.72
CA ALA A 18 -11.95 -4.89 -3.61
C ALA A 18 -13.17 -5.78 -3.82
N GLY A 19 -13.72 -5.70 -5.03
CA GLY A 19 -14.89 -6.50 -5.38
C GLY A 19 -16.09 -6.09 -4.54
N ASN A 20 -16.75 -5.02 -4.96
CA ASN A 20 -17.92 -4.52 -4.26
C ASN A 20 -17.47 -3.86 -2.94
N ASN A 21 -16.83 -4.66 -2.11
CA ASN A 21 -16.36 -4.17 -0.83
C ASN A 21 -15.77 -2.77 -1.01
N LYS A 22 -16.05 -1.90 -0.05
CA LYS A 22 -15.56 -0.54 -0.10
C LYS A 22 -14.34 -0.41 0.83
N THR A 23 -14.30 -1.29 1.82
CA THR A 23 -13.21 -1.29 2.78
C THR A 23 -11.91 -1.73 2.11
N LEU A 24 -12.05 -2.70 1.22
CA LEU A 24 -10.89 -3.23 0.51
C LEU A 24 -10.52 -2.27 -0.62
N LEU A 25 -9.29 -2.42 -1.10
CA LEU A 25 -8.80 -1.57 -2.18
C LEU A 25 -8.74 -2.39 -3.47
N SER A 26 -8.71 -1.68 -4.58
CA SER A 26 -8.65 -2.32 -5.89
C SER A 26 -7.40 -1.85 -6.64
N PHE A 27 -6.56 -2.80 -6.98
CA PHE A 27 -5.33 -2.50 -7.69
C PHE A 27 -4.83 -3.73 -8.47
N ALA A 28 -3.79 -3.51 -9.25
CA ALA A 28 -3.21 -4.59 -10.03
C ALA A 28 -1.77 -4.85 -9.57
N GLN A 29 -1.34 -6.08 -9.75
CA GLN A 29 0.01 -6.47 -9.36
C GLN A 29 1.03 -5.52 -9.97
N GLY A 30 1.78 -4.87 -9.10
CA GLY A 30 2.81 -3.94 -9.53
C GLY A 30 2.52 -2.52 -9.03
N ASP A 31 1.24 -2.24 -8.88
CA ASP A 31 0.82 -0.93 -8.39
C ASP A 31 1.55 -0.61 -7.10
N VAL A 32 1.69 0.69 -6.84
CA VAL A 32 2.37 1.14 -5.64
C VAL A 32 1.38 1.88 -4.74
N LEU A 33 1.42 1.54 -3.47
CA LEU A 33 0.54 2.16 -2.49
C LEU A 33 1.37 2.83 -1.39
N THR A 34 0.90 4.00 -0.98
CA THR A 34 1.58 4.75 0.06
C THR A 34 1.00 4.43 1.43
N LEU A 35 1.87 3.99 2.32
CA LEU A 35 1.46 3.65 3.67
C LEU A 35 1.14 4.93 4.45
N LEU A 36 0.15 4.81 5.32
CA LEU A 36 -0.26 5.95 6.13
C LEU A 36 0.03 5.66 7.60
N ILE A 37 -0.40 4.48 8.04
CA ILE A 37 -0.18 4.07 9.41
C ILE A 37 1.00 3.10 9.48
N PRO A 38 1.87 3.32 10.49
CA PRO A 38 3.04 2.47 10.68
C PRO A 38 2.64 1.12 11.27
N GLU A 39 1.41 1.05 11.73
CA GLU A 39 0.90 -0.17 12.34
C GLU A 39 0.16 -1.01 11.29
N GLU A 40 -0.17 -2.22 11.67
CA GLU A 40 -0.88 -3.12 10.78
C GLU A 40 -2.16 -3.63 11.44
N LYS A 41 -3.20 -3.74 10.63
CA LYS A 41 -4.49 -4.20 11.12
C LYS A 41 -4.48 -5.73 11.21
N ASP A 42 -3.68 -6.23 12.14
CA ASP A 42 -3.57 -7.67 12.33
C ASP A 42 -3.06 -8.32 11.04
N GLY A 43 -1.96 -7.75 10.53
CA GLY A 43 -1.37 -8.26 9.31
C GLY A 43 -1.66 -7.33 8.13
N TRP A 44 -2.92 -6.94 8.02
CA TRP A 44 -3.33 -6.05 6.94
C TRP A 44 -2.69 -4.68 7.19
N LEU A 45 -2.46 -3.97 6.09
CA LEU A 45 -1.85 -2.65 6.18
C LEU A 45 -2.67 -1.67 5.34
N TYR A 46 -2.65 -0.42 5.78
CA TYR A 46 -3.38 0.63 5.08
C TYR A 46 -2.44 1.55 4.31
N GLY A 47 -2.98 2.15 3.25
CA GLY A 47 -2.19 3.04 2.42
C GLY A 47 -3.07 3.75 1.39
N GLU A 48 -2.42 4.52 0.53
CA GLU A 48 -3.13 5.25 -0.51
C GLU A 48 -2.71 4.75 -1.89
N HIS A 49 -3.71 4.59 -2.75
CA HIS A 49 -3.46 4.12 -4.11
C HIS A 49 -2.84 5.25 -4.94
N ASP A 50 -1.92 4.86 -5.80
CA ASP A 50 -1.25 5.82 -6.66
C ASP A 50 -2.03 5.98 -7.97
N THR A 51 -3.35 6.03 -7.82
CA THR A 51 -4.22 6.18 -8.98
C THR A 51 -5.59 6.71 -8.55
N THR A 52 -6.44 5.79 -8.10
CA THR A 52 -7.77 6.16 -7.66
C THR A 52 -7.71 7.33 -6.68
N LYS A 53 -6.56 7.45 -6.03
CA LYS A 53 -6.35 8.52 -5.07
C LYS A 53 -7.08 8.18 -3.76
N ALA A 54 -7.72 7.02 -3.77
CA ALA A 54 -8.46 6.57 -2.60
C ALA A 54 -7.58 5.60 -1.80
N ARG A 55 -7.97 5.42 -0.54
CA ARG A 55 -7.23 4.53 0.34
C ARG A 55 -8.13 3.39 0.82
N GLY A 56 -7.58 2.19 0.80
CA GLY A 56 -8.31 1.01 1.23
C GLY A 56 -7.48 0.15 2.17
N TRP A 57 -7.98 -1.04 2.43
CA TRP A 57 -7.29 -1.97 3.31
C TRP A 57 -6.79 -3.15 2.47
N PHE A 58 -5.54 -3.52 2.72
CA PHE A 58 -4.93 -4.63 2.00
C PHE A 58 -4.03 -5.46 2.92
N PRO A 59 -3.92 -6.76 2.56
CA PRO A 59 -3.09 -7.67 3.34
C PRO A 59 -1.61 -7.42 3.09
N SER A 60 -0.90 -7.12 4.17
CA SER A 60 0.53 -6.86 4.07
C SER A 60 1.22 -7.98 3.29
N SER A 61 0.57 -9.13 3.27
CA SER A 61 1.09 -10.28 2.56
C SER A 61 1.01 -10.05 1.05
N TYR A 62 -0.01 -9.32 0.66
CA TYR A 62 -0.23 -9.01 -0.75
C TYR A 62 0.57 -7.78 -1.17
N THR A 63 1.46 -7.37 -0.29
CA THR A 63 2.29 -6.20 -0.55
C THR A 63 3.69 -6.39 0.04
N LYS A 64 4.66 -5.73 -0.57
CA LYS A 64 6.04 -5.82 -0.12
C LYS A 64 6.63 -4.42 -0.04
N LEU A 65 7.69 -4.30 0.75
CA LEU A 65 8.36 -3.03 0.92
C LEU A 65 9.19 -2.73 -0.33
N LEU A 66 9.06 -1.51 -0.82
CA LEU A 66 9.79 -1.08 -2.00
C LEU A 66 11.29 -1.23 -1.73
N SER A 67 12.07 -0.89 -2.75
CA SER A 67 13.52 -0.99 -2.65
C SER A 67 14.18 -0.17 -3.76
N GLY A 68 14.53 1.06 -3.42
CA GLY A 68 15.16 1.95 -4.37
C GLY A 68 16.68 1.97 -4.19
N PRO A 69 17.28 3.15 -4.43
CA PRO A 69 18.73 3.30 -4.30
C PRO A 69 19.13 3.36 -2.82
N SER A 70 18.37 4.13 -2.06
CA SER A 70 18.65 4.28 -0.65
C SER A 70 17.37 4.69 0.09
N SER A 71 16.82 5.82 -0.34
CA SER A 71 15.61 6.34 0.28
C SER A 71 14.56 6.63 -0.80
N GLY A 72 13.35 6.16 -0.56
CA GLY A 72 12.27 6.35 -1.50
C GLY A 72 11.29 5.19 -1.46
N GLY A 1 9.88 12.74 -5.26
CA GLY A 1 11.17 13.33 -5.57
C GLY A 1 12.02 13.46 -4.30
N SER A 2 11.53 14.28 -3.38
CA SER A 2 12.24 14.51 -2.13
C SER A 2 11.24 14.53 -0.97
N SER A 3 10.31 15.45 -1.05
CA SER A 3 9.29 15.59 -0.01
C SER A 3 8.71 14.21 0.33
N GLY A 4 8.77 13.90 1.62
CA GLY A 4 8.25 12.63 2.10
C GLY A 4 8.68 12.38 3.54
N SER A 5 7.68 12.18 4.40
CA SER A 5 7.92 11.94 5.80
C SER A 5 6.80 11.09 6.40
N SER A 6 7.18 9.89 6.83
CA SER A 6 6.22 8.97 7.41
C SER A 6 5.16 8.59 6.37
N GLY A 7 5.42 7.48 5.69
CA GLY A 7 4.50 7.00 4.67
C GLY A 7 5.23 6.14 3.65
N GLN A 8 5.88 5.10 4.16
CA GLN A 8 6.61 4.18 3.30
C GLN A 8 5.77 3.78 2.10
N LYS A 9 6.42 3.14 1.13
CA LYS A 9 5.74 2.70 -0.07
C LYS A 9 5.83 1.18 -0.17
N VAL A 10 4.76 0.58 -0.66
CA VAL A 10 4.71 -0.86 -0.82
C VAL A 10 4.26 -1.20 -2.24
N LYS A 11 4.65 -2.39 -2.70
CA LYS A 11 4.29 -2.84 -4.03
C LYS A 11 3.58 -4.19 -3.92
N THR A 12 2.45 -4.29 -4.60
CA THR A 12 1.67 -5.52 -4.61
C THR A 12 2.34 -6.57 -5.49
N ILE A 13 2.49 -7.76 -4.92
CA ILE A 13 3.11 -8.86 -5.65
C ILE A 13 2.01 -9.75 -6.25
N PHE A 14 0.79 -9.51 -5.78
CA PHE A 14 -0.35 -10.28 -6.27
C PHE A 14 -1.61 -9.41 -6.33
N PRO A 15 -2.48 -9.73 -7.31
CA PRO A 15 -3.72 -9.00 -7.49
C PRO A 15 -4.74 -9.37 -6.43
N HIS A 16 -5.55 -8.40 -6.04
CA HIS A 16 -6.57 -8.61 -5.03
C HIS A 16 -7.62 -7.50 -5.11
N THR A 17 -8.50 -7.64 -6.08
CA THR A 17 -9.56 -6.65 -6.28
C THR A 17 -10.51 -6.65 -5.08
N ALA A 18 -11.03 -5.46 -4.78
CA ALA A 18 -11.95 -5.31 -3.66
C ALA A 18 -13.32 -5.85 -4.06
N GLY A 19 -13.85 -5.31 -5.15
CA GLY A 19 -15.16 -5.72 -5.65
C GLY A 19 -16.28 -4.99 -4.92
N ASN A 20 -16.42 -3.71 -5.26
CA ASN A 20 -17.45 -2.88 -4.64
C ASN A 20 -17.00 -2.48 -3.24
N ASN A 21 -16.76 -3.49 -2.42
CA ASN A 21 -16.33 -3.25 -1.04
C ASN A 21 -15.31 -2.12 -1.03
N LYS A 22 -15.65 -1.07 -0.28
CA LYS A 22 -14.78 0.09 -0.17
C LYS A 22 -13.72 -0.18 0.88
N THR A 23 -13.92 -1.26 1.62
CA THR A 23 -12.99 -1.65 2.67
C THR A 23 -11.65 -2.09 2.05
N LEU A 24 -11.76 -2.95 1.06
CA LEU A 24 -10.58 -3.47 0.38
C LEU A 24 -10.18 -2.49 -0.73
N LEU A 25 -8.89 -2.53 -1.07
CA LEU A 25 -8.36 -1.66 -2.11
C LEU A 25 -8.16 -2.48 -3.39
N SER A 26 -8.78 -1.98 -4.46
CA SER A 26 -8.67 -2.65 -5.74
C SER A 26 -7.48 -2.11 -6.52
N PHE A 27 -6.57 -3.02 -6.85
CA PHE A 27 -5.37 -2.66 -7.58
C PHE A 27 -4.80 -3.85 -8.34
N ALA A 28 -3.84 -3.57 -9.20
CA ALA A 28 -3.20 -4.61 -10.00
C ALA A 28 -1.79 -4.85 -9.47
N GLN A 29 -1.29 -6.05 -9.74
CA GLN A 29 0.05 -6.42 -9.31
C GLN A 29 1.07 -5.41 -9.82
N GLY A 30 1.93 -4.97 -8.92
CA GLY A 30 2.95 -4.00 -9.26
C GLY A 30 2.59 -2.61 -8.76
N ASP A 31 1.29 -2.34 -8.73
CA ASP A 31 0.81 -1.05 -8.27
C ASP A 31 1.52 -0.67 -6.97
N VAL A 32 1.65 0.63 -6.75
CA VAL A 32 2.30 1.12 -5.55
C VAL A 32 1.29 1.88 -4.70
N LEU A 33 1.31 1.58 -3.40
CA LEU A 33 0.39 2.21 -2.48
C LEU A 33 1.20 2.91 -1.38
N THR A 34 0.72 4.09 -1.00
CA THR A 34 1.38 4.87 0.04
C THR A 34 0.79 4.54 1.41
N LEU A 35 1.67 4.13 2.32
CA LEU A 35 1.26 3.78 3.65
C LEU A 35 0.92 5.06 4.43
N LEU A 36 -0.04 4.93 5.35
CA LEU A 36 -0.46 6.06 6.15
C LEU A 36 -0.18 5.76 7.63
N ILE A 37 -0.45 4.52 8.00
CA ILE A 37 -0.23 4.09 9.37
C ILE A 37 1.00 3.19 9.43
N PRO A 38 1.84 3.43 10.48
CA PRO A 38 3.05 2.66 10.66
C PRO A 38 2.73 1.26 11.20
N GLU A 39 1.50 1.11 11.67
CA GLU A 39 1.06 -0.16 12.22
C GLU A 39 0.32 -0.96 11.15
N GLU A 40 -0.10 -2.16 11.55
CA GLU A 40 -0.82 -3.04 10.64
C GLU A 40 -2.09 -3.55 11.30
N LYS A 41 -3.14 -3.64 10.50
CA LYS A 41 -4.43 -4.12 10.99
C LYS A 41 -4.40 -5.64 11.08
N ASP A 42 -3.53 -6.15 11.93
CA ASP A 42 -3.39 -7.58 12.11
C ASP A 42 -3.00 -8.23 10.78
N GLY A 43 -1.79 -7.90 10.34
CA GLY A 43 -1.29 -8.45 9.09
C GLY A 43 -1.64 -7.52 7.92
N TRP A 44 -2.84 -7.01 7.95
CA TRP A 44 -3.31 -6.11 6.90
C TRP A 44 -2.65 -4.75 7.12
N LEU A 45 -2.44 -4.05 6.01
CA LEU A 45 -1.82 -2.74 6.06
C LEU A 45 -2.68 -1.74 5.28
N TYR A 46 -2.62 -0.49 5.71
CA TYR A 46 -3.38 0.57 5.05
C TYR A 46 -2.46 1.46 4.22
N GLY A 47 -3.08 2.21 3.32
CA GLY A 47 -2.34 3.12 2.46
C GLY A 47 -3.26 3.78 1.44
N GLU A 48 -2.65 4.50 0.52
CA GLU A 48 -3.39 5.18 -0.52
C GLU A 48 -2.98 4.67 -1.91
N HIS A 49 -3.97 4.59 -2.79
CA HIS A 49 -3.71 4.11 -4.14
C HIS A 49 -3.20 5.27 -5.01
N ASP A 50 -2.20 4.94 -5.82
CA ASP A 50 -1.61 5.94 -6.70
C ASP A 50 -2.39 5.97 -8.03
N THR A 51 -3.70 5.93 -7.90
CA THR A 51 -4.57 5.96 -9.07
C THR A 51 -5.95 6.49 -8.70
N THR A 52 -6.66 5.70 -7.89
CA THR A 52 -7.98 6.08 -7.45
C THR A 52 -7.92 7.25 -6.47
N LYS A 53 -6.78 7.37 -5.81
CA LYS A 53 -6.57 8.44 -4.85
C LYS A 53 -7.28 8.08 -3.54
N ALA A 54 -7.91 6.91 -3.55
CA ALA A 54 -8.63 6.45 -2.37
C ALA A 54 -7.74 5.48 -1.60
N ARG A 55 -8.10 5.26 -0.34
CA ARG A 55 -7.36 4.35 0.51
C ARG A 55 -8.23 3.18 0.95
N GLY A 56 -7.64 1.99 0.91
CA GLY A 56 -8.35 0.79 1.29
C GLY A 56 -7.50 -0.08 2.22
N TRP A 57 -7.99 -1.28 2.47
CA TRP A 57 -7.29 -2.21 3.35
C TRP A 57 -6.78 -3.37 2.49
N PHE A 58 -5.52 -3.72 2.74
CA PHE A 58 -4.90 -4.81 2.00
C PHE A 58 -3.97 -5.63 2.91
N PRO A 59 -3.83 -6.93 2.54
CA PRO A 59 -2.98 -7.82 3.32
C PRO A 59 -1.50 -7.55 3.04
N SER A 60 -0.80 -7.15 4.09
CA SER A 60 0.62 -6.85 3.98
C SER A 60 1.33 -7.99 3.27
N SER A 61 0.73 -9.17 3.32
CA SER A 61 1.29 -10.35 2.69
C SER A 61 1.21 -10.21 1.17
N TYR A 62 0.17 -9.51 0.73
CA TYR A 62 -0.04 -9.30 -0.71
C TYR A 62 0.72 -8.06 -1.19
N THR A 63 1.59 -7.56 -0.33
CA THR A 63 2.38 -6.39 -0.66
C THR A 63 3.78 -6.50 -0.04
N LYS A 64 4.73 -5.83 -0.69
CA LYS A 64 6.10 -5.84 -0.22
C LYS A 64 6.63 -4.41 -0.16
N LEU A 65 7.57 -4.19 0.76
CA LEU A 65 8.15 -2.88 0.93
C LEU A 65 9.19 -2.64 -0.18
N LEU A 66 9.10 -1.46 -0.79
CA LEU A 66 10.02 -1.11 -1.85
C LEU A 66 11.41 -0.90 -1.27
N SER A 67 12.37 -0.75 -2.16
CA SER A 67 13.75 -0.55 -1.75
C SER A 67 14.28 0.78 -2.30
N GLY A 68 14.23 1.79 -1.45
CA GLY A 68 14.69 3.11 -1.83
C GLY A 68 16.15 3.32 -1.46
N PRO A 69 16.67 4.54 -1.75
CA PRO A 69 18.05 4.87 -1.46
C PRO A 69 18.25 5.11 0.04
N SER A 70 19.44 4.76 0.52
CA SER A 70 19.77 4.94 1.92
C SER A 70 19.87 6.42 2.25
N SER A 71 19.64 6.74 3.52
CA SER A 71 19.70 8.12 3.98
C SER A 71 18.80 8.99 3.11
N GLY A 72 17.61 9.28 3.64
CA GLY A 72 16.66 10.11 2.93
C GLY A 72 15.74 10.84 3.91
N GLY A 1 4.12 20.16 2.58
CA GLY A 1 5.03 19.17 3.14
C GLY A 1 4.97 19.18 4.67
N SER A 2 5.83 18.36 5.25
CA SER A 2 5.90 18.26 6.71
C SER A 2 7.26 17.70 7.13
N SER A 3 7.62 18.00 8.37
CA SER A 3 8.88 17.54 8.91
C SER A 3 8.66 16.32 9.80
N GLY A 4 9.38 15.25 9.48
CA GLY A 4 9.26 14.01 10.24
C GLY A 4 7.88 13.41 10.10
N SER A 5 7.79 12.35 9.31
CA SER A 5 6.53 11.67 9.09
C SER A 5 6.77 10.40 8.25
N SER A 6 6.21 9.30 8.74
CA SER A 6 6.34 8.03 8.06
C SER A 6 5.37 7.96 6.87
N GLY A 7 5.71 7.09 5.93
CA GLY A 7 4.88 6.93 4.74
C GLY A 7 5.59 6.05 3.70
N GLN A 8 6.11 4.93 4.18
CA GLN A 8 6.81 4.00 3.30
C GLN A 8 5.91 3.59 2.14
N LYS A 9 6.53 3.03 1.12
CA LYS A 9 5.80 2.58 -0.06
C LYS A 9 5.97 1.07 -0.22
N VAL A 10 4.91 0.43 -0.67
CA VAL A 10 4.93 -1.02 -0.86
C VAL A 10 4.41 -1.33 -2.26
N LYS A 11 4.84 -2.49 -2.76
CA LYS A 11 4.43 -2.93 -4.09
C LYS A 11 3.69 -4.25 -3.98
N THR A 12 2.55 -4.32 -4.64
CA THR A 12 1.74 -5.52 -4.62
C THR A 12 2.33 -6.59 -5.54
N ILE A 13 2.52 -7.77 -4.98
CA ILE A 13 3.09 -8.87 -5.73
C ILE A 13 1.96 -9.75 -6.28
N PHE A 14 0.76 -9.44 -5.83
CA PHE A 14 -0.42 -10.19 -6.27
C PHE A 14 -1.65 -9.28 -6.36
N PRO A 15 -2.54 -9.60 -7.33
CA PRO A 15 -3.75 -8.82 -7.53
C PRO A 15 -4.78 -9.13 -6.44
N HIS A 16 -5.60 -8.13 -6.15
CA HIS A 16 -6.63 -8.27 -5.13
C HIS A 16 -7.66 -7.16 -5.29
N THR A 17 -8.59 -7.38 -6.21
CA THR A 17 -9.64 -6.42 -6.47
C THR A 17 -10.80 -6.60 -5.48
N ALA A 18 -11.37 -5.48 -5.08
CA ALA A 18 -12.48 -5.51 -4.14
C ALA A 18 -13.74 -6.01 -4.85
N GLY A 19 -14.07 -5.34 -5.95
CA GLY A 19 -15.24 -5.70 -6.73
C GLY A 19 -16.43 -4.84 -6.35
N ASN A 20 -16.75 -4.84 -5.06
CA ASN A 20 -17.88 -4.07 -4.56
C ASN A 20 -17.50 -3.43 -3.22
N ASN A 21 -17.02 -4.28 -2.32
CA ASN A 21 -16.61 -3.80 -1.00
C ASN A 21 -15.88 -2.47 -1.15
N LYS A 22 -16.18 -1.56 -0.23
CA LYS A 22 -15.57 -0.24 -0.24
C LYS A 22 -14.50 -0.18 0.85
N THR A 23 -14.08 -1.36 1.31
CA THR A 23 -13.08 -1.45 2.35
C THR A 23 -11.74 -1.93 1.76
N LEU A 24 -11.81 -3.03 1.03
CA LEU A 24 -10.63 -3.60 0.41
C LEU A 24 -10.21 -2.72 -0.77
N LEU A 25 -8.93 -2.39 -0.80
CA LEU A 25 -8.40 -1.56 -1.87
C LEU A 25 -8.33 -2.38 -3.16
N SER A 26 -8.72 -1.74 -4.25
CA SER A 26 -8.72 -2.39 -5.55
C SER A 26 -7.54 -1.88 -6.38
N PHE A 27 -6.67 -2.81 -6.74
CA PHE A 27 -5.50 -2.48 -7.54
C PHE A 27 -4.99 -3.70 -8.32
N ALA A 28 -3.99 -3.46 -9.15
CA ALA A 28 -3.41 -4.52 -9.94
C ALA A 28 -1.97 -4.77 -9.47
N GLN A 29 -1.57 -6.04 -9.52
CA GLN A 29 -0.24 -6.42 -9.11
C GLN A 29 0.80 -5.51 -9.76
N GLY A 30 1.59 -4.85 -8.92
CA GLY A 30 2.63 -3.96 -9.41
C GLY A 30 2.37 -2.52 -8.92
N ASP A 31 1.10 -2.20 -8.77
CA ASP A 31 0.71 -0.88 -8.33
C ASP A 31 1.45 -0.53 -7.03
N VAL A 32 1.63 0.76 -6.81
CA VAL A 32 2.32 1.22 -5.62
C VAL A 32 1.32 1.93 -4.69
N LEU A 33 1.41 1.58 -3.42
CA LEU A 33 0.52 2.17 -2.43
C LEU A 33 1.36 2.87 -1.35
N THR A 34 0.90 4.04 -0.95
CA THR A 34 1.59 4.81 0.06
C THR A 34 1.01 4.52 1.44
N LEU A 35 1.88 4.09 2.35
CA LEU A 35 1.46 3.77 3.70
C LEU A 35 1.10 5.06 4.44
N LEU A 36 0.18 4.93 5.38
CA LEU A 36 -0.27 6.07 6.17
C LEU A 36 -0.03 5.80 7.65
N ILE A 37 -0.38 4.58 8.06
CA ILE A 37 -0.21 4.18 9.44
C ILE A 37 1.02 3.28 9.56
N PRO A 38 1.81 3.53 10.64
CA PRO A 38 3.02 2.76 10.88
C PRO A 38 2.67 1.36 11.41
N GLU A 39 1.42 1.22 11.82
CA GLU A 39 0.96 -0.05 12.35
C GLU A 39 0.20 -0.84 11.26
N GLU A 40 -0.22 -2.04 11.64
CA GLU A 40 -0.95 -2.90 10.72
C GLU A 40 -2.20 -3.46 11.39
N LYS A 41 -3.27 -3.56 10.60
CA LYS A 41 -4.52 -4.07 11.11
C LYS A 41 -4.43 -5.60 11.22
N ASP A 42 -3.56 -6.05 12.09
CA ASP A 42 -3.37 -7.48 12.30
C ASP A 42 -2.93 -8.13 10.98
N GLY A 43 -1.74 -7.75 10.55
CA GLY A 43 -1.19 -8.27 9.32
C GLY A 43 -1.52 -7.36 8.13
N TRP A 44 -2.76 -6.91 8.11
CA TRP A 44 -3.21 -6.03 7.04
C TRP A 44 -2.57 -4.65 7.25
N LEU A 45 -2.27 -4.00 6.14
CA LEU A 45 -1.66 -2.69 6.18
C LEU A 45 -2.50 -1.70 5.37
N TYR A 46 -2.45 -0.45 5.80
CA TYR A 46 -3.21 0.59 5.12
C TYR A 46 -2.29 1.50 4.30
N GLY A 47 -2.89 2.17 3.34
CA GLY A 47 -2.13 3.08 2.48
C GLY A 47 -3.05 3.77 1.47
N GLU A 48 -2.42 4.50 0.56
CA GLU A 48 -3.17 5.22 -0.46
C GLU A 48 -2.80 4.69 -1.86
N HIS A 49 -3.81 4.60 -2.71
CA HIS A 49 -3.61 4.12 -4.06
C HIS A 49 -3.09 5.26 -4.95
N ASP A 50 -2.09 4.94 -5.75
CA ASP A 50 -1.50 5.92 -6.64
C ASP A 50 -2.27 5.93 -7.96
N THR A 51 -3.59 5.93 -7.84
CA THR A 51 -4.44 5.93 -9.02
C THR A 51 -5.84 6.46 -8.66
N THR A 52 -6.56 5.66 -7.89
CA THR A 52 -7.90 6.03 -7.48
C THR A 52 -7.84 7.21 -6.50
N LYS A 53 -6.70 7.34 -5.85
CA LYS A 53 -6.51 8.42 -4.89
C LYS A 53 -7.20 8.05 -3.58
N ALA A 54 -7.84 6.90 -3.58
CA ALA A 54 -8.54 6.42 -2.40
C ALA A 54 -7.64 5.47 -1.62
N ARG A 55 -7.98 5.27 -0.36
CA ARG A 55 -7.22 4.38 0.50
C ARG A 55 -8.10 3.23 0.99
N GLY A 56 -7.52 2.04 0.97
CA GLY A 56 -8.24 0.85 1.40
C GLY A 56 -7.37 0.00 2.34
N TRP A 57 -7.86 -1.20 2.62
CA TRP A 57 -7.14 -2.11 3.50
C TRP A 57 -6.66 -3.29 2.65
N PHE A 58 -5.39 -3.65 2.88
CA PHE A 58 -4.79 -4.75 2.15
C PHE A 58 -3.86 -5.56 3.05
N PRO A 59 -3.73 -6.88 2.71
CA PRO A 59 -2.88 -7.77 3.49
C PRO A 59 -1.40 -7.51 3.19
N SER A 60 -0.67 -7.19 4.25
CA SER A 60 0.75 -6.91 4.12
C SER A 60 1.42 -8.03 3.32
N SER A 61 0.79 -9.18 3.33
CA SER A 61 1.32 -10.33 2.60
C SER A 61 1.19 -10.11 1.09
N TYR A 62 0.13 -9.38 0.73
CA TYR A 62 -0.11 -9.09 -0.67
C TYR A 62 0.67 -7.86 -1.12
N THR A 63 1.59 -7.42 -0.27
CA THR A 63 2.40 -6.27 -0.56
C THR A 63 3.81 -6.46 -0.01
N LYS A 64 4.76 -5.79 -0.66
CA LYS A 64 6.16 -5.89 -0.25
C LYS A 64 6.75 -4.48 -0.15
N LEU A 65 7.81 -4.37 0.64
CA LEU A 65 8.47 -3.09 0.83
C LEU A 65 9.32 -2.78 -0.41
N LEU A 66 9.17 -1.56 -0.91
CA LEU A 66 9.92 -1.13 -2.07
C LEU A 66 11.41 -1.22 -1.77
N SER A 67 12.20 -1.08 -2.83
CA SER A 67 13.65 -1.13 -2.69
C SER A 67 14.30 0.02 -3.46
N GLY A 68 14.35 1.17 -2.80
CA GLY A 68 14.93 2.36 -3.41
C GLY A 68 16.33 2.63 -2.84
N PRO A 69 16.96 3.70 -3.38
CA PRO A 69 18.29 4.09 -2.93
C PRO A 69 18.24 4.76 -1.55
N SER A 70 17.24 5.61 -1.39
CA SER A 70 17.06 6.32 -0.13
C SER A 70 18.31 7.14 0.17
N SER A 71 18.31 8.37 -0.32
CA SER A 71 19.43 9.27 -0.11
C SER A 71 20.75 8.53 -0.39
N GLY A 72 21.13 8.56 -1.66
CA GLY A 72 22.36 7.91 -2.08
C GLY A 72 22.56 6.59 -1.32
N GLY A 1 13.17 13.33 -4.65
CA GLY A 1 14.46 13.74 -4.10
C GLY A 1 14.52 13.51 -2.59
N SER A 2 15.51 12.74 -2.19
CA SER A 2 15.69 12.43 -0.78
C SER A 2 14.51 11.61 -0.27
N SER A 3 14.57 10.31 -0.53
CA SER A 3 13.52 9.41 -0.11
C SER A 3 13.68 9.07 1.37
N GLY A 4 12.80 9.64 2.19
CA GLY A 4 12.84 9.41 3.62
C GLY A 4 11.80 10.26 4.34
N SER A 5 10.63 9.67 4.53
CA SER A 5 9.54 10.37 5.20
C SER A 5 8.48 9.36 5.66
N SER A 6 7.60 9.85 6.52
CA SER A 6 6.54 8.99 7.04
C SER A 6 5.54 8.66 5.93
N GLY A 7 5.38 7.36 5.71
CA GLY A 7 4.47 6.89 4.68
C GLY A 7 5.21 6.02 3.65
N GLN A 8 5.91 5.02 4.16
CA GLN A 8 6.65 4.11 3.31
C GLN A 8 5.81 3.70 2.10
N LYS A 9 6.47 3.07 1.13
CA LYS A 9 5.79 2.62 -0.07
C LYS A 9 5.89 1.10 -0.17
N VAL A 10 4.81 0.50 -0.67
CA VAL A 10 4.77 -0.94 -0.82
C VAL A 10 4.33 -1.29 -2.24
N LYS A 11 4.73 -2.47 -2.68
CA LYS A 11 4.39 -2.93 -4.02
C LYS A 11 3.65 -4.26 -3.92
N THR A 12 2.53 -4.34 -4.64
CA THR A 12 1.73 -5.55 -4.64
C THR A 12 2.35 -6.61 -5.54
N ILE A 13 2.50 -7.80 -5.00
CA ILE A 13 3.08 -8.90 -5.73
C ILE A 13 1.96 -9.80 -6.26
N PHE A 14 0.75 -9.51 -5.83
CA PHE A 14 -0.41 -10.28 -6.23
C PHE A 14 -1.65 -9.39 -6.36
N PRO A 15 -2.52 -9.74 -7.33
CA PRO A 15 -3.74 -8.99 -7.56
C PRO A 15 -4.78 -9.28 -6.49
N HIS A 16 -5.70 -8.34 -6.31
CA HIS A 16 -6.75 -8.49 -5.33
C HIS A 16 -7.90 -7.53 -5.64
N THR A 17 -8.89 -8.06 -6.35
CA THR A 17 -10.04 -7.27 -6.72
C THR A 17 -10.85 -6.88 -5.48
N ALA A 18 -11.21 -5.61 -5.41
CA ALA A 18 -11.99 -5.11 -4.29
C ALA A 18 -13.04 -4.12 -4.80
N GLY A 19 -13.24 -4.15 -6.11
CA GLY A 19 -14.21 -3.28 -6.74
C GLY A 19 -15.45 -3.10 -5.85
N ASN A 20 -16.19 -4.19 -5.70
CA ASN A 20 -17.39 -4.17 -4.88
C ASN A 20 -17.03 -3.71 -3.46
N ASN A 21 -16.26 -4.55 -2.77
CA ASN A 21 -15.84 -4.22 -1.42
C ASN A 21 -15.45 -2.75 -1.34
N LYS A 22 -15.78 -2.14 -0.21
CA LYS A 22 -15.46 -0.74 0.00
C LYS A 22 -14.34 -0.62 1.03
N THR A 23 -14.21 -1.66 1.84
CA THR A 23 -13.18 -1.69 2.87
C THR A 23 -11.88 -2.26 2.30
N LEU A 24 -11.99 -2.81 1.10
CA LEU A 24 -10.82 -3.39 0.45
C LEU A 24 -10.40 -2.48 -0.71
N LEU A 25 -9.10 -2.46 -0.96
CA LEU A 25 -8.55 -1.65 -2.03
C LEU A 25 -8.39 -2.51 -3.28
N SER A 26 -8.85 -1.95 -4.39
CA SER A 26 -8.76 -2.65 -5.67
C SER A 26 -7.58 -2.13 -6.47
N PHE A 27 -6.70 -3.05 -6.83
CA PHE A 27 -5.51 -2.70 -7.61
C PHE A 27 -4.98 -3.91 -8.36
N ALA A 28 -3.97 -3.65 -9.19
CA ALA A 28 -3.35 -4.70 -9.97
C ALA A 28 -1.90 -4.90 -9.52
N GLN A 29 -1.45 -6.14 -9.62
CA GLN A 29 -0.09 -6.47 -9.23
C GLN A 29 0.90 -5.48 -9.84
N GLY A 30 1.72 -4.90 -8.98
CA GLY A 30 2.71 -3.93 -9.42
C GLY A 30 2.37 -2.53 -8.91
N ASP A 31 1.09 -2.26 -8.81
CA ASP A 31 0.63 -0.97 -8.33
C ASP A 31 1.37 -0.60 -7.05
N VAL A 32 1.51 0.69 -6.83
CA VAL A 32 2.20 1.19 -5.65
C VAL A 32 1.21 1.94 -4.76
N LEU A 33 1.27 1.62 -3.47
CA LEU A 33 0.38 2.26 -2.51
C LEU A 33 1.21 2.94 -1.43
N THR A 34 0.74 4.10 -1.00
CA THR A 34 1.44 4.86 0.02
C THR A 34 0.86 4.54 1.40
N LEU A 35 1.75 4.11 2.29
CA LEU A 35 1.35 3.77 3.64
C LEU A 35 1.00 5.05 4.41
N LEU A 36 0.08 4.90 5.36
CA LEU A 36 -0.34 6.03 6.16
C LEU A 36 -0.06 5.73 7.63
N ILE A 37 -0.44 4.53 8.05
CA ILE A 37 -0.24 4.11 9.42
C ILE A 37 1.05 3.28 9.51
N PRO A 38 1.84 3.56 10.58
CA PRO A 38 3.09 2.84 10.80
C PRO A 38 2.83 1.43 11.31
N GLU A 39 1.65 1.25 11.89
CA GLU A 39 1.27 -0.05 12.42
C GLU A 39 0.46 -0.83 11.38
N GLU A 40 0.18 -2.08 11.72
CA GLU A 40 -0.58 -2.94 10.83
C GLU A 40 -1.85 -3.44 11.52
N LYS A 41 -2.87 -3.68 10.72
CA LYS A 41 -4.15 -4.15 11.23
C LYS A 41 -4.05 -5.65 11.52
N ASP A 42 -3.09 -6.00 12.36
CA ASP A 42 -2.88 -7.39 12.72
C ASP A 42 -2.57 -8.20 11.46
N GLY A 43 -1.62 -7.69 10.70
CA GLY A 43 -1.20 -8.34 9.47
C GLY A 43 -1.53 -7.49 8.25
N TRP A 44 -2.74 -6.93 8.26
CA TRP A 44 -3.18 -6.09 7.16
C TRP A 44 -2.52 -4.72 7.32
N LEU A 45 -2.40 -4.02 6.21
CA LEU A 45 -1.79 -2.70 6.21
C LEU A 45 -2.64 -1.75 5.36
N TYR A 46 -2.60 -0.48 5.74
CA TYR A 46 -3.36 0.54 5.02
C TYR A 46 -2.43 1.42 4.18
N GLY A 47 -3.04 2.21 3.31
CA GLY A 47 -2.28 3.11 2.45
C GLY A 47 -3.19 3.77 1.41
N GLU A 48 -2.57 4.54 0.54
CA GLU A 48 -3.30 5.23 -0.51
C GLU A 48 -2.90 4.71 -1.88
N HIS A 49 -3.88 4.55 -2.74
CA HIS A 49 -3.63 4.06 -4.09
C HIS A 49 -3.04 5.18 -4.94
N ASP A 50 -2.14 4.79 -5.83
CA ASP A 50 -1.50 5.75 -6.71
C ASP A 50 -2.31 5.89 -8.00
N THR A 51 -3.62 5.99 -7.83
CA THR A 51 -4.52 6.12 -8.96
C THR A 51 -5.87 6.66 -8.51
N THR A 52 -6.68 5.78 -7.96
CA THR A 52 -8.00 6.15 -7.48
C THR A 52 -7.89 7.30 -6.48
N LYS A 53 -6.74 7.39 -5.84
CA LYS A 53 -6.49 8.42 -4.85
C LYS A 53 -7.21 8.07 -3.55
N ALA A 54 -7.85 6.90 -3.57
CA ALA A 54 -8.59 6.43 -2.40
C ALA A 54 -7.70 5.47 -1.62
N ARG A 55 -8.05 5.28 -0.35
CA ARG A 55 -7.31 4.39 0.52
C ARG A 55 -8.20 3.24 0.99
N GLY A 56 -7.63 2.04 0.98
CA GLY A 56 -8.37 0.86 1.40
C GLY A 56 -7.52 0.00 2.34
N TRP A 57 -8.02 -1.19 2.61
CA TRP A 57 -7.33 -2.12 3.49
C TRP A 57 -6.82 -3.29 2.64
N PHE A 58 -5.57 -3.65 2.88
CA PHE A 58 -4.96 -4.75 2.15
C PHE A 58 -4.03 -5.56 3.06
N PRO A 59 -3.90 -6.88 2.72
CA PRO A 59 -3.06 -7.77 3.49
C PRO A 59 -1.58 -7.51 3.21
N SER A 60 -0.85 -7.21 4.28
CA SER A 60 0.57 -6.93 4.16
C SER A 60 1.25 -8.04 3.35
N SER A 61 0.62 -9.20 3.35
CA SER A 61 1.15 -10.35 2.63
C SER A 61 1.02 -10.11 1.12
N TYR A 62 -0.02 -9.37 0.76
CA TYR A 62 -0.26 -9.07 -0.65
C TYR A 62 0.53 -7.83 -1.09
N THR A 63 1.43 -7.41 -0.23
CA THR A 63 2.25 -6.24 -0.50
C THR A 63 3.66 -6.43 0.08
N LYS A 64 4.61 -5.77 -0.56
CA LYS A 64 6.00 -5.85 -0.12
C LYS A 64 6.59 -4.44 -0.05
N LEU A 65 7.67 -4.33 0.70
CA LEU A 65 8.34 -3.04 0.85
C LEU A 65 9.15 -2.74 -0.41
N LEU A 66 9.00 -1.52 -0.89
CA LEU A 66 9.71 -1.09 -2.08
C LEU A 66 11.22 -1.22 -1.85
N SER A 67 11.97 -0.98 -2.91
CA SER A 67 13.42 -1.07 -2.83
C SER A 67 14.06 0.17 -3.46
N GLY A 68 14.12 1.23 -2.66
CA GLY A 68 14.70 2.49 -3.13
C GLY A 68 16.21 2.51 -2.89
N PRO A 69 16.87 3.52 -3.51
CA PRO A 69 18.30 3.67 -3.38
C PRO A 69 18.67 4.24 -2.00
N SER A 70 18.70 3.34 -1.02
CA SER A 70 19.04 3.73 0.34
C SER A 70 20.26 4.65 0.33
N SER A 71 20.18 5.70 1.13
CA SER A 71 21.27 6.65 1.22
C SER A 71 21.79 6.99 -0.17
N GLY A 72 21.19 8.01 -0.77
CA GLY A 72 21.59 8.44 -2.10
C GLY A 72 23.10 8.68 -2.16
N GLY A 1 10.74 16.81 -2.29
CA GLY A 1 11.69 15.77 -1.92
C GLY A 1 12.22 15.99 -0.50
N SER A 2 11.58 15.32 0.44
CA SER A 2 11.98 15.44 1.84
C SER A 2 12.38 14.06 2.38
N SER A 3 12.96 14.08 3.57
CA SER A 3 13.39 12.85 4.22
C SER A 3 12.94 12.83 5.67
N GLY A 4 12.31 11.72 6.05
CA GLY A 4 11.82 11.56 7.40
C GLY A 4 10.32 11.82 7.48
N SER A 5 9.55 10.75 7.43
CA SER A 5 8.11 10.84 7.49
C SER A 5 7.48 9.45 7.44
N SER A 6 6.37 9.30 8.14
CA SER A 6 5.66 8.03 8.18
C SER A 6 4.72 7.91 6.98
N GLY A 7 5.10 7.03 6.07
CA GLY A 7 4.29 6.81 4.87
C GLY A 7 5.09 6.05 3.82
N GLN A 8 5.71 4.96 4.26
CA GLN A 8 6.50 4.13 3.36
C GLN A 8 5.67 3.72 2.15
N LYS A 9 6.34 3.13 1.18
CA LYS A 9 5.68 2.67 -0.04
C LYS A 9 5.84 1.16 -0.16
N VAL A 10 4.79 0.53 -0.67
CA VAL A 10 4.80 -0.91 -0.84
C VAL A 10 4.37 -1.25 -2.28
N LYS A 11 4.82 -2.41 -2.73
CA LYS A 11 4.51 -2.87 -4.07
C LYS A 11 3.76 -4.20 -4.00
N THR A 12 2.66 -4.26 -4.73
CA THR A 12 1.84 -5.47 -4.75
C THR A 12 2.53 -6.55 -5.60
N ILE A 13 2.65 -7.73 -5.01
CA ILE A 13 3.27 -8.85 -5.69
C ILE A 13 2.19 -9.75 -6.30
N PHE A 14 0.96 -9.49 -5.88
CA PHE A 14 -0.17 -10.26 -6.37
C PHE A 14 -1.42 -9.38 -6.52
N PRO A 15 -2.26 -9.75 -7.51
CA PRO A 15 -3.48 -9.01 -7.78
C PRO A 15 -4.54 -9.30 -6.70
N HIS A 16 -5.32 -8.27 -6.39
CA HIS A 16 -6.37 -8.41 -5.39
C HIS A 16 -7.50 -7.44 -5.71
N THR A 17 -8.61 -8.00 -6.16
CA THR A 17 -9.77 -7.20 -6.51
C THR A 17 -10.68 -7.04 -5.29
N ALA A 18 -10.96 -5.78 -4.97
CA ALA A 18 -11.82 -5.47 -3.84
C ALA A 18 -13.24 -5.21 -4.33
N GLY A 19 -13.32 -4.53 -5.47
CA GLY A 19 -14.60 -4.19 -6.06
C GLY A 19 -15.33 -3.13 -5.23
N ASN A 20 -14.58 -2.10 -4.87
CA ASN A 20 -15.14 -1.01 -4.09
C ASN A 20 -15.18 -1.42 -2.62
N ASN A 21 -16.02 -2.41 -2.34
CA ASN A 21 -16.17 -2.91 -0.98
C ASN A 21 -16.12 -1.73 0.00
N LYS A 22 -15.75 -2.04 1.23
CA LYS A 22 -15.67 -1.02 2.27
C LYS A 22 -14.25 -1.01 2.85
N THR A 23 -13.79 -2.20 3.22
CA THR A 23 -12.47 -2.34 3.79
C THR A 23 -11.58 -3.20 2.88
N LEU A 24 -11.57 -2.84 1.60
CA LEU A 24 -10.78 -3.55 0.63
C LEU A 24 -10.41 -2.60 -0.51
N LEU A 25 -9.13 -2.68 -0.91
CA LEU A 25 -8.63 -1.83 -1.98
C LEU A 25 -8.54 -2.66 -3.27
N SER A 26 -8.68 -1.97 -4.39
CA SER A 26 -8.61 -2.61 -5.68
C SER A 26 -7.40 -2.09 -6.46
N PHE A 27 -6.55 -3.02 -6.88
CA PHE A 27 -5.36 -2.67 -7.63
C PHE A 27 -4.78 -3.90 -8.33
N ALA A 28 -3.87 -3.63 -9.26
CA ALA A 28 -3.23 -4.70 -10.01
C ALA A 28 -1.78 -4.88 -9.53
N GLN A 29 -1.25 -6.07 -9.76
CA GLN A 29 0.10 -6.36 -9.35
C GLN A 29 1.08 -5.33 -9.92
N GLY A 30 2.00 -4.91 -9.06
CA GLY A 30 2.99 -3.93 -9.47
C GLY A 30 2.63 -2.53 -8.93
N ASP A 31 1.32 -2.26 -8.91
CA ASP A 31 0.83 -0.98 -8.43
C ASP A 31 1.55 -0.63 -7.13
N VAL A 32 1.65 0.68 -6.88
CA VAL A 32 2.30 1.15 -5.67
C VAL A 32 1.27 1.87 -4.79
N LEU A 33 1.31 1.54 -3.50
CA LEU A 33 0.39 2.13 -2.55
C LEU A 33 1.19 2.83 -1.45
N THR A 34 0.70 3.99 -1.06
CA THR A 34 1.35 4.77 -0.01
C THR A 34 0.73 4.45 1.36
N LEU A 35 1.59 4.02 2.28
CA LEU A 35 1.15 3.70 3.61
C LEU A 35 0.69 4.96 4.33
N LEU A 36 -0.29 4.79 5.20
CA LEU A 36 -0.83 5.91 5.95
C LEU A 36 -0.57 5.70 7.44
N ILE A 37 -0.77 4.46 7.88
CA ILE A 37 -0.56 4.11 9.27
C ILE A 37 0.64 3.17 9.38
N PRO A 38 1.48 3.43 10.42
CA PRO A 38 2.67 2.63 10.65
C PRO A 38 2.29 1.26 11.24
N GLU A 39 1.05 1.17 11.68
CA GLU A 39 0.56 -0.07 12.27
C GLU A 39 -0.17 -0.90 11.22
N GLU A 40 -0.51 -2.12 11.60
CA GLU A 40 -1.20 -3.03 10.72
C GLU A 40 -2.41 -3.66 11.42
N LYS A 41 -3.41 -3.99 10.64
CA LYS A 41 -4.63 -4.59 11.17
C LYS A 41 -4.37 -6.08 11.41
N ASP A 42 -3.46 -6.36 12.34
CA ASP A 42 -3.13 -7.72 12.66
C ASP A 42 -2.57 -8.42 11.42
N GLY A 43 -1.94 -7.62 10.57
CA GLY A 43 -1.34 -8.15 9.35
C GLY A 43 -1.66 -7.24 8.16
N TRP A 44 -2.94 -6.95 8.00
CA TRP A 44 -3.38 -6.10 6.90
C TRP A 44 -2.80 -4.70 7.14
N LEU A 45 -2.43 -4.06 6.03
CA LEU A 45 -1.86 -2.73 6.09
C LEU A 45 -2.73 -1.77 5.27
N TYR A 46 -2.73 -0.52 5.70
CA TYR A 46 -3.51 0.50 5.02
C TYR A 46 -2.60 1.46 4.23
N GLY A 47 -3.11 1.92 3.11
CA GLY A 47 -2.37 2.83 2.26
C GLY A 47 -3.27 3.47 1.21
N GLU A 48 -2.66 4.33 0.39
CA GLU A 48 -3.39 5.01 -0.67
C GLU A 48 -3.00 4.45 -2.03
N HIS A 49 -3.95 4.48 -2.95
CA HIS A 49 -3.71 3.98 -4.29
C HIS A 49 -3.18 5.11 -5.17
N ASP A 50 -2.17 4.78 -5.97
CA ASP A 50 -1.57 5.76 -6.86
C ASP A 50 -2.32 5.76 -8.19
N THR A 51 -3.64 5.75 -8.08
CA THR A 51 -4.50 5.75 -9.26
C THR A 51 -5.85 6.38 -8.95
N THR A 52 -6.69 5.59 -8.30
CA THR A 52 -8.02 6.05 -7.93
C THR A 52 -7.93 7.18 -6.90
N LYS A 53 -6.78 7.24 -6.24
CA LYS A 53 -6.55 8.26 -5.23
C LYS A 53 -7.29 7.88 -3.95
N ALA A 54 -7.94 6.73 -4.00
CA ALA A 54 -8.70 6.24 -2.85
C ALA A 54 -7.80 5.30 -2.03
N ARG A 55 -8.16 5.15 -0.77
CA ARG A 55 -7.42 4.29 0.13
C ARG A 55 -8.31 3.16 0.66
N GLY A 56 -7.76 1.96 0.68
CA GLY A 56 -8.49 0.81 1.15
C GLY A 56 -7.63 -0.02 2.11
N TRP A 57 -8.10 -1.24 2.38
CA TRP A 57 -7.39 -2.13 3.26
C TRP A 57 -6.86 -3.31 2.42
N PHE A 58 -5.61 -3.65 2.67
CA PHE A 58 -4.97 -4.74 1.95
C PHE A 58 -4.06 -5.55 2.87
N PRO A 59 -3.90 -6.86 2.53
CA PRO A 59 -3.06 -7.74 3.32
C PRO A 59 -1.58 -7.47 3.06
N SER A 60 -0.88 -7.12 4.13
CA SER A 60 0.54 -6.82 4.04
C SER A 60 1.26 -7.95 3.27
N SER A 61 0.64 -9.11 3.28
CA SER A 61 1.20 -10.27 2.59
C SER A 61 1.11 -10.07 1.08
N TYR A 62 0.07 -9.35 0.67
CA TYR A 62 -0.14 -9.09 -0.74
C TYR A 62 0.63 -7.85 -1.19
N THR A 63 1.52 -7.39 -0.31
CA THR A 63 2.33 -6.22 -0.60
C THR A 63 3.72 -6.37 0.01
N LYS A 64 4.68 -5.71 -0.61
CA LYS A 64 6.05 -5.75 -0.14
C LYS A 64 6.62 -4.33 -0.08
N LEU A 65 7.64 -4.17 0.74
CA LEU A 65 8.28 -2.88 0.91
C LEU A 65 9.13 -2.57 -0.32
N LEU A 66 8.99 -1.35 -0.83
CA LEU A 66 9.75 -0.93 -1.99
C LEU A 66 11.24 -1.03 -1.69
N SER A 67 12.03 -0.77 -2.72
CA SER A 67 13.48 -0.83 -2.58
C SER A 67 14.14 0.17 -3.54
N GLY A 68 14.36 1.38 -3.03
CA GLY A 68 14.97 2.42 -3.82
C GLY A 68 16.26 2.93 -3.15
N PRO A 69 16.52 4.25 -3.34
CA PRO A 69 17.70 4.86 -2.77
C PRO A 69 17.54 5.07 -1.27
N SER A 70 17.37 3.97 -0.57
CA SER A 70 17.20 4.01 0.88
C SER A 70 18.19 5.01 1.49
N SER A 71 19.48 4.73 1.27
CA SER A 71 20.52 5.60 1.79
C SER A 71 21.50 5.96 0.67
N GLY A 72 21.43 7.21 0.24
CA GLY A 72 22.29 7.69 -0.82
C GLY A 72 22.51 9.20 -0.71
N GLY A 1 13.20 15.26 2.15
CA GLY A 1 12.63 16.58 1.99
C GLY A 1 11.92 17.04 3.28
N SER A 2 10.61 16.85 3.29
CA SER A 2 9.82 17.24 4.45
C SER A 2 10.41 16.64 5.73
N SER A 3 10.81 17.53 6.64
CA SER A 3 11.39 17.09 7.90
C SER A 3 10.52 16.01 8.53
N GLY A 4 11.02 14.78 8.49
CA GLY A 4 10.30 13.66 9.05
C GLY A 4 8.98 13.42 8.32
N SER A 5 8.75 12.15 8.01
CA SER A 5 7.53 11.78 7.31
C SER A 5 7.43 10.25 7.20
N SER A 6 6.46 9.71 7.91
CA SER A 6 6.25 8.26 7.91
C SER A 6 5.19 7.89 6.87
N GLY A 7 5.63 7.16 5.86
CA GLY A 7 4.73 6.72 4.80
C GLY A 7 5.47 5.84 3.79
N GLN A 8 6.10 4.81 4.30
CA GLN A 8 6.85 3.88 3.46
C GLN A 8 6.02 3.51 2.23
N LYS A 9 6.69 2.86 1.29
CA LYS A 9 6.02 2.45 0.05
C LYS A 9 6.06 0.93 -0.05
N VAL A 10 4.99 0.37 -0.59
CA VAL A 10 4.88 -1.07 -0.76
C VAL A 10 4.48 -1.39 -2.19
N LYS A 11 4.84 -2.58 -2.62
CA LYS A 11 4.51 -3.02 -3.98
C LYS A 11 3.68 -4.30 -3.91
N THR A 12 2.59 -4.30 -4.66
CA THR A 12 1.70 -5.45 -4.69
C THR A 12 2.31 -6.56 -5.56
N ILE A 13 2.36 -7.76 -4.98
CA ILE A 13 2.91 -8.90 -5.68
C ILE A 13 1.76 -9.74 -6.25
N PHE A 14 0.56 -9.40 -5.84
CA PHE A 14 -0.63 -10.10 -6.30
C PHE A 14 -1.82 -9.15 -6.42
N PRO A 15 -2.71 -9.48 -7.40
CA PRO A 15 -3.90 -8.67 -7.63
C PRO A 15 -4.94 -8.90 -6.55
N HIS A 16 -5.68 -7.84 -6.24
CA HIS A 16 -6.71 -7.92 -5.23
C HIS A 16 -7.70 -6.75 -5.41
N THR A 17 -8.56 -6.89 -6.41
CA THR A 17 -9.55 -5.87 -6.70
C THR A 17 -10.68 -5.92 -5.68
N ALA A 18 -11.08 -4.75 -5.21
CA ALA A 18 -12.15 -4.65 -4.23
C ALA A 18 -13.49 -4.51 -4.96
N GLY A 19 -14.08 -5.65 -5.26
CA GLY A 19 -15.36 -5.67 -5.95
C GLY A 19 -16.51 -5.41 -4.98
N ASN A 20 -17.27 -6.47 -4.72
CA ASN A 20 -18.41 -6.37 -3.82
C ASN A 20 -17.96 -5.71 -2.52
N ASN A 21 -16.82 -6.17 -2.02
CA ASN A 21 -16.27 -5.64 -0.78
C ASN A 21 -16.27 -4.11 -0.85
N LYS A 22 -15.88 -3.50 0.26
CA LYS A 22 -15.84 -2.05 0.33
C LYS A 22 -14.54 -1.62 1.04
N THR A 23 -14.27 -2.28 2.16
CA THR A 23 -13.08 -1.98 2.92
C THR A 23 -11.86 -2.68 2.33
N LEU A 24 -11.68 -2.49 1.03
CA LEU A 24 -10.57 -3.10 0.33
C LEU A 24 -10.15 -2.19 -0.83
N LEU A 25 -8.84 -2.02 -0.96
CA LEU A 25 -8.30 -1.19 -2.02
C LEU A 25 -8.23 -1.99 -3.32
N SER A 26 -8.67 -1.35 -4.40
CA SER A 26 -8.65 -2.00 -5.70
C SER A 26 -7.43 -1.55 -6.50
N PHE A 27 -6.62 -2.53 -6.87
CA PHE A 27 -5.42 -2.24 -7.64
C PHE A 27 -4.93 -3.50 -8.38
N ALA A 28 -3.92 -3.29 -9.22
CA ALA A 28 -3.35 -4.39 -9.98
C ALA A 28 -1.91 -4.64 -9.53
N GLN A 29 -1.52 -5.91 -9.61
CA GLN A 29 -0.17 -6.29 -9.20
C GLN A 29 0.86 -5.35 -9.83
N GLY A 30 1.76 -4.87 -8.99
CA GLY A 30 2.80 -3.98 -9.45
C GLY A 30 2.56 -2.54 -8.95
N ASP A 31 1.28 -2.19 -8.86
CA ASP A 31 0.90 -0.87 -8.40
C ASP A 31 1.62 -0.57 -7.09
N VAL A 32 1.85 0.72 -6.85
CA VAL A 32 2.52 1.14 -5.64
C VAL A 32 1.55 1.95 -4.77
N LEU A 33 1.55 1.63 -3.49
CA LEU A 33 0.67 2.30 -2.54
C LEU A 33 1.50 2.94 -1.44
N THR A 34 1.07 4.12 -1.02
CA THR A 34 1.77 4.85 0.02
C THR A 34 1.16 4.54 1.39
N LEU A 35 2.01 4.06 2.29
CA LEU A 35 1.56 3.72 3.63
C LEU A 35 1.26 5.01 4.41
N LEU A 36 0.27 4.93 5.28
CA LEU A 36 -0.12 6.06 6.09
C LEU A 36 0.17 5.78 7.57
N ILE A 37 -0.27 4.61 8.00
CA ILE A 37 -0.06 4.20 9.38
C ILE A 37 1.12 3.24 9.45
N PRO A 38 1.98 3.45 10.48
CA PRO A 38 3.15 2.63 10.68
C PRO A 38 2.76 1.25 11.24
N GLU A 39 1.53 1.17 11.71
CA GLU A 39 1.03 -0.07 12.27
C GLU A 39 0.27 -0.87 11.22
N GLU A 40 -0.11 -2.08 11.59
CA GLU A 40 -0.83 -2.95 10.68
C GLU A 40 -2.13 -3.43 11.33
N LYS A 41 -3.18 -3.46 10.52
CA LYS A 41 -4.49 -3.90 11.00
C LYS A 41 -4.49 -5.42 11.14
N ASP A 42 -3.67 -5.90 12.07
CA ASP A 42 -3.57 -7.33 12.32
C ASP A 42 -3.27 -8.05 11.01
N GLY A 43 -2.12 -7.71 10.44
CA GLY A 43 -1.69 -8.32 9.19
C GLY A 43 -1.96 -7.39 8.01
N TRP A 44 -3.15 -6.79 8.03
CA TRP A 44 -3.54 -5.87 6.97
C TRP A 44 -2.79 -4.56 7.18
N LEU A 45 -2.64 -3.82 6.10
CA LEU A 45 -1.94 -2.54 6.14
C LEU A 45 -2.74 -1.51 5.33
N TYR A 46 -2.60 -0.26 5.76
CA TYR A 46 -3.30 0.83 5.09
C TYR A 46 -2.32 1.67 4.26
N GLY A 47 -2.87 2.35 3.27
CA GLY A 47 -2.07 3.20 2.40
C GLY A 47 -2.94 3.94 1.38
N GLU A 48 -2.27 4.65 0.49
CA GLU A 48 -2.98 5.40 -0.53
C GLU A 48 -2.59 4.89 -1.93
N HIS A 49 -3.60 4.74 -2.77
CA HIS A 49 -3.38 4.25 -4.12
C HIS A 49 -2.79 5.37 -4.98
N ASP A 50 -1.87 4.99 -5.84
CA ASP A 50 -1.21 5.95 -6.71
C ASP A 50 -1.96 6.01 -8.06
N THR A 51 -3.28 6.08 -7.95
CA THR A 51 -4.12 6.14 -9.13
C THR A 51 -5.49 6.72 -8.79
N THR A 52 -6.26 5.95 -8.03
CA THR A 52 -7.58 6.37 -7.62
C THR A 52 -7.49 7.55 -6.64
N LYS A 53 -6.35 7.62 -5.97
CA LYS A 53 -6.12 8.69 -5.01
C LYS A 53 -6.85 8.35 -3.70
N ALA A 54 -7.52 7.22 -3.71
CA ALA A 54 -8.26 6.77 -2.54
C ALA A 54 -7.41 5.77 -1.76
N ARG A 55 -7.77 5.58 -0.50
CA ARG A 55 -7.05 4.67 0.36
C ARG A 55 -7.97 3.53 0.82
N GLY A 56 -7.44 2.32 0.80
CA GLY A 56 -8.20 1.16 1.22
C GLY A 56 -7.39 0.28 2.17
N TRP A 57 -7.93 -0.90 2.44
CA TRP A 57 -7.27 -1.83 3.33
C TRP A 57 -6.79 -3.03 2.50
N PHE A 58 -5.55 -3.44 2.75
CA PHE A 58 -4.98 -4.56 2.04
C PHE A 58 -4.10 -5.41 2.96
N PRO A 59 -4.01 -6.72 2.62
CA PRO A 59 -3.21 -7.64 3.42
C PRO A 59 -1.71 -7.44 3.15
N SER A 60 -1.00 -7.15 4.22
CA SER A 60 0.44 -6.93 4.13
C SER A 60 1.09 -8.06 3.33
N SER A 61 0.41 -9.20 3.32
CA SER A 61 0.92 -10.35 2.60
C SER A 61 0.82 -10.12 1.09
N TYR A 62 -0.20 -9.36 0.71
CA TYR A 62 -0.41 -9.05 -0.69
C TYR A 62 0.41 -7.84 -1.12
N THR A 63 1.31 -7.43 -0.23
CA THR A 63 2.17 -6.29 -0.50
C THR A 63 3.56 -6.51 0.08
N LYS A 64 4.54 -5.87 -0.55
CA LYS A 64 5.92 -6.01 -0.10
C LYS A 64 6.56 -4.61 -0.02
N LEU A 65 7.60 -4.52 0.79
CA LEU A 65 8.30 -3.27 0.96
C LEU A 65 9.15 -2.98 -0.28
N LEU A 66 9.05 -1.75 -0.75
CA LEU A 66 9.81 -1.33 -1.92
C LEU A 66 11.31 -1.52 -1.65
N SER A 67 12.09 -1.34 -2.71
CA SER A 67 13.53 -1.49 -2.60
C SER A 67 14.22 -0.68 -3.70
N GLY A 68 14.62 0.52 -3.34
CA GLY A 68 15.30 1.40 -4.29
C GLY A 68 16.78 1.51 -3.97
N PRO A 69 17.46 2.48 -4.66
CA PRO A 69 18.87 2.70 -4.46
C PRO A 69 19.13 3.43 -3.13
N SER A 70 20.33 3.21 -2.61
CA SER A 70 20.72 3.83 -1.35
C SER A 70 22.16 4.34 -1.44
N SER A 71 22.30 5.64 -1.27
CA SER A 71 23.62 6.26 -1.32
C SER A 71 24.24 6.03 -2.70
N GLY A 72 25.24 6.86 -3.01
CA GLY A 72 25.91 6.76 -4.28
C GLY A 72 26.88 7.93 -4.48
N GLY A 1 2.78 19.18 2.88
CA GLY A 1 3.43 19.93 3.94
C GLY A 1 4.92 19.59 4.02
N SER A 2 5.35 19.23 5.21
CA SER A 2 6.74 18.88 5.43
C SER A 2 6.91 17.36 5.50
N SER A 3 7.88 16.86 4.75
CA SER A 3 8.14 15.43 4.74
C SER A 3 9.48 15.14 5.42
N GLY A 4 9.50 14.04 6.16
CA GLY A 4 10.70 13.63 6.87
C GLY A 4 10.71 12.12 7.12
N SER A 5 10.68 11.38 6.02
CA SER A 5 10.68 9.92 6.10
C SER A 5 9.44 9.44 6.86
N SER A 6 8.31 9.48 6.16
CA SER A 6 7.06 9.05 6.76
C SER A 6 6.06 8.66 5.66
N GLY A 7 5.77 7.38 5.60
CA GLY A 7 4.85 6.87 4.60
C GLY A 7 5.58 5.99 3.58
N GLN A 8 6.26 4.98 4.09
CA GLN A 8 7.00 4.07 3.23
C GLN A 8 6.15 3.67 2.03
N LYS A 9 6.80 3.02 1.07
CA LYS A 9 6.12 2.59 -0.13
C LYS A 9 6.21 1.05 -0.24
N VAL A 10 5.12 0.47 -0.73
CA VAL A 10 5.06 -0.98 -0.88
C VAL A 10 4.62 -1.32 -2.30
N LYS A 11 5.00 -2.50 -2.75
CA LYS A 11 4.65 -2.96 -4.08
C LYS A 11 3.86 -4.27 -3.97
N THR A 12 2.75 -4.31 -4.70
CA THR A 12 1.90 -5.49 -4.69
C THR A 12 2.54 -6.60 -5.53
N ILE A 13 2.43 -7.82 -5.01
CA ILE A 13 2.98 -8.98 -5.69
C ILE A 13 1.84 -9.81 -6.27
N PHE A 14 0.63 -9.51 -5.83
CA PHE A 14 -0.54 -10.22 -6.29
C PHE A 14 -1.75 -9.29 -6.36
N PRO A 15 -2.65 -9.61 -7.33
CA PRO A 15 -3.85 -8.81 -7.52
C PRO A 15 -4.89 -9.10 -6.41
N HIS A 16 -5.63 -8.07 -6.07
CA HIS A 16 -6.64 -8.20 -5.03
C HIS A 16 -7.71 -7.12 -5.23
N THR A 17 -8.62 -7.38 -6.16
CA THR A 17 -9.69 -6.45 -6.45
C THR A 17 -10.87 -6.67 -5.50
N ALA A 18 -11.49 -5.57 -5.11
CA ALA A 18 -12.62 -5.64 -4.20
C ALA A 18 -13.81 -6.27 -4.93
N GLY A 19 -14.22 -5.61 -6.00
CA GLY A 19 -15.35 -6.11 -6.79
C GLY A 19 -16.66 -5.48 -6.32
N ASN A 20 -16.92 -5.63 -5.03
CA ASN A 20 -18.13 -5.09 -4.44
C ASN A 20 -17.78 -4.32 -3.16
N ASN A 21 -17.15 -5.04 -2.25
CA ASN A 21 -16.75 -4.44 -0.98
C ASN A 21 -16.08 -3.09 -1.24
N LYS A 22 -16.09 -2.26 -0.22
CA LYS A 22 -15.49 -0.94 -0.32
C LYS A 22 -14.42 -0.78 0.77
N THR A 23 -14.25 -1.84 1.54
CA THR A 23 -13.26 -1.83 2.61
C THR A 23 -11.94 -2.39 2.11
N LEU A 24 -11.92 -2.78 0.84
CA LEU A 24 -10.73 -3.33 0.23
C LEU A 24 -10.28 -2.42 -0.91
N LEU A 25 -8.98 -2.14 -0.93
CA LEU A 25 -8.42 -1.28 -1.96
C LEU A 25 -8.24 -2.10 -3.24
N SER A 26 -8.99 -1.70 -4.26
CA SER A 26 -8.92 -2.39 -5.55
C SER A 26 -7.73 -1.87 -6.35
N PHE A 27 -6.86 -2.80 -6.70
CA PHE A 27 -5.66 -2.46 -7.48
C PHE A 27 -5.17 -3.66 -8.28
N ALA A 28 -4.10 -3.43 -9.03
CA ALA A 28 -3.52 -4.48 -9.85
C ALA A 28 -2.05 -4.69 -9.44
N GLN A 29 -1.66 -5.95 -9.43
CA GLN A 29 -0.29 -6.29 -9.05
C GLN A 29 0.69 -5.32 -9.70
N GLY A 30 1.66 -4.89 -8.91
CA GLY A 30 2.67 -3.97 -9.39
C GLY A 30 2.41 -2.55 -8.88
N ASP A 31 1.12 -2.22 -8.78
CA ASP A 31 0.73 -0.91 -8.31
C ASP A 31 1.46 -0.59 -7.01
N VAL A 32 1.70 0.70 -6.80
CA VAL A 32 2.40 1.15 -5.61
C VAL A 32 1.43 1.92 -4.72
N LEU A 33 1.47 1.60 -3.43
CA LEU A 33 0.60 2.25 -2.47
C LEU A 33 1.44 2.90 -1.38
N THR A 34 1.00 4.07 -0.95
CA THR A 34 1.71 4.81 0.08
C THR A 34 1.13 4.49 1.46
N LEU A 35 2.00 4.03 2.34
CA LEU A 35 1.59 3.69 3.70
C LEU A 35 1.30 4.97 4.48
N LEU A 36 0.31 4.88 5.35
CA LEU A 36 -0.08 6.02 6.16
C LEU A 36 0.19 5.71 7.63
N ILE A 37 -0.30 4.55 8.06
CA ILE A 37 -0.12 4.12 9.43
C ILE A 37 1.06 3.16 9.51
N PRO A 38 1.92 3.39 10.53
CA PRO A 38 3.11 2.56 10.73
C PRO A 38 2.71 1.21 11.32
N GLU A 39 1.45 1.11 11.72
CA GLU A 39 0.95 -0.13 12.30
C GLU A 39 0.16 -0.92 11.27
N GLU A 40 -0.20 -2.14 11.65
CA GLU A 40 -0.95 -3.01 10.77
C GLU A 40 -2.24 -3.47 11.44
N LYS A 41 -3.26 -3.69 10.63
CA LYS A 41 -4.54 -4.14 11.14
C LYS A 41 -4.53 -5.65 11.31
N ASP A 42 -3.78 -6.09 12.31
CA ASP A 42 -3.65 -7.52 12.60
C ASP A 42 -3.07 -8.23 11.38
N GLY A 43 -2.13 -7.56 10.74
CA GLY A 43 -1.48 -8.12 9.57
C GLY A 43 -1.71 -7.23 8.34
N TRP A 44 -2.96 -6.85 8.15
CA TRP A 44 -3.33 -6.01 7.02
C TRP A 44 -2.66 -4.65 7.22
N LEU A 45 -2.35 -4.00 6.10
CA LEU A 45 -1.71 -2.71 6.14
C LEU A 45 -2.53 -1.71 5.31
N TYR A 46 -2.47 -0.45 5.72
CA TYR A 46 -3.20 0.60 5.03
C TYR A 46 -2.25 1.49 4.22
N GLY A 47 -2.83 2.24 3.30
CA GLY A 47 -2.05 3.13 2.47
C GLY A 47 -2.95 3.82 1.42
N GLU A 48 -2.31 4.63 0.60
CA GLU A 48 -3.03 5.35 -0.45
C GLU A 48 -2.68 4.78 -1.82
N HIS A 49 -3.67 4.81 -2.71
CA HIS A 49 -3.48 4.31 -4.06
C HIS A 49 -2.97 5.43 -4.96
N ASP A 50 -1.99 5.07 -5.79
CA ASP A 50 -1.41 6.03 -6.70
C ASP A 50 -2.20 6.03 -8.01
N THR A 51 -3.51 6.05 -7.86
CA THR A 51 -4.39 6.05 -9.03
C THR A 51 -5.73 6.70 -8.68
N THR A 52 -6.50 5.99 -7.87
CA THR A 52 -7.81 6.49 -7.45
C THR A 52 -7.64 7.60 -6.41
N LYS A 53 -6.48 7.62 -5.79
CA LYS A 53 -6.19 8.62 -4.78
C LYS A 53 -6.92 8.26 -3.49
N ALA A 54 -7.62 7.13 -3.54
CA ALA A 54 -8.36 6.66 -2.38
C ALA A 54 -7.53 5.64 -1.62
N ARG A 55 -7.75 5.58 -0.32
CA ARG A 55 -7.04 4.64 0.54
C ARG A 55 -7.97 3.55 1.04
N GLY A 56 -7.48 2.32 1.01
CA GLY A 56 -8.27 1.19 1.46
C GLY A 56 -7.43 0.28 2.38
N TRP A 57 -7.94 -0.93 2.57
CA TRP A 57 -7.26 -1.90 3.42
C TRP A 57 -6.75 -3.03 2.52
N PHE A 58 -5.50 -3.41 2.77
CA PHE A 58 -4.89 -4.47 1.99
C PHE A 58 -4.00 -5.34 2.88
N PRO A 59 -3.86 -6.63 2.47
CA PRO A 59 -3.05 -7.58 3.21
C PRO A 59 -1.56 -7.32 2.99
N SER A 60 -0.88 -6.92 4.05
CA SER A 60 0.54 -6.63 3.97
C SER A 60 1.27 -7.79 3.29
N SER A 61 0.63 -8.96 3.34
CA SER A 61 1.21 -10.15 2.73
C SER A 61 1.17 -10.02 1.20
N TYR A 62 0.15 -9.33 0.72
CA TYR A 62 -0.01 -9.13 -0.71
C TYR A 62 0.87 -7.98 -1.20
N THR A 63 1.50 -7.31 -0.25
CA THR A 63 2.36 -6.18 -0.57
C THR A 63 3.75 -6.40 0.02
N LYS A 64 4.74 -5.77 -0.62
CA LYS A 64 6.11 -5.88 -0.17
C LYS A 64 6.74 -4.49 -0.10
N LEU A 65 7.82 -4.41 0.66
CA LEU A 65 8.53 -3.15 0.81
C LEU A 65 9.37 -2.87 -0.44
N LEU A 66 9.28 -1.64 -0.92
CA LEU A 66 10.02 -1.24 -2.10
C LEU A 66 11.52 -1.39 -1.83
N SER A 67 12.29 -1.31 -2.90
CA SER A 67 13.74 -1.43 -2.80
C SER A 67 14.41 -0.42 -3.73
N GLY A 68 14.66 0.77 -3.20
CA GLY A 68 15.29 1.82 -3.97
C GLY A 68 16.82 1.68 -3.91
N PRO A 69 17.48 2.24 -4.96
CA PRO A 69 18.93 2.19 -5.05
C PRO A 69 19.58 3.17 -4.07
N SER A 70 20.86 2.96 -3.82
CA SER A 70 21.60 3.82 -2.91
C SER A 70 20.97 3.77 -1.51
N SER A 71 21.72 3.20 -0.58
CA SER A 71 21.25 3.09 0.79
C SER A 71 19.83 2.49 0.81
N GLY A 72 19.78 1.19 1.04
CA GLY A 72 18.50 0.50 1.09
C GLY A 72 18.31 -0.21 2.43
N GLY A 1 4.49 19.78 -0.26
CA GLY A 1 5.57 20.34 0.54
C GLY A 1 6.50 19.26 1.07
N SER A 2 6.92 19.44 2.32
CA SER A 2 7.81 18.49 2.95
C SER A 2 7.42 18.31 4.42
N SER A 3 6.80 17.17 4.71
CA SER A 3 6.37 16.87 6.06
C SER A 3 5.74 15.48 6.11
N GLY A 4 5.99 14.79 7.21
CA GLY A 4 5.44 13.45 7.40
C GLY A 4 6.25 12.67 8.43
N SER A 5 5.68 11.56 8.86
CA SER A 5 6.34 10.71 9.84
C SER A 5 6.73 9.37 9.21
N SER A 6 5.71 8.56 8.93
CA SER A 6 5.94 7.26 8.33
C SER A 6 4.96 7.05 7.17
N GLY A 7 5.50 7.06 5.97
CA GLY A 7 4.68 6.87 4.78
C GLY A 7 5.44 6.05 3.73
N GLN A 8 6.03 4.96 4.20
CA GLN A 8 6.78 4.08 3.31
C GLN A 8 5.93 3.68 2.11
N LYS A 9 6.56 3.05 1.14
CA LYS A 9 5.88 2.60 -0.06
C LYS A 9 5.98 1.08 -0.16
N VAL A 10 4.90 0.48 -0.66
CA VAL A 10 4.84 -0.96 -0.81
C VAL A 10 4.41 -1.29 -2.24
N LYS A 11 4.80 -2.49 -2.68
CA LYS A 11 4.46 -2.94 -4.01
C LYS A 11 3.69 -4.25 -3.92
N THR A 12 2.57 -4.30 -4.64
CA THR A 12 1.74 -5.50 -4.64
C THR A 12 2.38 -6.59 -5.52
N ILE A 13 2.50 -7.76 -4.93
CA ILE A 13 3.09 -8.89 -5.64
C ILE A 13 1.96 -9.77 -6.20
N PHE A 14 0.74 -9.45 -5.79
CA PHE A 14 -0.41 -10.20 -6.24
C PHE A 14 -1.64 -9.29 -6.37
N PRO A 15 -2.51 -9.64 -7.35
CA PRO A 15 -3.71 -8.86 -7.60
C PRO A 15 -4.77 -9.13 -6.52
N HIS A 16 -5.59 -8.13 -6.28
CA HIS A 16 -6.64 -8.24 -5.28
C HIS A 16 -7.70 -7.17 -5.52
N THR A 17 -8.71 -7.53 -6.29
CA THR A 17 -9.79 -6.61 -6.60
C THR A 17 -10.89 -6.70 -5.55
N ALA A 18 -11.52 -5.57 -5.30
CA ALA A 18 -12.60 -5.51 -4.32
C ALA A 18 -13.90 -6.02 -4.96
N GLY A 19 -14.23 -5.42 -6.09
CA GLY A 19 -15.43 -5.80 -6.81
C GLY A 19 -16.65 -5.06 -6.26
N ASN A 20 -16.89 -5.25 -4.98
CA ASN A 20 -18.02 -4.62 -4.32
C ASN A 20 -17.54 -3.94 -3.03
N ASN A 21 -16.81 -4.70 -2.23
CA ASN A 21 -16.30 -4.18 -0.98
C ASN A 21 -15.72 -2.79 -1.20
N LYS A 22 -15.70 -2.01 -0.13
CA LYS A 22 -15.19 -0.66 -0.20
C LYS A 22 -13.85 -0.58 0.55
N THR A 23 -13.88 -1.07 1.78
CA THR A 23 -12.68 -1.05 2.61
C THR A 23 -11.49 -1.62 1.84
N LEU A 24 -11.77 -2.64 1.05
CA LEU A 24 -10.73 -3.28 0.25
C LEU A 24 -10.34 -2.35 -0.90
N LEU A 25 -9.04 -2.27 -1.13
CA LEU A 25 -8.51 -1.42 -2.19
C LEU A 25 -8.34 -2.25 -3.46
N SER A 26 -8.95 -1.77 -4.53
CA SER A 26 -8.87 -2.45 -5.80
C SER A 26 -7.67 -1.95 -6.60
N PHE A 27 -6.78 -2.88 -6.92
CA PHE A 27 -5.58 -2.54 -7.67
C PHE A 27 -5.04 -3.76 -8.41
N ALA A 28 -3.98 -3.54 -9.17
CA ALA A 28 -3.36 -4.60 -9.93
C ALA A 28 -1.94 -4.84 -9.42
N GLN A 29 -1.47 -6.06 -9.60
CA GLN A 29 -0.13 -6.43 -9.15
C GLN A 29 0.91 -5.49 -9.79
N GLY A 30 1.72 -4.90 -8.93
CA GLY A 30 2.75 -3.98 -9.39
C GLY A 30 2.50 -2.57 -8.89
N ASP A 31 1.23 -2.22 -8.81
CA ASP A 31 0.84 -0.89 -8.35
C ASP A 31 1.54 -0.59 -7.02
N VAL A 32 1.76 0.69 -6.78
CA VAL A 32 2.41 1.12 -5.56
C VAL A 32 1.42 1.88 -4.69
N LEU A 33 1.43 1.55 -3.41
CA LEU A 33 0.53 2.18 -2.45
C LEU A 33 1.36 2.85 -1.35
N THR A 34 0.90 4.02 -0.94
CA THR A 34 1.58 4.77 0.11
C THR A 34 0.97 4.45 1.47
N LEU A 35 1.82 4.00 2.38
CA LEU A 35 1.38 3.66 3.72
C LEU A 35 1.04 4.94 4.48
N LEU A 36 0.09 4.82 5.39
CA LEU A 36 -0.34 5.95 6.19
C LEU A 36 -0.02 5.69 7.66
N ILE A 37 -0.39 4.51 8.11
CA ILE A 37 -0.15 4.11 9.49
C ILE A 37 1.13 3.28 9.57
N PRO A 38 1.94 3.55 10.63
CA PRO A 38 3.17 2.83 10.82
C PRO A 38 2.92 1.41 11.34
N GLU A 39 1.72 1.21 11.85
CA GLU A 39 1.32 -0.08 12.37
C GLU A 39 0.50 -0.86 11.35
N GLU A 40 0.07 -2.03 11.75
CA GLU A 40 -0.72 -2.88 10.87
C GLU A 40 -2.02 -3.30 11.57
N LYS A 41 -2.94 -3.80 10.77
CA LYS A 41 -4.23 -4.24 11.30
C LYS A 41 -4.19 -5.76 11.49
N ASP A 42 -3.18 -6.21 12.21
CA ASP A 42 -3.01 -7.63 12.48
C ASP A 42 -2.70 -8.37 11.17
N GLY A 43 -1.67 -7.88 10.50
CA GLY A 43 -1.25 -8.47 9.23
C GLY A 43 -1.61 -7.57 8.06
N TRP A 44 -2.77 -6.95 8.16
CA TRP A 44 -3.24 -6.05 7.12
C TRP A 44 -2.57 -4.70 7.32
N LEU A 45 -2.39 -3.99 6.22
CA LEU A 45 -1.77 -2.67 6.25
C LEU A 45 -2.61 -1.69 5.43
N TYR A 46 -2.55 -0.44 5.85
CA TYR A 46 -3.30 0.61 5.16
C TYR A 46 -2.36 1.51 4.35
N GLY A 47 -2.95 2.15 3.35
CA GLY A 47 -2.18 3.04 2.48
C GLY A 47 -3.08 3.70 1.44
N GLU A 48 -2.46 4.53 0.61
CA GLU A 48 -3.20 5.22 -0.43
C GLU A 48 -2.81 4.67 -1.81
N HIS A 49 -3.79 4.64 -2.70
CA HIS A 49 -3.57 4.15 -4.04
C HIS A 49 -2.99 5.26 -4.91
N ASP A 50 -2.05 4.88 -5.77
CA ASP A 50 -1.42 5.84 -6.65
C ASP A 50 -2.22 5.94 -7.95
N THR A 51 -3.54 6.00 -7.79
CA THR A 51 -4.43 6.11 -8.94
C THR A 51 -5.76 6.72 -8.51
N THR A 52 -6.64 5.85 -8.02
CA THR A 52 -7.95 6.29 -7.58
C THR A 52 -7.82 7.44 -6.57
N LYS A 53 -6.66 7.51 -5.94
CA LYS A 53 -6.39 8.54 -4.96
C LYS A 53 -7.12 8.19 -3.65
N ALA A 54 -7.78 7.05 -3.67
CA ALA A 54 -8.51 6.60 -2.49
C ALA A 54 -7.64 5.60 -1.71
N ARG A 55 -7.93 5.51 -0.42
CA ARG A 55 -7.19 4.60 0.44
C ARG A 55 -8.09 3.45 0.90
N GLY A 56 -7.53 2.26 0.88
CA GLY A 56 -8.27 1.07 1.30
C GLY A 56 -7.43 0.21 2.24
N TRP A 57 -7.94 -0.97 2.51
CA TRP A 57 -7.25 -1.91 3.40
C TRP A 57 -6.77 -3.10 2.55
N PHE A 58 -5.52 -3.47 2.80
CA PHE A 58 -4.93 -4.58 2.07
C PHE A 58 -4.04 -5.42 2.99
N PRO A 59 -3.93 -6.73 2.65
CA PRO A 59 -3.11 -7.65 3.42
C PRO A 59 -1.62 -7.42 3.14
N SER A 60 -0.89 -7.15 4.21
CA SER A 60 0.54 -6.90 4.10
C SER A 60 1.20 -8.05 3.32
N SER A 61 0.54 -9.20 3.35
CA SER A 61 1.05 -10.37 2.64
C SER A 61 0.93 -10.16 1.14
N TYR A 62 -0.03 -9.33 0.76
CA TYR A 62 -0.27 -9.05 -0.65
C TYR A 62 0.52 -7.82 -1.10
N THR A 63 1.43 -7.39 -0.23
CA THR A 63 2.25 -6.23 -0.52
C THR A 63 3.65 -6.41 0.08
N LYS A 64 4.62 -5.75 -0.56
CA LYS A 64 6.00 -5.83 -0.11
C LYS A 64 6.59 -4.42 -0.04
N LEU A 65 7.61 -4.28 0.79
CA LEU A 65 8.27 -3.00 0.95
C LEU A 65 9.14 -2.72 -0.28
N LEU A 66 9.02 -1.50 -0.79
CA LEU A 66 9.79 -1.10 -1.95
C LEU A 66 11.28 -1.21 -1.64
N SER A 67 12.08 -1.05 -2.68
CA SER A 67 13.53 -1.13 -2.53
C SER A 67 14.22 -0.19 -3.52
N GLY A 68 14.33 1.07 -3.11
CA GLY A 68 14.96 2.08 -3.95
C GLY A 68 16.43 1.75 -4.18
N PRO A 69 17.11 2.65 -4.94
CA PRO A 69 18.52 2.47 -5.25
C PRO A 69 19.39 2.79 -4.03
N SER A 70 20.50 2.09 -3.94
CA SER A 70 21.43 2.29 -2.83
C SER A 70 20.75 1.91 -1.52
N SER A 71 21.54 1.31 -0.64
CA SER A 71 21.04 0.88 0.66
C SER A 71 21.76 1.65 1.77
N GLY A 72 23.07 1.49 1.81
CA GLY A 72 23.88 2.15 2.81
C GLY A 72 25.18 2.67 2.21
N GLY A 1 3.97 20.17 4.93
CA GLY A 1 4.03 19.34 6.13
C GLY A 1 5.33 18.54 6.17
N SER A 2 5.18 17.22 6.09
CA SER A 2 6.34 16.34 6.12
C SER A 2 6.10 15.14 5.21
N SER A 3 7.13 14.78 4.48
CA SER A 3 7.05 13.66 3.55
C SER A 3 8.45 13.14 3.22
N GLY A 4 9.03 12.42 4.16
CA GLY A 4 10.36 11.87 3.98
C GLY A 4 10.41 10.40 4.40
N SER A 5 10.80 10.18 5.65
CA SER A 5 10.89 8.83 6.18
C SER A 5 9.51 8.34 6.61
N SER A 6 8.55 9.27 6.60
CA SER A 6 7.19 8.94 6.99
C SER A 6 6.32 8.79 5.74
N GLY A 7 5.79 7.60 5.57
CA GLY A 7 4.93 7.31 4.43
C GLY A 7 5.61 6.33 3.47
N GLN A 8 6.09 5.23 4.03
CA GLN A 8 6.76 4.21 3.24
C GLN A 8 5.88 3.79 2.06
N LYS A 9 6.51 3.15 1.09
CA LYS A 9 5.79 2.69 -0.10
C LYS A 9 5.91 1.17 -0.19
N VAL A 10 4.82 0.55 -0.64
CA VAL A 10 4.80 -0.89 -0.78
C VAL A 10 4.31 -1.25 -2.18
N LYS A 11 4.71 -2.44 -2.63
CA LYS A 11 4.32 -2.91 -3.95
C LYS A 11 3.60 -4.25 -3.81
N THR A 12 2.49 -4.35 -4.51
CA THR A 12 1.69 -5.57 -4.48
C THR A 12 2.39 -6.68 -5.27
N ILE A 13 2.35 -7.88 -4.71
CA ILE A 13 2.96 -9.03 -5.35
C ILE A 13 1.88 -9.90 -6.00
N PHE A 14 0.64 -9.50 -5.76
CA PHE A 14 -0.49 -10.23 -6.32
C PHE A 14 -1.71 -9.32 -6.46
N PRO A 15 -2.61 -9.69 -7.42
CA PRO A 15 -3.81 -8.92 -7.66
C PRO A 15 -4.84 -9.15 -6.57
N HIS A 16 -5.56 -8.08 -6.24
CA HIS A 16 -6.58 -8.15 -5.21
C HIS A 16 -7.55 -6.98 -5.37
N THR A 17 -8.65 -7.24 -6.05
CA THR A 17 -9.65 -6.22 -6.28
C THR A 17 -10.64 -6.17 -5.10
N ALA A 18 -11.30 -5.03 -4.98
CA ALA A 18 -12.27 -4.83 -3.92
C ALA A 18 -13.66 -5.27 -4.39
N GLY A 19 -14.12 -4.58 -5.43
CA GLY A 19 -15.44 -4.88 -5.99
C GLY A 19 -16.55 -4.48 -5.03
N ASN A 20 -17.24 -5.48 -4.50
CA ASN A 20 -18.33 -5.25 -3.58
C ASN A 20 -17.76 -4.78 -2.23
N ASN A 21 -16.69 -5.45 -1.81
CA ASN A 21 -16.05 -5.11 -0.55
C ASN A 21 -16.00 -3.59 -0.40
N LYS A 22 -15.48 -2.94 -1.43
CA LYS A 22 -15.37 -1.49 -1.43
C LYS A 22 -14.25 -1.07 -0.49
N THR A 23 -14.39 -1.46 0.77
CA THR A 23 -13.40 -1.13 1.78
C THR A 23 -12.00 -1.44 1.26
N LEU A 24 -11.83 -2.67 0.78
CA LEU A 24 -10.54 -3.11 0.26
C LEU A 24 -10.11 -2.16 -0.87
N LEU A 25 -8.81 -2.15 -1.11
CA LEU A 25 -8.26 -1.30 -2.15
C LEU A 25 -8.10 -2.11 -3.43
N SER A 26 -8.72 -1.62 -4.49
CA SER A 26 -8.64 -2.29 -5.78
C SER A 26 -7.40 -1.85 -6.53
N PHE A 27 -6.55 -2.82 -6.84
CA PHE A 27 -5.32 -2.54 -7.55
C PHE A 27 -4.82 -3.79 -8.28
N ALA A 28 -3.81 -3.59 -9.12
CA ALA A 28 -3.23 -4.68 -9.88
C ALA A 28 -1.78 -4.89 -9.43
N GLN A 29 -1.35 -6.15 -9.51
CA GLN A 29 0.00 -6.49 -9.12
C GLN A 29 1.00 -5.52 -9.76
N GLY A 30 1.88 -4.98 -8.91
CA GLY A 30 2.89 -4.04 -9.38
C GLY A 30 2.57 -2.63 -8.91
N ASP A 31 1.29 -2.35 -8.77
CA ASP A 31 0.85 -1.04 -8.32
C ASP A 31 1.55 -0.68 -7.02
N VAL A 32 1.69 0.62 -6.80
CA VAL A 32 2.35 1.11 -5.59
C VAL A 32 1.33 1.86 -4.74
N LEU A 33 1.35 1.57 -3.45
CA LEU A 33 0.44 2.22 -2.51
C LEU A 33 1.25 2.94 -1.44
N THR A 34 0.73 4.08 -1.02
CA THR A 34 1.39 4.87 0.01
C THR A 34 0.83 4.54 1.39
N LEU A 35 1.73 4.14 2.28
CA LEU A 35 1.34 3.80 3.63
C LEU A 35 1.04 5.07 4.42
N LEU A 36 0.04 4.97 5.28
CA LEU A 36 -0.36 6.11 6.10
C LEU A 36 -0.07 5.80 7.56
N ILE A 37 -0.27 4.54 7.92
CA ILE A 37 -0.03 4.10 9.29
C ILE A 37 1.37 3.49 9.39
N PRO A 38 2.06 3.82 10.51
CA PRO A 38 3.41 3.32 10.74
C PRO A 38 3.37 1.84 11.16
N GLU A 39 2.18 1.39 11.52
CA GLU A 39 2.01 0.02 11.95
C GLU A 39 1.12 -0.73 10.94
N GLU A 40 0.88 -2.00 11.25
CA GLU A 40 0.06 -2.83 10.39
C GLU A 40 -1.08 -3.46 11.19
N LYS A 41 -2.24 -3.57 10.54
CA LYS A 41 -3.41 -4.14 11.19
C LYS A 41 -3.16 -5.63 11.45
N ASP A 42 -4.23 -6.33 11.78
CA ASP A 42 -4.15 -7.75 12.05
C ASP A 42 -3.90 -8.51 10.74
N GLY A 43 -2.69 -8.35 10.22
CA GLY A 43 -2.32 -9.01 8.97
C GLY A 43 -2.70 -8.15 7.76
N TRP A 44 -3.24 -6.98 8.06
CA TRP A 44 -3.65 -6.06 7.02
C TRP A 44 -2.86 -4.76 7.18
N LEU A 45 -2.80 -3.99 6.09
CA LEU A 45 -2.08 -2.74 6.10
C LEU A 45 -2.90 -1.68 5.36
N TYR A 46 -2.72 -0.43 5.78
CA TYR A 46 -3.43 0.68 5.17
C TYR A 46 -2.49 1.51 4.29
N GLY A 47 -3.10 2.31 3.43
CA GLY A 47 -2.34 3.16 2.53
C GLY A 47 -3.25 3.81 1.49
N GLU A 48 -2.62 4.52 0.57
CA GLU A 48 -3.36 5.20 -0.49
C GLU A 48 -2.91 4.68 -1.86
N HIS A 49 -3.87 4.62 -2.77
CA HIS A 49 -3.58 4.16 -4.12
C HIS A 49 -2.93 5.28 -4.93
N ASP A 50 -2.04 4.88 -5.83
CA ASP A 50 -1.35 5.84 -6.67
C ASP A 50 -2.17 6.07 -7.95
N THR A 51 -3.47 6.20 -7.77
CA THR A 51 -4.37 6.42 -8.89
C THR A 51 -5.71 6.95 -8.40
N THR A 52 -6.53 6.04 -7.88
CA THR A 52 -7.84 6.41 -7.38
C THR A 52 -7.72 7.55 -6.37
N LYS A 53 -6.56 7.60 -5.72
CA LYS A 53 -6.31 8.63 -4.73
C LYS A 53 -7.04 8.28 -3.43
N ALA A 54 -7.70 7.13 -3.47
CA ALA A 54 -8.44 6.65 -2.31
C ALA A 54 -7.59 5.65 -1.52
N ARG A 55 -7.96 5.45 -0.27
CA ARG A 55 -7.23 4.52 0.57
C ARG A 55 -8.13 3.34 0.96
N GLY A 56 -7.55 2.15 0.92
CA GLY A 56 -8.28 0.95 1.27
C GLY A 56 -7.47 0.07 2.22
N TRP A 57 -7.99 -1.13 2.45
CA TRP A 57 -7.32 -2.07 3.33
C TRP A 57 -6.81 -3.24 2.49
N PHE A 58 -5.56 -3.62 2.75
CA PHE A 58 -4.95 -4.71 2.02
C PHE A 58 -4.05 -5.54 2.94
N PRO A 59 -3.92 -6.85 2.59
CA PRO A 59 -3.10 -7.76 3.36
C PRO A 59 -1.62 -7.51 3.11
N SER A 60 -0.91 -7.20 4.20
CA SER A 60 0.51 -6.93 4.12
C SER A 60 1.21 -8.04 3.32
N SER A 61 0.57 -9.21 3.31
CA SER A 61 1.11 -10.35 2.61
C SER A 61 1.02 -10.12 1.09
N TYR A 62 0.00 -9.39 0.70
CA TYR A 62 -0.21 -9.09 -0.70
C TYR A 62 0.60 -7.86 -1.13
N THR A 63 1.49 -7.44 -0.26
CA THR A 63 2.33 -6.29 -0.52
C THR A 63 3.72 -6.48 0.09
N LYS A 64 4.69 -5.82 -0.53
CA LYS A 64 6.07 -5.91 -0.05
C LYS A 64 6.65 -4.50 0.06
N LEU A 65 7.62 -4.37 0.96
CA LEU A 65 8.27 -3.09 1.18
C LEU A 65 9.29 -2.85 0.07
N LEU A 66 9.20 -1.67 -0.53
CA LEU A 66 10.12 -1.31 -1.60
C LEU A 66 11.52 -1.15 -1.03
N SER A 67 12.47 -0.87 -1.93
CA SER A 67 13.85 -0.69 -1.52
C SER A 67 14.50 0.40 -2.39
N GLY A 68 14.37 1.63 -1.90
CA GLY A 68 14.94 2.77 -2.61
C GLY A 68 16.46 2.61 -2.78
N PRO A 69 17.01 3.41 -3.72
CA PRO A 69 18.45 3.36 -3.99
C PRO A 69 19.23 4.07 -2.88
N SER A 70 20.22 3.36 -2.35
CA SER A 70 21.05 3.91 -1.30
C SER A 70 21.91 5.05 -1.83
N SER A 71 22.43 5.83 -0.91
CA SER A 71 23.27 6.97 -1.29
C SER A 71 24.65 6.83 -0.64
N GLY A 72 24.64 6.75 0.69
CA GLY A 72 25.89 6.62 1.43
C GLY A 72 25.63 6.14 2.86
N GLY A 1 6.99 18.54 2.75
CA GLY A 1 7.03 18.82 4.18
C GLY A 1 8.04 17.91 4.88
N SER A 2 9.08 18.54 5.42
CA SER A 2 10.13 17.82 6.11
C SER A 2 10.72 16.74 5.19
N SER A 3 11.85 16.19 5.62
CA SER A 3 12.52 15.16 4.84
C SER A 3 12.33 13.81 5.52
N GLY A 4 11.46 13.80 6.53
CA GLY A 4 11.18 12.57 7.25
C GLY A 4 9.67 12.41 7.49
N SER A 5 9.08 11.53 6.69
CA SER A 5 7.65 11.27 6.80
C SER A 5 7.40 9.76 6.87
N SER A 6 6.66 9.37 7.90
CA SER A 6 6.34 7.97 8.10
C SER A 6 5.27 7.53 7.10
N GLY A 7 5.74 7.13 5.92
CA GLY A 7 4.84 6.69 4.88
C GLY A 7 5.57 5.81 3.85
N GLN A 8 6.21 4.77 4.37
CA GLN A 8 6.95 3.85 3.53
C GLN A 8 6.13 3.48 2.29
N LYS A 9 6.79 2.83 1.35
CA LYS A 9 6.13 2.43 0.12
C LYS A 9 6.17 0.90 0.01
N VAL A 10 5.09 0.35 -0.52
CA VAL A 10 4.99 -1.10 -0.68
C VAL A 10 4.56 -1.42 -2.12
N LYS A 11 4.93 -2.61 -2.56
CA LYS A 11 4.60 -3.05 -3.90
C LYS A 11 3.74 -4.31 -3.83
N THR A 12 2.65 -4.29 -4.59
CA THR A 12 1.74 -5.42 -4.61
C THR A 12 2.34 -6.57 -5.43
N ILE A 13 2.34 -7.74 -4.82
CA ILE A 13 2.88 -8.93 -5.48
C ILE A 13 1.74 -9.72 -6.10
N PHE A 14 0.53 -9.24 -5.86
CA PHE A 14 -0.66 -9.90 -6.39
C PHE A 14 -1.81 -8.91 -6.54
N PRO A 15 -2.73 -9.24 -7.49
CA PRO A 15 -3.88 -8.39 -7.75
C PRO A 15 -4.93 -8.53 -6.65
N HIS A 16 -5.63 -7.44 -6.39
CA HIS A 16 -6.66 -7.44 -5.37
C HIS A 16 -7.86 -6.62 -5.86
N THR A 17 -9.04 -7.20 -5.65
CA THR A 17 -10.28 -6.53 -6.06
C THR A 17 -11.29 -6.53 -4.91
N ALA A 18 -11.98 -5.41 -4.78
CA ALA A 18 -12.97 -5.26 -3.74
C ALA A 18 -14.27 -5.94 -4.17
N GLY A 19 -14.37 -7.22 -3.84
CA GLY A 19 -15.56 -7.99 -4.18
C GLY A 19 -16.83 -7.31 -3.67
N ASN A 20 -17.42 -7.92 -2.65
CA ASN A 20 -18.64 -7.38 -2.07
C ASN A 20 -18.29 -6.21 -1.16
N ASN A 21 -17.30 -6.45 -0.30
CA ASN A 21 -16.85 -5.43 0.62
C ASN A 21 -16.47 -4.16 -0.14
N LYS A 22 -16.53 -3.04 0.55
CA LYS A 22 -16.19 -1.76 -0.06
C LYS A 22 -15.08 -1.09 0.75
N THR A 23 -13.86 -1.49 0.46
CA THR A 23 -12.71 -0.94 1.16
C THR A 23 -11.41 -1.43 0.52
N LEU A 24 -11.41 -2.71 0.15
CA LEU A 24 -10.25 -3.32 -0.47
C LEU A 24 -9.76 -2.42 -1.60
N LEU A 25 -8.61 -1.78 -1.37
CA LEU A 25 -8.03 -0.89 -2.36
C LEU A 25 -7.80 -1.67 -3.65
N SER A 26 -8.55 -1.29 -4.67
CA SER A 26 -8.45 -1.93 -5.97
C SER A 26 -7.17 -1.48 -6.68
N PHE A 27 -6.51 -2.44 -7.30
CA PHE A 27 -5.27 -2.16 -8.01
C PHE A 27 -4.77 -3.39 -8.77
N ALA A 28 -3.63 -3.22 -9.41
CA ALA A 28 -3.03 -4.31 -10.17
C ALA A 28 -1.62 -4.57 -9.67
N GLN A 29 -1.21 -5.84 -9.74
CA GLN A 29 0.11 -6.22 -9.30
C GLN A 29 1.17 -5.30 -9.91
N GLY A 30 1.98 -4.73 -9.04
CA GLY A 30 3.03 -3.83 -9.48
C GLY A 30 2.79 -2.40 -8.98
N ASP A 31 1.52 -2.06 -8.87
CA ASP A 31 1.13 -0.74 -8.39
C ASP A 31 1.83 -0.46 -7.07
N VAL A 32 2.05 0.83 -6.82
CA VAL A 32 2.72 1.26 -5.60
C VAL A 32 1.72 2.02 -4.72
N LEU A 33 1.70 1.67 -3.45
CA LEU A 33 0.81 2.31 -2.50
C LEU A 33 1.63 2.94 -1.37
N THR A 34 1.20 4.12 -0.95
CA THR A 34 1.87 4.83 0.11
C THR A 34 1.23 4.52 1.47
N LEU A 35 2.05 4.02 2.38
CA LEU A 35 1.57 3.68 3.71
C LEU A 35 1.24 4.96 4.47
N LEU A 36 0.19 4.87 5.29
CA LEU A 36 -0.23 6.01 6.08
C LEU A 36 0.01 5.72 7.56
N ILE A 37 -0.38 4.52 7.97
CA ILE A 37 -0.20 4.11 9.35
C ILE A 37 0.99 3.16 9.45
N PRO A 38 1.82 3.38 10.51
CA PRO A 38 2.99 2.55 10.73
C PRO A 38 2.60 1.18 11.27
N GLU A 39 1.36 1.08 11.74
CA GLU A 39 0.86 -0.17 12.28
C GLU A 39 0.12 -0.96 11.19
N GLU A 40 -0.33 -2.14 11.57
CA GLU A 40 -1.05 -3.00 10.65
C GLU A 40 -2.37 -3.45 11.27
N LYS A 41 -3.39 -3.51 10.43
CA LYS A 41 -4.72 -3.91 10.87
C LYS A 41 -4.77 -5.44 10.95
N ASP A 42 -3.94 -5.99 11.83
CA ASP A 42 -3.88 -7.43 12.01
C ASP A 42 -3.54 -8.09 10.67
N GLY A 43 -2.30 -7.90 10.25
CA GLY A 43 -1.84 -8.48 9.00
C GLY A 43 -2.12 -7.53 7.83
N TRP A 44 -3.28 -6.89 7.89
CA TRP A 44 -3.67 -5.95 6.84
C TRP A 44 -2.93 -4.64 7.08
N LEU A 45 -2.72 -3.92 6.00
CA LEU A 45 -2.03 -2.65 6.07
C LEU A 45 -2.78 -1.60 5.23
N TYR A 46 -2.67 -0.36 5.66
CA TYR A 46 -3.33 0.73 4.96
C TYR A 46 -2.34 1.58 4.18
N GLY A 47 -2.85 2.29 3.18
CA GLY A 47 -2.01 3.14 2.35
C GLY A 47 -2.84 3.92 1.35
N GLU A 48 -2.15 4.61 0.46
CA GLU A 48 -2.82 5.41 -0.57
C GLU A 48 -2.43 4.91 -1.96
N HIS A 49 -3.40 4.94 -2.86
CA HIS A 49 -3.17 4.50 -4.23
C HIS A 49 -2.59 5.66 -5.05
N ASP A 50 -1.56 5.34 -5.82
CA ASP A 50 -0.91 6.33 -6.65
C ASP A 50 -1.63 6.40 -8.00
N THR A 51 -2.95 6.44 -7.94
CA THR A 51 -3.75 6.51 -9.14
C THR A 51 -5.13 7.09 -8.83
N THR A 52 -5.91 6.33 -8.08
CA THR A 52 -7.25 6.76 -7.71
C THR A 52 -7.17 7.89 -6.68
N LYS A 53 -6.06 7.92 -5.96
CA LYS A 53 -5.85 8.94 -4.94
C LYS A 53 -6.63 8.55 -3.68
N ALA A 54 -7.32 7.43 -3.77
CA ALA A 54 -8.11 6.94 -2.65
C ALA A 54 -7.28 5.92 -1.86
N ARG A 55 -7.68 5.73 -0.60
CA ARG A 55 -6.99 4.79 0.26
C ARG A 55 -7.96 3.69 0.73
N GLY A 56 -7.46 2.46 0.70
CA GLY A 56 -8.24 1.32 1.12
C GLY A 56 -7.46 0.42 2.07
N TRP A 57 -8.01 -0.77 2.30
CA TRP A 57 -7.37 -1.73 3.18
C TRP A 57 -6.89 -2.91 2.32
N PHE A 58 -5.66 -3.32 2.59
CA PHE A 58 -5.06 -4.43 1.86
C PHE A 58 -4.22 -5.30 2.79
N PRO A 59 -4.13 -6.61 2.42
CA PRO A 59 -3.35 -7.56 3.20
C PRO A 59 -1.85 -7.36 2.98
N SER A 60 -1.16 -7.09 4.08
CA SER A 60 0.28 -6.87 4.01
C SER A 60 0.94 -7.99 3.22
N SER A 61 0.27 -9.14 3.17
CA SER A 61 0.77 -10.29 2.45
C SER A 61 0.73 -10.03 0.95
N TYR A 62 -0.28 -9.26 0.55
CA TYR A 62 -0.45 -8.93 -0.86
C TYR A 62 0.40 -7.72 -1.25
N THR A 63 1.30 -7.35 -0.35
CA THR A 63 2.18 -6.23 -0.59
C THR A 63 3.55 -6.49 0.05
N LYS A 64 4.56 -5.87 -0.55
CA LYS A 64 5.93 -6.02 -0.06
C LYS A 64 6.59 -4.65 0.04
N LEU A 65 7.63 -4.59 0.86
CA LEU A 65 8.35 -3.35 1.05
C LEU A 65 9.23 -3.07 -0.17
N LEU A 66 9.17 -1.84 -0.65
CA LEU A 66 9.95 -1.44 -1.80
C LEU A 66 11.44 -1.62 -1.51
N SER A 67 12.24 -1.38 -2.52
CA SER A 67 13.68 -1.52 -2.39
C SER A 67 14.39 -0.39 -3.15
N GLY A 68 14.58 0.73 -2.44
CA GLY A 68 15.24 1.87 -3.03
C GLY A 68 15.77 2.82 -1.95
N PRO A 69 16.77 3.65 -2.36
CA PRO A 69 17.37 4.60 -1.44
C PRO A 69 16.43 5.79 -1.19
N SER A 70 16.17 6.03 0.09
CA SER A 70 15.29 7.12 0.48
C SER A 70 15.81 7.79 1.75
N SER A 71 16.79 8.67 1.56
CA SER A 71 17.39 9.37 2.68
C SER A 71 18.31 8.45 3.46
N GLY A 72 17.73 7.36 3.95
CA GLY A 72 18.48 6.39 4.71
C GLY A 72 17.74 5.05 4.80
N GLY A 1 16.09 8.79 3.20
CA GLY A 1 16.26 10.24 3.34
C GLY A 1 17.47 10.56 4.21
N SER A 2 17.23 10.61 5.51
CA SER A 2 18.29 10.90 6.47
C SER A 2 17.89 10.42 7.86
N SER A 3 18.36 9.23 8.19
CA SER A 3 18.06 8.65 9.50
C SER A 3 16.54 8.61 9.72
N GLY A 4 15.95 7.46 9.43
CA GLY A 4 14.52 7.28 9.59
C GLY A 4 13.78 7.58 8.29
N SER A 5 12.65 6.90 8.12
CA SER A 5 11.85 7.09 6.93
C SER A 5 10.37 7.24 7.31
N SER A 6 9.67 8.03 6.51
CA SER A 6 8.26 8.27 6.74
C SER A 6 7.45 7.98 5.47
N GLY A 7 6.23 7.51 5.68
CA GLY A 7 5.36 7.19 4.57
C GLY A 7 6.04 6.22 3.59
N GLN A 8 6.38 5.05 4.10
CA GLN A 8 7.04 4.04 3.29
C GLN A 8 6.16 3.68 2.09
N LYS A 9 6.78 3.04 1.11
CA LYS A 9 6.07 2.63 -0.09
C LYS A 9 6.14 1.10 -0.21
N VAL A 10 5.05 0.53 -0.70
CA VAL A 10 4.96 -0.90 -0.86
C VAL A 10 4.48 -1.22 -2.29
N LYS A 11 4.85 -2.41 -2.75
CA LYS A 11 4.48 -2.84 -4.08
C LYS A 11 3.71 -4.16 -3.99
N THR A 12 2.59 -4.20 -4.68
CA THR A 12 1.76 -5.39 -4.69
C THR A 12 2.37 -6.47 -5.58
N ILE A 13 2.44 -7.68 -5.03
CA ILE A 13 3.00 -8.80 -5.77
C ILE A 13 1.87 -9.61 -6.40
N PHE A 14 0.66 -9.29 -5.99
CA PHE A 14 -0.52 -9.99 -6.49
C PHE A 14 -1.69 -9.01 -6.68
N PRO A 15 -2.53 -9.32 -7.70
CA PRO A 15 -3.68 -8.48 -8.00
C PRO A 15 -4.80 -8.72 -6.98
N HIS A 16 -5.63 -7.71 -6.83
CA HIS A 16 -6.75 -7.78 -5.89
C HIS A 16 -7.94 -6.99 -6.44
N THR A 17 -9.05 -7.09 -5.73
CA THR A 17 -10.27 -6.40 -6.13
C THR A 17 -11.05 -5.96 -4.90
N ALA A 18 -11.56 -4.74 -4.96
CA ALA A 18 -12.34 -4.18 -3.87
C ALA A 18 -13.82 -4.38 -4.15
N GLY A 19 -14.12 -4.64 -5.41
CA GLY A 19 -15.50 -4.86 -5.83
C GLY A 19 -16.27 -5.65 -4.77
N ASN A 20 -17.51 -5.22 -4.54
CA ASN A 20 -18.36 -5.88 -3.56
C ASN A 20 -17.99 -5.40 -2.16
N ASN A 21 -16.78 -5.76 -1.74
CA ASN A 21 -16.30 -5.38 -0.43
C ASN A 21 -16.44 -3.86 -0.27
N LYS A 22 -16.21 -3.41 0.95
CA LYS A 22 -16.30 -1.99 1.26
C LYS A 22 -15.15 -1.58 2.16
N THR A 23 -13.96 -2.01 1.78
CA THR A 23 -12.76 -1.71 2.54
C THR A 23 -11.51 -2.05 1.74
N LEU A 24 -11.56 -3.21 1.08
CA LEU A 24 -10.44 -3.66 0.28
C LEU A 24 -10.15 -2.62 -0.80
N LEU A 25 -8.88 -2.55 -1.19
CA LEU A 25 -8.45 -1.61 -2.22
C LEU A 25 -8.32 -2.35 -3.56
N SER A 26 -8.40 -1.58 -4.63
CA SER A 26 -8.28 -2.14 -5.96
C SER A 26 -6.98 -1.68 -6.62
N PHE A 27 -6.20 -2.65 -7.07
CA PHE A 27 -4.94 -2.34 -7.71
C PHE A 27 -4.40 -3.57 -8.46
N ALA A 28 -3.57 -3.31 -9.44
CA ALA A 28 -2.98 -4.37 -10.24
C ALA A 28 -1.65 -4.80 -9.61
N GLN A 29 -1.12 -5.90 -10.13
CA GLN A 29 0.13 -6.43 -9.62
C GLN A 29 1.30 -5.51 -10.01
N GLY A 30 1.92 -4.94 -9.00
CA GLY A 30 3.04 -4.04 -9.22
C GLY A 30 2.73 -2.64 -8.72
N ASP A 31 1.45 -2.29 -8.80
CA ASP A 31 1.00 -0.98 -8.35
C ASP A 31 1.71 -0.62 -7.05
N VAL A 32 1.91 0.68 -6.85
CA VAL A 32 2.56 1.17 -5.65
C VAL A 32 1.55 1.94 -4.80
N LEU A 33 1.56 1.64 -3.51
CA LEU A 33 0.66 2.29 -2.58
C LEU A 33 1.46 2.98 -1.48
N THR A 34 0.96 4.12 -1.05
CA THR A 34 1.62 4.88 0.00
C THR A 34 1.05 4.51 1.37
N LEU A 35 1.93 4.09 2.26
CA LEU A 35 1.53 3.72 3.60
C LEU A 35 1.17 4.97 4.39
N LEU A 36 0.17 4.82 5.25
CA LEU A 36 -0.29 5.94 6.07
C LEU A 36 -0.16 5.56 7.55
N ILE A 37 -0.58 4.34 7.85
CA ILE A 37 -0.51 3.84 9.22
C ILE A 37 0.93 3.45 9.55
N PRO A 38 1.23 3.45 10.88
CA PRO A 38 2.56 3.09 11.34
C PRO A 38 2.78 1.58 11.25
N GLU A 39 1.68 0.85 11.17
CA GLU A 39 1.74 -0.59 11.08
C GLU A 39 0.33 -1.18 10.92
N GLU A 40 0.29 -2.47 10.62
CA GLU A 40 -0.98 -3.15 10.44
C GLU A 40 -1.88 -2.96 11.67
N LYS A 41 -3.16 -3.24 11.48
CA LYS A 41 -4.12 -3.10 12.57
C LYS A 41 -4.98 -4.36 12.63
N ASP A 42 -4.55 -5.38 11.91
CA ASP A 42 -5.27 -6.64 11.88
C ASP A 42 -4.62 -7.57 10.86
N GLY A 43 -3.29 -7.54 10.83
CA GLY A 43 -2.54 -8.37 9.91
C GLY A 43 -2.54 -7.77 8.50
N TRP A 44 -3.27 -6.67 8.36
CA TRP A 44 -3.36 -5.99 7.08
C TRP A 44 -2.78 -4.59 7.25
N LEU A 45 -2.17 -4.10 6.18
CA LEU A 45 -1.57 -2.77 6.19
C LEU A 45 -2.43 -1.83 5.33
N TYR A 46 -2.40 -0.56 5.71
CA TYR A 46 -3.16 0.45 4.99
C TYR A 46 -2.23 1.34 4.17
N GLY A 47 -2.83 2.07 3.23
CA GLY A 47 -2.07 2.97 2.38
C GLY A 47 -2.98 3.65 1.35
N GLU A 48 -2.36 4.40 0.45
CA GLU A 48 -3.08 5.10 -0.58
C GLU A 48 -2.72 4.56 -1.95
N HIS A 49 -3.66 4.69 -2.89
CA HIS A 49 -3.45 4.21 -4.24
C HIS A 49 -2.92 5.35 -5.10
N ASP A 50 -1.94 5.02 -5.93
CA ASP A 50 -1.33 6.00 -6.81
C ASP A 50 -2.11 6.07 -8.12
N THR A 51 -3.43 6.10 -7.97
CA THR A 51 -4.31 6.16 -9.13
C THR A 51 -5.67 6.74 -8.74
N THR A 52 -6.44 5.92 -8.02
CA THR A 52 -7.76 6.34 -7.58
C THR A 52 -7.65 7.48 -6.56
N LYS A 53 -6.49 7.55 -5.92
CA LYS A 53 -6.24 8.58 -4.93
C LYS A 53 -6.97 8.22 -3.63
N ALA A 54 -7.62 7.06 -3.66
CA ALA A 54 -8.35 6.59 -2.49
C ALA A 54 -7.48 5.60 -1.72
N ARG A 55 -7.84 5.41 -0.45
CA ARG A 55 -7.11 4.50 0.40
C ARG A 55 -8.01 3.35 0.85
N GLY A 56 -7.45 2.15 0.83
CA GLY A 56 -8.19 0.97 1.23
C GLY A 56 -7.36 0.09 2.18
N TRP A 57 -7.88 -1.10 2.44
CA TRP A 57 -7.20 -2.03 3.32
C TRP A 57 -6.71 -3.20 2.49
N PHE A 58 -5.47 -3.59 2.73
CA PHE A 58 -4.87 -4.70 2.01
C PHE A 58 -3.96 -5.53 2.92
N PRO A 59 -3.84 -6.84 2.59
CA PRO A 59 -3.01 -7.74 3.36
C PRO A 59 -1.53 -7.49 3.08
N SER A 60 -0.79 -7.25 4.17
CA SER A 60 0.63 -7.00 4.05
C SER A 60 1.30 -8.09 3.20
N SER A 61 0.64 -9.24 3.18
CA SER A 61 1.15 -10.37 2.41
C SER A 61 1.02 -10.10 0.92
N TYR A 62 -0.01 -9.32 0.59
CA TYR A 62 -0.27 -8.98 -0.80
C TYR A 62 0.56 -7.76 -1.23
N THR A 63 1.48 -7.38 -0.36
CA THR A 63 2.34 -6.24 -0.63
C THR A 63 3.74 -6.49 -0.06
N LYS A 64 4.72 -5.84 -0.68
CA LYS A 64 6.10 -5.98 -0.24
C LYS A 64 6.72 -4.59 -0.13
N LEU A 65 7.69 -4.49 0.78
CA LEU A 65 8.38 -3.23 1.00
C LEU A 65 9.41 -3.01 -0.11
N LEU A 66 9.36 -1.82 -0.68
CA LEU A 66 10.28 -1.47 -1.74
C LEU A 66 11.71 -1.39 -1.19
N SER A 67 12.66 -1.29 -2.11
CA SER A 67 14.06 -1.21 -1.72
C SER A 67 14.76 -0.09 -2.50
N GLY A 68 14.83 1.08 -1.87
CA GLY A 68 15.46 2.22 -2.49
C GLY A 68 16.70 2.66 -1.70
N PRO A 69 17.64 3.33 -2.42
CA PRO A 69 18.86 3.80 -1.81
C PRO A 69 18.60 5.04 -0.94
N SER A 70 19.49 5.25 0.03
CA SER A 70 19.36 6.38 0.93
C SER A 70 20.25 7.54 0.45
N SER A 71 19.67 8.73 0.43
CA SER A 71 20.38 9.91 0.00
C SER A 71 21.70 10.03 0.77
N GLY A 72 21.58 10.19 2.08
CA GLY A 72 22.74 10.32 2.94
C GLY A 72 22.33 10.75 4.35
N GLY A 1 15.32 17.99 2.58
CA GLY A 1 14.89 16.90 3.42
C GLY A 1 16.03 15.90 3.65
N SER A 2 16.41 15.76 4.90
CA SER A 2 17.48 14.85 5.27
C SER A 2 17.05 13.96 6.44
N SER A 3 17.45 12.70 6.36
CA SER A 3 17.10 11.74 7.40
C SER A 3 15.63 11.89 7.79
N GLY A 4 14.78 11.26 7.00
CA GLY A 4 13.35 11.31 7.25
C GLY A 4 12.63 10.11 6.61
N SER A 5 11.76 9.51 7.40
CA SER A 5 11.01 8.36 6.93
C SER A 5 9.57 8.43 7.46
N SER A 6 8.66 8.79 6.58
CA SER A 6 7.25 8.89 6.95
C SER A 6 6.38 8.75 5.70
N GLY A 7 5.84 7.55 5.52
CA GLY A 7 4.99 7.27 4.38
C GLY A 7 5.68 6.32 3.40
N GLN A 8 6.15 5.21 3.93
CA GLN A 8 6.83 4.22 3.12
C GLN A 8 5.94 3.78 1.95
N LYS A 9 6.57 3.19 0.96
CA LYS A 9 5.85 2.73 -0.22
C LYS A 9 6.00 1.21 -0.34
N VAL A 10 4.93 0.57 -0.78
CA VAL A 10 4.92 -0.87 -0.94
C VAL A 10 4.41 -1.22 -2.35
N LYS A 11 4.83 -2.39 -2.81
CA LYS A 11 4.43 -2.84 -4.13
C LYS A 11 3.73 -4.20 -4.00
N THR A 12 2.59 -4.31 -4.65
CA THR A 12 1.81 -5.55 -4.62
C THR A 12 2.48 -6.61 -5.50
N ILE A 13 2.58 -7.81 -4.94
CA ILE A 13 3.18 -8.92 -5.66
C ILE A 13 2.08 -9.80 -6.26
N PHE A 14 0.85 -9.51 -5.85
CA PHE A 14 -0.29 -10.26 -6.34
C PHE A 14 -1.53 -9.37 -6.43
N PRO A 15 -2.43 -9.73 -7.38
CA PRO A 15 -3.66 -8.97 -7.58
C PRO A 15 -4.67 -9.26 -6.47
N HIS A 16 -5.57 -8.32 -6.29
CA HIS A 16 -6.60 -8.45 -5.27
C HIS A 16 -7.77 -7.52 -5.57
N THR A 17 -8.73 -8.05 -6.30
CA THR A 17 -9.90 -7.28 -6.67
C THR A 17 -10.74 -6.95 -5.43
N ALA A 18 -11.17 -5.70 -5.35
CA ALA A 18 -11.97 -5.25 -4.24
C ALA A 18 -13.16 -4.43 -4.76
N GLY A 19 -13.35 -4.51 -6.07
CA GLY A 19 -14.44 -3.78 -6.71
C GLY A 19 -15.68 -3.76 -5.82
N ASN A 20 -16.32 -2.59 -5.77
CA ASN A 20 -17.51 -2.41 -4.96
C ASN A 20 -17.10 -2.19 -3.50
N ASN A 21 -16.56 -3.23 -2.90
CA ASN A 21 -16.13 -3.16 -1.51
C ASN A 21 -15.38 -1.85 -1.28
N LYS A 22 -15.55 -1.29 -0.10
CA LYS A 22 -14.89 -0.05 0.25
C LYS A 22 -13.82 -0.33 1.31
N THR A 23 -14.02 -1.43 2.03
CA THR A 23 -13.08 -1.81 3.07
C THR A 23 -11.82 -2.44 2.45
N LEU A 24 -11.97 -2.84 1.20
CA LEU A 24 -10.85 -3.47 0.49
C LEU A 24 -10.45 -2.56 -0.68
N LEU A 25 -9.14 -2.51 -0.92
CA LEU A 25 -8.60 -1.70 -1.99
C LEU A 25 -8.44 -2.56 -3.24
N SER A 26 -8.87 -2.01 -4.38
CA SER A 26 -8.78 -2.71 -5.64
C SER A 26 -7.59 -2.19 -6.45
N PHE A 27 -6.69 -3.10 -6.76
CA PHE A 27 -5.50 -2.74 -7.53
C PHE A 27 -4.97 -3.93 -8.32
N ALA A 28 -3.94 -3.67 -9.11
CA ALA A 28 -3.33 -4.72 -9.91
C ALA A 28 -1.87 -4.91 -9.49
N GLN A 29 -1.39 -6.12 -9.68
CA GLN A 29 -0.01 -6.45 -9.33
C GLN A 29 0.95 -5.41 -9.92
N GLY A 30 1.86 -4.95 -9.08
CA GLY A 30 2.83 -3.96 -9.51
C GLY A 30 2.48 -2.58 -8.99
N ASP A 31 1.18 -2.35 -8.84
CA ASP A 31 0.69 -1.07 -8.36
C ASP A 31 1.43 -0.70 -7.08
N VAL A 32 1.53 0.60 -6.85
CA VAL A 32 2.21 1.10 -5.66
C VAL A 32 1.21 1.80 -4.75
N LEU A 33 1.29 1.48 -3.47
CA LEU A 33 0.39 2.08 -2.49
C LEU A 33 1.21 2.80 -1.42
N THR A 34 0.72 3.95 -1.03
CA THR A 34 1.39 4.75 -0.02
C THR A 34 0.82 4.45 1.37
N LEU A 35 1.71 4.05 2.27
CA LEU A 35 1.31 3.72 3.62
C LEU A 35 0.96 5.02 4.37
N LEU A 36 0.04 4.89 5.32
CA LEU A 36 -0.39 6.02 6.11
C LEU A 36 -0.12 5.75 7.58
N ILE A 37 -0.55 4.57 8.02
CA ILE A 37 -0.37 4.17 9.40
C ILE A 37 0.86 3.27 9.51
N PRO A 38 1.68 3.54 10.56
CA PRO A 38 2.90 2.77 10.78
C PRO A 38 2.56 1.39 11.36
N GLU A 39 1.32 1.25 11.80
CA GLU A 39 0.86 -0.01 12.37
C GLU A 39 0.17 -0.85 11.30
N GLU A 40 -0.21 -2.06 11.71
CA GLU A 40 -0.89 -2.97 10.80
C GLU A 40 -2.12 -3.59 11.47
N LYS A 41 -3.19 -3.67 10.71
CA LYS A 41 -4.43 -4.24 11.21
C LYS A 41 -4.26 -5.74 11.42
N ASP A 42 -3.39 -6.09 12.36
CA ASP A 42 -3.13 -7.48 12.65
C ASP A 42 -2.71 -8.21 11.36
N GLY A 43 -1.71 -7.63 10.71
CA GLY A 43 -1.21 -8.20 9.47
C GLY A 43 -1.53 -7.31 8.27
N TRP A 44 -2.81 -6.93 8.19
CA TRP A 44 -3.26 -6.07 7.11
C TRP A 44 -2.62 -4.69 7.30
N LEU A 45 -2.35 -4.04 6.17
CA LEU A 45 -1.74 -2.73 6.19
C LEU A 45 -2.61 -1.76 5.38
N TYR A 46 -2.57 -0.50 5.79
CA TYR A 46 -3.34 0.53 5.11
C TYR A 46 -2.43 1.43 4.28
N GLY A 47 -3.04 2.13 3.33
CA GLY A 47 -2.31 3.03 2.46
C GLY A 47 -3.24 3.70 1.45
N GLU A 48 -2.64 4.45 0.55
CA GLU A 48 -3.39 5.15 -0.48
C GLU A 48 -3.02 4.62 -1.86
N HIS A 49 -4.04 4.48 -2.70
CA HIS A 49 -3.83 3.99 -4.05
C HIS A 49 -3.40 5.14 -4.96
N ASP A 50 -2.39 4.86 -5.77
CA ASP A 50 -1.86 5.86 -6.69
C ASP A 50 -2.67 5.81 -7.99
N THR A 51 -3.98 5.76 -7.84
CA THR A 51 -4.87 5.72 -8.98
C THR A 51 -6.24 6.30 -8.64
N THR A 52 -7.01 5.52 -7.89
CA THR A 52 -8.33 5.96 -7.47
C THR A 52 -8.22 7.07 -6.42
N LYS A 53 -7.05 7.15 -5.81
CA LYS A 53 -6.81 8.16 -4.79
C LYS A 53 -7.54 7.74 -3.50
N ALA A 54 -8.15 6.58 -3.55
CA ALA A 54 -8.87 6.06 -2.39
C ALA A 54 -7.97 5.10 -1.62
N ARG A 55 -8.19 5.05 -0.32
CA ARG A 55 -7.42 4.18 0.54
C ARG A 55 -8.28 3.02 1.05
N GLY A 56 -7.69 1.83 1.02
CA GLY A 56 -8.39 0.65 1.47
C GLY A 56 -7.51 -0.19 2.40
N TRP A 57 -7.98 -1.41 2.66
CA TRP A 57 -7.24 -2.32 3.53
C TRP A 57 -6.71 -3.46 2.68
N PHE A 58 -5.45 -3.80 2.90
CA PHE A 58 -4.81 -4.87 2.16
C PHE A 58 -3.85 -5.67 3.06
N PRO A 59 -3.69 -6.97 2.71
CA PRO A 59 -2.81 -7.85 3.47
C PRO A 59 -1.35 -7.54 3.18
N SER A 60 -0.62 -7.21 4.23
CA SER A 60 0.79 -6.90 4.10
C SER A 60 1.50 -7.98 3.30
N SER A 61 0.90 -9.17 3.32
CA SER A 61 1.46 -10.30 2.59
C SER A 61 1.32 -10.08 1.09
N TYR A 62 0.26 -9.39 0.73
CA TYR A 62 0.00 -9.11 -0.68
C TYR A 62 0.78 -7.88 -1.15
N THR A 63 1.69 -7.44 -0.30
CA THR A 63 2.51 -6.28 -0.61
C THR A 63 3.92 -6.45 -0.02
N LYS A 64 4.88 -5.80 -0.67
CA LYS A 64 6.26 -5.87 -0.22
C LYS A 64 6.83 -4.46 -0.12
N LEU A 65 7.82 -4.31 0.76
CA LEU A 65 8.45 -3.02 0.96
C LEU A 65 9.44 -2.76 -0.18
N LEU A 66 9.32 -1.58 -0.76
CA LEU A 66 10.19 -1.20 -1.86
C LEU A 66 11.63 -1.08 -1.35
N SER A 67 12.55 -0.90 -2.28
CA SER A 67 13.95 -0.77 -1.93
C SER A 67 14.69 0.02 -3.03
N GLY A 68 14.72 1.33 -2.85
CA GLY A 68 15.38 2.20 -3.80
C GLY A 68 15.43 3.64 -3.28
N PRO A 69 16.54 4.34 -3.65
CA PRO A 69 16.72 5.72 -3.23
C PRO A 69 15.82 6.67 -4.02
N SER A 70 14.51 6.49 -3.83
CA SER A 70 13.54 7.31 -4.51
C SER A 70 13.65 8.76 -4.04
N SER A 71 14.43 9.54 -4.76
CA SER A 71 14.62 10.94 -4.43
C SER A 71 13.49 11.77 -5.02
N GLY A 72 13.08 12.77 -4.26
CA GLY A 72 12.01 13.66 -4.68
C GLY A 72 12.49 15.10 -4.78
N GLY A 1 3.31 21.38 2.22
CA GLY A 1 2.73 20.09 1.85
C GLY A 1 3.13 19.02 2.86
N SER A 2 4.09 18.20 2.47
CA SER A 2 4.57 17.13 3.32
C SER A 2 5.89 17.53 3.99
N SER A 3 6.15 16.92 5.13
CA SER A 3 7.36 17.21 5.87
C SER A 3 7.71 16.03 6.79
N GLY A 4 8.95 15.59 6.69
CA GLY A 4 9.43 14.48 7.50
C GLY A 4 9.32 13.16 6.73
N SER A 5 10.29 12.29 6.97
CA SER A 5 10.30 11.00 6.32
C SER A 5 9.30 10.04 6.99
N SER A 6 8.26 9.71 6.25
CA SER A 6 7.24 8.82 6.76
C SER A 6 6.26 8.45 5.64
N GLY A 7 5.69 7.27 5.76
CA GLY A 7 4.74 6.77 4.77
C GLY A 7 5.45 5.95 3.69
N GLN A 8 6.18 4.95 4.14
CA GLN A 8 6.91 4.08 3.23
C GLN A 8 6.02 3.69 2.05
N LYS A 9 6.64 3.08 1.05
CA LYS A 9 5.93 2.64 -0.13
C LYS A 9 6.00 1.12 -0.24
N VAL A 10 4.91 0.54 -0.72
CA VAL A 10 4.84 -0.91 -0.88
C VAL A 10 4.38 -1.24 -2.30
N LYS A 11 4.76 -2.41 -2.75
CA LYS A 11 4.39 -2.87 -4.09
C LYS A 11 3.67 -4.21 -3.98
N THR A 12 2.52 -4.28 -4.64
CA THR A 12 1.74 -5.50 -4.63
C THR A 12 2.36 -6.54 -5.57
N ILE A 13 2.57 -7.73 -5.02
CA ILE A 13 3.16 -8.82 -5.79
C ILE A 13 2.04 -9.69 -6.35
N PHE A 14 0.83 -9.44 -5.88
CA PHE A 14 -0.32 -10.19 -6.33
C PHE A 14 -1.56 -9.31 -6.40
N PRO A 15 -2.47 -9.66 -7.35
CA PRO A 15 -3.70 -8.91 -7.53
C PRO A 15 -4.70 -9.21 -6.42
N HIS A 16 -5.51 -8.21 -6.11
CA HIS A 16 -6.52 -8.35 -5.07
C HIS A 16 -7.61 -7.30 -5.26
N THR A 17 -8.59 -7.67 -6.08
CA THR A 17 -9.70 -6.78 -6.37
C THR A 17 -10.69 -6.78 -5.20
N ALA A 18 -11.29 -5.62 -4.97
CA ALA A 18 -12.26 -5.48 -3.89
C ALA A 18 -13.65 -5.81 -4.42
N GLY A 19 -14.00 -5.17 -5.53
CA GLY A 19 -15.30 -5.39 -6.14
C GLY A 19 -16.40 -4.63 -5.39
N ASN A 20 -17.40 -5.39 -4.97
CA ASN A 20 -18.52 -4.80 -4.24
C ASN A 20 -17.99 -4.09 -2.99
N ASN A 21 -17.19 -4.82 -2.23
CA ASN A 21 -16.61 -4.26 -1.01
C ASN A 21 -15.82 -3.00 -1.37
N LYS A 22 -16.09 -1.95 -0.62
CA LYS A 22 -15.40 -0.68 -0.84
C LYS A 22 -14.21 -0.58 0.12
N THR A 23 -14.34 -1.25 1.25
CA THR A 23 -13.29 -1.24 2.26
C THR A 23 -11.96 -1.70 1.64
N LEU A 24 -12.02 -2.84 0.98
CA LEU A 24 -10.84 -3.39 0.33
C LEU A 24 -10.40 -2.47 -0.80
N LEU A 25 -9.08 -2.34 -0.94
CA LEU A 25 -8.52 -1.49 -1.97
C LEU A 25 -8.34 -2.31 -3.25
N SER A 26 -8.82 -1.75 -4.35
CA SER A 26 -8.72 -2.42 -5.64
C SER A 26 -7.47 -1.94 -6.38
N PHE A 27 -6.60 -2.90 -6.70
CA PHE A 27 -5.38 -2.60 -7.40
C PHE A 27 -4.84 -3.83 -8.14
N ALA A 28 -3.92 -3.58 -9.06
CA ALA A 28 -3.33 -4.66 -9.83
C ALA A 28 -1.94 -4.98 -9.26
N GLN A 29 -1.40 -6.10 -9.72
CA GLN A 29 -0.09 -6.53 -9.27
C GLN A 29 1.00 -5.62 -9.85
N GLY A 30 1.67 -4.91 -8.96
CA GLY A 30 2.73 -4.01 -9.37
C GLY A 30 2.47 -2.58 -8.87
N ASP A 31 1.18 -2.28 -8.72
CA ASP A 31 0.77 -0.96 -8.25
C ASP A 31 1.51 -0.64 -6.95
N VAL A 32 1.70 0.65 -6.72
CA VAL A 32 2.39 1.10 -5.51
C VAL A 32 1.41 1.91 -4.65
N LEU A 33 1.42 1.61 -3.36
CA LEU A 33 0.55 2.30 -2.42
C LEU A 33 1.39 2.96 -1.33
N THR A 34 0.95 4.13 -0.92
CA THR A 34 1.65 4.87 0.11
C THR A 34 1.05 4.58 1.50
N LEU A 35 1.92 4.13 2.39
CA LEU A 35 1.48 3.80 3.74
C LEU A 35 1.12 5.08 4.48
N LEU A 36 0.11 4.97 5.34
CA LEU A 36 -0.34 6.12 6.11
C LEU A 36 -0.05 5.87 7.59
N ILE A 37 -0.28 4.63 8.01
CA ILE A 37 -0.04 4.26 9.39
C ILE A 37 1.24 3.44 9.48
N PRO A 38 2.04 3.74 10.53
CA PRO A 38 3.29 3.03 10.75
C PRO A 38 3.05 1.62 11.30
N GLU A 39 1.81 1.39 11.69
CA GLU A 39 1.43 0.10 12.24
C GLU A 39 0.68 -0.72 11.20
N GLU A 40 0.42 -1.98 11.54
CA GLU A 40 -0.29 -2.87 10.64
C GLU A 40 -1.44 -3.56 11.38
N LYS A 41 -2.56 -3.68 10.69
CA LYS A 41 -3.73 -4.32 11.25
C LYS A 41 -3.42 -5.80 11.52
N ASP A 42 -4.49 -6.56 11.71
CA ASP A 42 -4.34 -7.99 11.97
C ASP A 42 -3.88 -8.69 10.69
N GLY A 43 -2.67 -8.35 10.28
CA GLY A 43 -2.08 -8.94 9.08
C GLY A 43 -2.42 -8.11 7.84
N TRP A 44 -3.05 -6.97 8.09
CA TRP A 44 -3.44 -6.07 7.01
C TRP A 44 -2.69 -4.75 7.21
N LEU A 45 -2.56 -4.02 6.12
CA LEU A 45 -1.88 -2.73 6.16
C LEU A 45 -2.69 -1.70 5.39
N TYR A 46 -2.58 -0.46 5.82
CA TYR A 46 -3.30 0.63 5.19
C TYR A 46 -2.35 1.51 4.37
N GLY A 47 -2.92 2.19 3.39
CA GLY A 47 -2.14 3.07 2.53
C GLY A 47 -3.02 3.72 1.45
N GLU A 48 -2.39 4.54 0.64
CA GLU A 48 -3.10 5.23 -0.43
C GLU A 48 -2.72 4.62 -1.79
N HIS A 49 -3.66 4.69 -2.72
CA HIS A 49 -3.44 4.16 -4.04
C HIS A 49 -2.86 5.25 -4.95
N ASP A 50 -1.96 4.83 -5.82
CA ASP A 50 -1.31 5.76 -6.74
C ASP A 50 -2.17 5.89 -8.00
N THR A 51 -3.47 6.06 -7.78
CA THR A 51 -4.40 6.20 -8.89
C THR A 51 -5.70 6.86 -8.40
N THR A 52 -6.65 6.00 -8.05
CA THR A 52 -7.94 6.49 -7.57
C THR A 52 -7.74 7.57 -6.50
N LYS A 53 -6.58 7.52 -5.86
CA LYS A 53 -6.26 8.48 -4.81
C LYS A 53 -7.01 8.11 -3.53
N ALA A 54 -7.68 6.97 -3.59
CA ALA A 54 -8.43 6.49 -2.45
C ALA A 54 -7.59 5.48 -1.66
N ARG A 55 -7.86 5.42 -0.37
CA ARG A 55 -7.14 4.50 0.51
C ARG A 55 -8.07 3.40 1.02
N GLY A 56 -7.56 2.19 1.00
CA GLY A 56 -8.33 1.04 1.46
C GLY A 56 -7.50 0.16 2.39
N TRP A 57 -8.00 -1.05 2.63
CA TRP A 57 -7.33 -1.99 3.49
C TRP A 57 -6.82 -3.15 2.62
N PHE A 58 -5.58 -3.53 2.86
CA PHE A 58 -4.97 -4.62 2.11
C PHE A 58 -4.05 -5.46 3.00
N PRO A 59 -3.90 -6.74 2.61
CA PRO A 59 -3.06 -7.66 3.37
C PRO A 59 -1.58 -7.38 3.13
N SER A 60 -0.89 -7.03 4.20
CA SER A 60 0.53 -6.74 4.12
C SER A 60 1.26 -7.84 3.36
N SER A 61 0.64 -9.01 3.35
CA SER A 61 1.21 -10.16 2.66
C SER A 61 1.13 -9.95 1.15
N TYR A 62 0.10 -9.23 0.74
CA TYR A 62 -0.10 -8.95 -0.67
C TYR A 62 0.71 -7.74 -1.12
N THR A 63 1.57 -7.27 -0.22
CA THR A 63 2.41 -6.12 -0.50
C THR A 63 3.78 -6.30 0.12
N LYS A 64 4.77 -5.69 -0.51
CA LYS A 64 6.15 -5.78 -0.03
C LYS A 64 6.77 -4.39 -0.04
N LEU A 65 7.78 -4.22 0.80
CA LEU A 65 8.47 -2.95 0.91
C LEU A 65 9.25 -2.69 -0.39
N LEU A 66 9.07 -1.49 -0.91
CA LEU A 66 9.75 -1.11 -2.15
C LEU A 66 11.25 -1.29 -1.97
N SER A 67 11.98 -1.14 -3.07
CA SER A 67 13.42 -1.28 -3.06
C SER A 67 14.06 -0.26 -3.99
N GLY A 68 14.42 0.88 -3.41
CA GLY A 68 15.04 1.93 -4.19
C GLY A 68 16.15 2.62 -3.39
N PRO A 69 16.94 3.48 -4.10
CA PRO A 69 18.02 4.20 -3.45
C PRO A 69 17.49 5.34 -2.60
N SER A 70 16.50 6.04 -3.15
CA SER A 70 15.90 7.16 -2.43
C SER A 70 14.39 7.16 -2.65
N SER A 71 13.70 6.50 -1.73
CA SER A 71 12.25 6.41 -1.80
C SER A 71 11.84 5.55 -3.00
N GLY A 72 10.63 5.00 -2.90
CA GLY A 72 10.11 4.15 -3.96
C GLY A 72 10.10 4.90 -5.30
N GLY A 1 8.42 10.89 -6.34
CA GLY A 1 9.14 10.42 -5.18
C GLY A 1 8.83 11.28 -3.96
N SER A 2 8.46 10.61 -2.87
CA SER A 2 8.13 11.30 -1.64
C SER A 2 9.42 11.62 -0.87
N SER A 3 10.23 10.59 -0.69
CA SER A 3 11.48 10.75 0.03
C SER A 3 11.23 11.44 1.38
N GLY A 4 10.83 10.63 2.35
CA GLY A 4 10.55 11.14 3.68
C GLY A 4 10.76 10.06 4.74
N SER A 5 9.77 9.92 5.60
CA SER A 5 9.84 8.92 6.66
C SER A 5 8.48 8.24 6.82
N SER A 6 7.71 8.73 7.78
CA SER A 6 6.40 8.17 8.04
C SER A 6 5.55 8.21 6.77
N GLY A 7 5.60 7.12 6.02
CA GLY A 7 4.85 7.02 4.78
C GLY A 7 5.58 6.16 3.76
N GLN A 8 6.03 5.01 4.22
CA GLN A 8 6.75 4.08 3.36
C GLN A 8 5.88 3.69 2.17
N LYS A 9 6.52 3.04 1.20
CA LYS A 9 5.82 2.61 0.00
C LYS A 9 5.89 1.08 -0.11
N VAL A 10 4.79 0.50 -0.58
CA VAL A 10 4.71 -0.94 -0.73
C VAL A 10 4.24 -1.27 -2.14
N LYS A 11 4.62 -2.47 -2.59
CA LYS A 11 4.24 -2.92 -3.92
C LYS A 11 3.48 -4.24 -3.81
N THR A 12 2.44 -4.36 -4.62
CA THR A 12 1.63 -5.57 -4.62
C THR A 12 2.28 -6.65 -5.48
N ILE A 13 2.42 -7.82 -4.90
CA ILE A 13 3.03 -8.95 -5.61
C ILE A 13 1.92 -9.82 -6.21
N PHE A 14 0.69 -9.49 -5.85
CA PHE A 14 -0.46 -10.23 -6.35
C PHE A 14 -1.68 -9.32 -6.50
N PRO A 15 -2.56 -9.68 -7.47
CA PRO A 15 -3.76 -8.92 -7.71
C PRO A 15 -4.81 -9.15 -6.63
N HIS A 16 -5.55 -8.10 -6.30
CA HIS A 16 -6.58 -8.19 -5.29
C HIS A 16 -7.65 -7.12 -5.55
N THR A 17 -8.68 -7.53 -6.25
CA THR A 17 -9.78 -6.63 -6.57
C THR A 17 -10.63 -6.35 -5.32
N ALA A 18 -11.33 -5.23 -5.36
CA ALA A 18 -12.19 -4.85 -4.25
C ALA A 18 -13.56 -4.44 -4.78
N GLY A 19 -13.76 -4.69 -6.07
CA GLY A 19 -15.02 -4.36 -6.71
C GLY A 19 -16.20 -4.61 -5.77
N ASN A 20 -17.14 -3.67 -5.79
CA ASN A 20 -18.31 -3.77 -4.94
C ASN A 20 -17.95 -3.35 -3.52
N ASN A 21 -17.04 -4.09 -2.93
CA ASN A 21 -16.60 -3.81 -1.57
C ASN A 21 -16.07 -2.37 -1.50
N LYS A 22 -15.65 -1.98 -0.31
CA LYS A 22 -15.14 -0.64 -0.09
C LYS A 22 -13.81 -0.73 0.66
N THR A 23 -13.89 -1.26 1.88
CA THR A 23 -12.71 -1.40 2.71
C THR A 23 -11.53 -1.92 1.88
N LEU A 24 -11.82 -2.93 1.06
CA LEU A 24 -10.81 -3.53 0.22
C LEU A 24 -10.42 -2.54 -0.89
N LEU A 25 -9.14 -2.55 -1.22
CA LEU A 25 -8.62 -1.66 -2.26
C LEU A 25 -8.45 -2.46 -3.55
N SER A 26 -8.92 -1.86 -4.64
CA SER A 26 -8.83 -2.49 -5.94
C SER A 26 -7.57 -2.00 -6.68
N PHE A 27 -6.72 -2.95 -7.02
CA PHE A 27 -5.48 -2.62 -7.72
C PHE A 27 -4.95 -3.83 -8.48
N ALA A 28 -3.86 -3.60 -9.21
CA ALA A 28 -3.25 -4.67 -9.99
C ALA A 28 -1.79 -4.84 -9.54
N GLN A 29 -1.33 -6.08 -9.62
CA GLN A 29 0.03 -6.39 -9.23
C GLN A 29 1.01 -5.37 -9.83
N GLY A 30 1.91 -4.91 -8.99
CA GLY A 30 2.90 -3.93 -9.43
C GLY A 30 2.55 -2.53 -8.90
N ASP A 31 1.26 -2.30 -8.75
CA ASP A 31 0.79 -1.01 -8.25
C ASP A 31 1.49 -0.69 -6.93
N VAL A 32 1.63 0.61 -6.69
CA VAL A 32 2.27 1.07 -5.47
C VAL A 32 1.27 1.85 -4.62
N LEU A 33 1.25 1.54 -3.35
CA LEU A 33 0.35 2.20 -2.42
C LEU A 33 1.15 2.87 -1.31
N THR A 34 0.74 4.09 -0.96
CA THR A 34 1.42 4.84 0.08
C THR A 34 0.80 4.52 1.45
N LEU A 35 1.65 4.08 2.35
CA LEU A 35 1.22 3.73 3.69
C LEU A 35 0.86 5.02 4.45
N LEU A 36 -0.10 4.90 5.35
CA LEU A 36 -0.52 6.04 6.15
C LEU A 36 -0.92 5.56 7.54
N ILE A 37 -0.10 4.67 8.09
CA ILE A 37 -0.35 4.13 9.41
C ILE A 37 0.97 3.92 10.14
N PRO A 38 0.88 3.80 11.49
CA PRO A 38 2.07 3.60 12.31
C PRO A 38 2.59 2.16 12.18
N GLU A 39 1.64 1.23 12.13
CA GLU A 39 1.98 -0.18 12.01
C GLU A 39 0.83 -0.95 11.37
N GLU A 40 1.17 -2.12 10.85
CA GLU A 40 0.17 -2.96 10.20
C GLU A 40 -0.98 -3.25 11.16
N LYS A 41 -2.06 -3.76 10.60
CA LYS A 41 -3.24 -4.09 11.39
C LYS A 41 -3.17 -5.56 11.82
N ASP A 42 -2.03 -5.92 12.40
CA ASP A 42 -1.83 -7.29 12.85
C ASP A 42 -1.82 -8.22 11.63
N GLY A 43 -1.33 -7.69 10.53
CA GLY A 43 -1.27 -8.47 9.30
C GLY A 43 -1.66 -7.62 8.08
N TRP A 44 -2.77 -6.92 8.25
CA TRP A 44 -3.26 -6.06 7.18
C TRP A 44 -2.48 -4.75 7.23
N LEU A 45 -2.55 -4.02 6.12
CA LEU A 45 -1.85 -2.75 6.01
C LEU A 45 -2.72 -1.76 5.24
N TYR A 46 -2.59 -0.49 5.61
CA TYR A 46 -3.36 0.56 4.97
C TYR A 46 -2.45 1.43 4.09
N GLY A 47 -3.10 2.31 3.33
CA GLY A 47 -2.37 3.21 2.45
C GLY A 47 -3.29 3.76 1.35
N GLU A 48 -2.70 4.60 0.50
CA GLU A 48 -3.45 5.19 -0.59
C GLU A 48 -3.05 4.54 -1.92
N HIS A 49 -3.99 4.55 -2.85
CA HIS A 49 -3.76 3.97 -4.17
C HIS A 49 -3.21 5.05 -5.10
N ASP A 50 -2.24 4.65 -5.92
CA ASP A 50 -1.63 5.55 -6.87
C ASP A 50 -2.47 5.59 -8.14
N THR A 51 -3.78 5.74 -7.95
CA THR A 51 -4.69 5.80 -9.08
C THR A 51 -6.00 6.47 -8.68
N THR A 52 -6.83 5.73 -7.96
CA THR A 52 -8.10 6.25 -7.50
C THR A 52 -7.89 7.34 -6.43
N LYS A 53 -6.68 7.33 -5.87
CA LYS A 53 -6.34 8.28 -4.84
C LYS A 53 -7.08 7.94 -3.54
N ALA A 54 -7.76 6.79 -3.59
CA ALA A 54 -8.51 6.34 -2.44
C ALA A 54 -7.66 5.34 -1.64
N ARG A 55 -7.94 5.26 -0.34
CA ARG A 55 -7.21 4.36 0.53
C ARG A 55 -8.12 3.21 0.97
N GLY A 56 -7.55 2.02 0.95
CA GLY A 56 -8.29 0.83 1.34
C GLY A 56 -7.46 -0.05 2.29
N TRP A 57 -7.98 -1.24 2.54
CA TRP A 57 -7.29 -2.18 3.42
C TRP A 57 -6.81 -3.35 2.57
N PHE A 58 -5.56 -3.73 2.82
CA PHE A 58 -4.96 -4.84 2.08
C PHE A 58 -4.06 -5.67 2.99
N PRO A 59 -3.94 -6.98 2.64
CA PRO A 59 -3.12 -7.89 3.41
C PRO A 59 -1.63 -7.65 3.14
N SER A 60 -0.90 -7.41 4.22
CA SER A 60 0.53 -7.16 4.12
C SER A 60 1.19 -8.26 3.30
N SER A 61 0.54 -9.41 3.28
CA SER A 61 1.07 -10.55 2.54
C SER A 61 0.93 -10.29 1.04
N TYR A 62 -0.04 -9.48 0.69
CA TYR A 62 -0.28 -9.14 -0.70
C TYR A 62 0.51 -7.89 -1.11
N THR A 63 1.40 -7.48 -0.23
CA THR A 63 2.23 -6.31 -0.49
C THR A 63 3.62 -6.50 0.11
N LYS A 64 4.59 -5.84 -0.51
CA LYS A 64 5.97 -5.92 -0.05
C LYS A 64 6.55 -4.51 0.05
N LEU A 65 7.50 -4.37 0.97
CA LEU A 65 8.14 -3.08 1.17
C LEU A 65 9.19 -2.86 0.08
N LEU A 66 9.12 -1.70 -0.56
CA LEU A 66 10.05 -1.37 -1.61
C LEU A 66 11.46 -1.24 -1.03
N SER A 67 12.42 -1.11 -1.93
CA SER A 67 13.82 -0.98 -1.51
C SER A 67 14.42 0.29 -2.09
N GLY A 68 14.26 1.38 -1.36
CA GLY A 68 14.79 2.66 -1.80
C GLY A 68 16.32 2.70 -1.66
N PRO A 69 16.92 3.71 -2.35
CA PRO A 69 18.36 3.86 -2.32
C PRO A 69 18.81 4.47 -0.98
N SER A 70 19.59 3.68 -0.25
CA SER A 70 20.10 4.12 1.04
C SER A 70 21.46 4.80 0.87
N SER A 71 21.68 5.80 1.70
CA SER A 71 22.93 6.55 1.66
C SER A 71 23.00 7.54 2.82
N GLY A 72 24.21 7.73 3.32
CA GLY A 72 24.42 8.64 4.44
C GLY A 72 25.81 8.46 5.04
N GLY A 1 14.91 21.05 5.80
CA GLY A 1 15.95 20.45 6.62
C GLY A 1 15.34 19.71 7.82
N SER A 2 14.92 18.47 7.56
CA SER A 2 14.32 17.66 8.61
C SER A 2 14.77 16.20 8.45
N SER A 3 14.85 15.53 9.59
CA SER A 3 15.27 14.13 9.60
C SER A 3 14.09 13.24 10.00
N GLY A 4 14.11 12.02 9.47
CA GLY A 4 13.05 11.07 9.76
C GLY A 4 11.81 11.35 8.92
N SER A 5 11.43 10.35 8.12
CA SER A 5 10.28 10.48 7.26
C SER A 5 9.40 9.23 7.38
N SER A 6 8.10 9.46 7.32
CA SER A 6 7.15 8.36 7.41
C SER A 6 6.31 8.27 6.13
N GLY A 7 5.66 7.13 5.97
CA GLY A 7 4.84 6.91 4.80
C GLY A 7 5.56 6.04 3.76
N GLN A 8 6.08 4.92 4.24
CA GLN A 8 6.80 4.00 3.37
C GLN A 8 5.94 3.63 2.16
N LYS A 9 6.57 2.96 1.21
CA LYS A 9 5.88 2.54 0.00
C LYS A 9 5.91 1.02 -0.09
N VAL A 10 4.81 0.47 -0.60
CA VAL A 10 4.71 -0.97 -0.76
C VAL A 10 4.33 -1.30 -2.20
N LYS A 11 4.70 -2.50 -2.62
CA LYS A 11 4.40 -2.96 -3.96
C LYS A 11 3.60 -4.26 -3.90
N THR A 12 2.51 -4.30 -4.66
CA THR A 12 1.66 -5.48 -4.70
C THR A 12 2.29 -6.55 -5.60
N ILE A 13 2.40 -7.74 -5.03
CA ILE A 13 2.96 -8.87 -5.77
C ILE A 13 1.83 -9.75 -6.29
N PHE A 14 0.62 -9.38 -5.93
CA PHE A 14 -0.55 -10.14 -6.34
C PHE A 14 -1.74 -9.21 -6.60
N PRO A 15 -2.60 -9.62 -7.56
CA PRO A 15 -3.78 -8.84 -7.90
C PRO A 15 -4.86 -8.98 -6.83
N HIS A 16 -5.53 -7.88 -6.57
CA HIS A 16 -6.59 -7.86 -5.58
C HIS A 16 -7.53 -6.68 -5.85
N THR A 17 -8.73 -7.01 -6.28
CA THR A 17 -9.73 -5.99 -6.58
C THR A 17 -10.84 -6.02 -5.53
N ALA A 18 -11.32 -4.83 -5.20
CA ALA A 18 -12.38 -4.71 -4.21
C ALA A 18 -13.72 -5.06 -4.87
N GLY A 19 -14.05 -6.34 -4.81
CA GLY A 19 -15.30 -6.82 -5.39
C GLY A 19 -16.46 -6.67 -4.40
N ASN A 20 -17.30 -5.67 -4.67
CA ASN A 20 -18.44 -5.42 -3.82
C ASN A 20 -17.99 -4.62 -2.60
N ASN A 21 -17.07 -5.20 -1.85
CA ASN A 21 -16.55 -4.56 -0.65
C ASN A 21 -16.05 -3.16 -1.02
N LYS A 22 -15.85 -2.35 0.02
CA LYS A 22 -15.37 -0.99 -0.18
C LYS A 22 -14.05 -0.81 0.56
N THR A 23 -14.07 -1.12 1.86
CA THR A 23 -12.88 -0.99 2.68
C THR A 23 -11.65 -1.46 1.90
N LEU A 24 -11.72 -2.67 1.38
CA LEU A 24 -10.63 -3.23 0.63
C LEU A 24 -10.26 -2.29 -0.52
N LEU A 25 -8.97 -2.10 -0.70
CA LEU A 25 -8.48 -1.23 -1.75
C LEU A 25 -8.55 -1.97 -3.09
N SER A 26 -8.08 -1.28 -4.13
CA SER A 26 -8.08 -1.85 -5.46
C SER A 26 -6.77 -1.52 -6.18
N PHE A 27 -6.07 -2.58 -6.58
CA PHE A 27 -4.81 -2.42 -7.27
C PHE A 27 -4.45 -3.67 -8.06
N ALA A 28 -3.42 -3.55 -8.90
CA ALA A 28 -2.97 -4.67 -9.70
C ALA A 28 -1.49 -4.92 -9.43
N GLN A 29 -1.13 -6.20 -9.47
CA GLN A 29 0.25 -6.59 -9.22
C GLN A 29 1.20 -5.60 -9.89
N GLY A 30 2.02 -4.95 -9.05
CA GLY A 30 2.98 -3.99 -9.55
C GLY A 30 2.66 -2.59 -9.03
N ASP A 31 1.38 -2.30 -8.94
CA ASP A 31 0.93 -1.00 -8.46
C ASP A 31 1.66 -0.68 -7.14
N VAL A 32 1.78 0.61 -6.89
CA VAL A 32 2.46 1.07 -5.67
C VAL A 32 1.45 1.85 -4.82
N LEU A 33 1.47 1.53 -3.53
CA LEU A 33 0.57 2.19 -2.59
C LEU A 33 1.40 2.87 -1.49
N THR A 34 0.93 4.03 -1.08
CA THR A 34 1.61 4.78 -0.03
C THR A 34 1.00 4.47 1.34
N LEU A 35 1.86 4.02 2.23
CA LEU A 35 1.43 3.68 3.59
C LEU A 35 1.07 4.97 4.33
N LEU A 36 0.11 4.83 5.24
CA LEU A 36 -0.35 5.97 6.02
C LEU A 36 -0.06 5.70 7.50
N ILE A 37 -0.37 4.49 7.92
CA ILE A 37 -0.15 4.10 9.31
C ILE A 37 1.06 3.16 9.38
N PRO A 38 1.91 3.40 10.41
CA PRO A 38 3.09 2.58 10.61
C PRO A 38 2.73 1.21 11.18
N GLU A 39 1.51 1.13 11.70
CA GLU A 39 1.03 -0.11 12.28
C GLU A 39 0.28 -0.94 11.24
N GLU A 40 -0.13 -2.13 11.66
CA GLU A 40 -0.86 -3.02 10.76
C GLU A 40 -2.15 -3.48 11.41
N LYS A 41 -3.19 -3.60 10.59
CA LYS A 41 -4.49 -4.03 11.08
C LYS A 41 -4.50 -5.55 11.21
N ASP A 42 -3.71 -6.04 12.15
CA ASP A 42 -3.62 -7.47 12.39
C ASP A 42 -3.20 -8.17 11.10
N GLY A 43 -2.01 -7.80 10.62
CA GLY A 43 -1.48 -8.38 9.40
C GLY A 43 -1.77 -7.49 8.19
N TRP A 44 -2.98 -6.94 8.19
CA TRP A 44 -3.39 -6.07 7.10
C TRP A 44 -2.67 -4.72 7.28
N LEU A 45 -2.52 -4.02 6.16
CA LEU A 45 -1.86 -2.72 6.19
C LEU A 45 -2.67 -1.73 5.36
N TYR A 46 -2.58 -0.47 5.75
CA TYR A 46 -3.30 0.59 5.05
C TYR A 46 -2.34 1.44 4.21
N GLY A 47 -2.92 2.13 3.24
CA GLY A 47 -2.14 2.99 2.37
C GLY A 47 -3.04 3.71 1.37
N GLU A 48 -2.40 4.40 0.43
CA GLU A 48 -3.12 5.13 -0.60
C GLU A 48 -2.70 4.67 -1.99
N HIS A 49 -3.68 4.60 -2.88
CA HIS A 49 -3.42 4.18 -4.25
C HIS A 49 -2.88 5.35 -5.05
N ASP A 50 -1.91 5.06 -5.89
CA ASP A 50 -1.30 6.09 -6.73
C ASP A 50 -2.08 6.18 -8.05
N THR A 51 -3.40 6.15 -7.93
CA THR A 51 -4.25 6.23 -9.10
C THR A 51 -5.62 6.81 -8.72
N THR A 52 -6.39 5.99 -8.00
CA THR A 52 -7.71 6.40 -7.57
C THR A 52 -7.62 7.53 -6.54
N LYS A 53 -6.45 7.61 -5.92
CA LYS A 53 -6.20 8.63 -4.91
C LYS A 53 -6.97 8.26 -3.64
N ALA A 54 -7.58 7.10 -3.66
CA ALA A 54 -8.35 6.63 -2.53
C ALA A 54 -7.49 5.67 -1.69
N ARG A 55 -7.97 5.38 -0.49
CA ARG A 55 -7.26 4.50 0.40
C ARG A 55 -8.15 3.33 0.82
N GLY A 56 -7.56 2.14 0.81
CA GLY A 56 -8.30 0.95 1.19
C GLY A 56 -7.47 0.08 2.14
N TRP A 57 -8.01 -1.11 2.44
CA TRP A 57 -7.34 -2.02 3.33
C TRP A 57 -6.90 -3.24 2.52
N PHE A 58 -5.65 -3.64 2.74
CA PHE A 58 -5.09 -4.78 2.02
C PHE A 58 -4.17 -5.59 2.93
N PRO A 59 -4.02 -6.90 2.58
CA PRO A 59 -3.18 -7.79 3.36
C PRO A 59 -1.69 -7.51 3.09
N SER A 60 -0.96 -7.26 4.16
CA SER A 60 0.47 -6.98 4.06
C SER A 60 1.15 -8.07 3.22
N SER A 61 0.52 -9.23 3.19
CA SER A 61 1.05 -10.35 2.44
C SER A 61 0.91 -10.09 0.94
N TYR A 62 -0.09 -9.29 0.60
CA TYR A 62 -0.34 -8.95 -0.79
C TYR A 62 0.46 -7.72 -1.20
N THR A 63 1.36 -7.31 -0.33
CA THR A 63 2.19 -6.15 -0.58
C THR A 63 3.59 -6.34 0.01
N LYS A 64 4.56 -5.69 -0.61
CA LYS A 64 5.94 -5.79 -0.15
C LYS A 64 6.55 -4.38 -0.10
N LEU A 65 7.49 -4.22 0.83
CA LEU A 65 8.15 -2.95 0.99
C LEU A 65 9.01 -2.65 -0.26
N LEU A 66 8.84 -1.44 -0.77
CA LEU A 66 9.57 -1.03 -1.96
C LEU A 66 11.07 -1.19 -1.70
N SER A 67 11.84 -1.01 -2.76
CA SER A 67 13.29 -1.12 -2.65
C SER A 67 13.96 -0.34 -3.79
N GLY A 68 14.39 0.86 -3.45
CA GLY A 68 15.05 1.72 -4.42
C GLY A 68 16.57 1.49 -4.42
N PRO A 69 17.29 2.48 -5.01
CA PRO A 69 18.74 2.40 -5.08
C PRO A 69 19.38 2.70 -3.72
N SER A 70 20.70 2.62 -3.69
CA SER A 70 21.44 2.87 -2.46
C SER A 70 22.44 4.00 -2.67
N SER A 71 22.25 5.08 -1.93
CA SER A 71 23.12 6.23 -2.04
C SER A 71 23.11 6.78 -3.46
N GLY A 72 23.41 8.06 -3.58
CA GLY A 72 23.42 8.72 -4.88
C GLY A 72 23.35 10.24 -4.73
N GLY A 1 2.43 12.03 9.22
CA GLY A 1 3.82 12.21 9.59
C GLY A 1 4.23 13.68 9.46
N SER A 2 5.01 14.13 10.43
CA SER A 2 5.47 15.51 10.44
C SER A 2 7.01 15.54 10.46
N SER A 3 7.56 14.93 11.49
CA SER A 3 9.01 14.88 11.64
C SER A 3 9.52 13.49 11.27
N GLY A 4 10.52 13.47 10.40
CA GLY A 4 11.11 12.22 9.96
C GLY A 4 10.50 11.76 8.63
N SER A 5 10.82 10.53 8.25
CA SER A 5 10.32 9.96 7.02
C SER A 5 9.24 8.92 7.31
N SER A 6 8.00 9.32 7.11
CA SER A 6 6.87 8.44 7.35
C SER A 6 6.04 8.28 6.08
N GLY A 7 5.31 7.18 6.02
CA GLY A 7 4.47 6.90 4.86
C GLY A 7 5.23 6.08 3.82
N GLN A 8 5.84 5.00 4.29
CA GLN A 8 6.59 4.12 3.42
C GLN A 8 5.74 3.72 2.21
N LYS A 9 6.40 3.09 1.25
CA LYS A 9 5.73 2.65 0.04
C LYS A 9 5.78 1.12 -0.04
N VAL A 10 4.71 0.55 -0.55
CA VAL A 10 4.62 -0.89 -0.69
C VAL A 10 4.22 -1.24 -2.13
N LYS A 11 4.60 -2.44 -2.55
CA LYS A 11 4.29 -2.91 -3.88
C LYS A 11 3.55 -4.24 -3.80
N THR A 12 2.45 -4.32 -4.53
CA THR A 12 1.64 -5.53 -4.54
C THR A 12 2.33 -6.61 -5.38
N ILE A 13 2.36 -7.82 -4.82
CA ILE A 13 2.98 -8.94 -5.50
C ILE A 13 1.89 -9.86 -6.06
N PHE A 14 0.66 -9.53 -5.71
CA PHE A 14 -0.48 -10.31 -6.17
C PHE A 14 -1.71 -9.43 -6.36
N PRO A 15 -2.58 -9.85 -7.33
CA PRO A 15 -3.79 -9.11 -7.61
C PRO A 15 -4.85 -9.33 -6.52
N HIS A 16 -5.62 -8.29 -6.27
CA HIS A 16 -6.66 -8.35 -5.26
C HIS A 16 -7.79 -7.39 -5.62
N THR A 17 -8.79 -7.92 -6.31
CA THR A 17 -9.93 -7.12 -6.73
C THR A 17 -10.75 -6.70 -5.51
N ALA A 18 -11.13 -5.44 -5.49
CA ALA A 18 -11.93 -4.90 -4.40
C ALA A 18 -12.96 -3.92 -4.96
N GLY A 19 -13.16 -4.00 -6.26
CA GLY A 19 -14.11 -3.12 -6.93
C GLY A 19 -15.33 -2.87 -6.04
N ASN A 20 -16.21 -3.87 -5.98
CA ASN A 20 -17.40 -3.77 -5.17
C ASN A 20 -17.04 -3.35 -3.75
N ASN A 21 -16.32 -4.23 -3.07
CA ASN A 21 -15.89 -3.96 -1.71
C ASN A 21 -15.45 -2.50 -1.60
N LYS A 22 -15.74 -1.91 -0.45
CA LYS A 22 -15.38 -0.53 -0.20
C LYS A 22 -14.28 -0.48 0.87
N THR A 23 -14.32 -1.46 1.76
CA THR A 23 -13.34 -1.53 2.84
C THR A 23 -12.07 -2.22 2.34
N LEU A 24 -12.06 -2.54 1.06
CA LEU A 24 -10.92 -3.20 0.46
C LEU A 24 -10.37 -2.34 -0.68
N LEU A 25 -9.05 -2.32 -0.79
CA LEU A 25 -8.40 -1.55 -1.83
C LEU A 25 -8.24 -2.41 -3.08
N SER A 26 -8.77 -1.90 -4.19
CA SER A 26 -8.68 -2.61 -5.45
C SER A 26 -7.46 -2.14 -6.24
N PHE A 27 -6.59 -3.09 -6.54
CA PHE A 27 -5.39 -2.79 -7.29
C PHE A 27 -4.92 -4.00 -8.09
N ALA A 28 -3.82 -3.81 -8.81
CA ALA A 28 -3.26 -4.88 -9.63
C ALA A 28 -1.79 -5.07 -9.26
N GLN A 29 -1.32 -6.30 -9.43
CA GLN A 29 0.07 -6.62 -9.13
C GLN A 29 1.00 -5.60 -9.77
N GLY A 30 1.81 -4.98 -8.92
CA GLY A 30 2.76 -3.97 -9.39
C GLY A 30 2.39 -2.59 -8.86
N ASP A 31 1.09 -2.34 -8.75
CA ASP A 31 0.60 -1.07 -8.27
C ASP A 31 1.35 -0.70 -6.98
N VAL A 32 1.46 0.60 -6.75
CA VAL A 32 2.15 1.09 -5.57
C VAL A 32 1.15 1.86 -4.69
N LEU A 33 1.19 1.56 -3.40
CA LEU A 33 0.30 2.20 -2.45
C LEU A 33 1.14 2.88 -1.36
N THR A 34 0.66 4.05 -0.94
CA THR A 34 1.35 4.81 0.09
C THR A 34 0.79 4.47 1.47
N LEU A 35 1.68 4.03 2.35
CA LEU A 35 1.28 3.67 3.70
C LEU A 35 0.91 4.93 4.47
N LEU A 36 -0.14 4.82 5.27
CA LEU A 36 -0.62 5.93 6.06
C LEU A 36 -0.34 5.66 7.54
N ILE A 37 -0.30 4.38 7.87
CA ILE A 37 -0.04 3.98 9.24
C ILE A 37 1.32 3.29 9.32
N PRO A 38 2.07 3.62 10.41
CA PRO A 38 3.39 3.05 10.60
C PRO A 38 3.28 1.60 11.08
N GLU A 39 2.20 1.31 11.79
CA GLU A 39 1.97 -0.02 12.30
C GLU A 39 1.19 -0.86 11.29
N GLU A 40 0.72 -2.01 11.75
CA GLU A 40 -0.04 -2.90 10.89
C GLU A 40 -1.32 -3.36 11.59
N LYS A 41 -2.24 -3.92 10.81
CA LYS A 41 -3.49 -4.39 11.35
C LYS A 41 -3.34 -5.85 11.76
N ASP A 42 -2.10 -6.26 11.98
CA ASP A 42 -1.80 -7.62 12.37
C ASP A 42 -1.94 -8.54 11.17
N GLY A 43 -1.62 -7.98 10.00
CA GLY A 43 -1.70 -8.75 8.77
C GLY A 43 -2.17 -7.86 7.61
N TRP A 44 -3.01 -6.90 7.95
CA TRP A 44 -3.55 -5.99 6.96
C TRP A 44 -2.95 -4.61 7.22
N LEU A 45 -2.57 -3.95 6.12
CA LEU A 45 -1.97 -2.63 6.21
C LEU A 45 -2.82 -1.64 5.42
N TYR A 46 -2.81 -0.39 5.88
CA TYR A 46 -3.57 0.65 5.22
C TYR A 46 -2.65 1.61 4.45
N GLY A 47 -3.10 1.98 3.27
CA GLY A 47 -2.33 2.88 2.42
C GLY A 47 -3.23 3.62 1.44
N GLU A 48 -2.60 4.40 0.58
CA GLU A 48 -3.33 5.16 -0.43
C GLU A 48 -2.98 4.66 -1.83
N HIS A 49 -4.02 4.52 -2.64
CA HIS A 49 -3.84 4.05 -4.01
C HIS A 49 -3.33 5.20 -4.88
N ASP A 50 -2.38 4.88 -5.73
CA ASP A 50 -1.80 5.87 -6.62
C ASP A 50 -2.45 5.74 -8.00
N THR A 51 -3.78 5.73 -8.01
CA THR A 51 -4.52 5.60 -9.24
C THR A 51 -5.93 6.19 -9.08
N THR A 52 -6.54 5.86 -7.96
CA THR A 52 -7.88 6.34 -7.67
C THR A 52 -7.85 7.39 -6.56
N LYS A 53 -6.74 7.39 -5.82
CA LYS A 53 -6.56 8.34 -4.74
C LYS A 53 -7.34 7.85 -3.51
N ALA A 54 -8.03 6.74 -3.69
CA ALA A 54 -8.81 6.17 -2.62
C ALA A 54 -7.94 5.21 -1.81
N ARG A 55 -8.23 5.14 -0.52
CA ARG A 55 -7.48 4.27 0.37
C ARG A 55 -8.37 3.14 0.88
N GLY A 56 -7.80 1.94 0.88
CA GLY A 56 -8.53 0.77 1.34
C GLY A 56 -7.67 -0.07 2.30
N TRP A 57 -8.14 -1.28 2.56
CA TRP A 57 -7.43 -2.19 3.44
C TRP A 57 -6.89 -3.35 2.59
N PHE A 58 -5.64 -3.69 2.85
CA PHE A 58 -5.00 -4.78 2.12
C PHE A 58 -4.09 -5.59 3.05
N PRO A 59 -3.93 -6.90 2.70
CA PRO A 59 -3.09 -7.79 3.48
C PRO A 59 -1.61 -7.50 3.23
N SER A 60 -0.91 -7.18 4.30
CA SER A 60 0.51 -6.88 4.21
C SER A 60 1.22 -7.99 3.44
N SER A 61 0.60 -9.15 3.42
CA SER A 61 1.16 -10.30 2.73
C SER A 61 1.07 -10.09 1.22
N TYR A 62 0.03 -9.37 0.82
CA TYR A 62 -0.19 -9.09 -0.59
C TYR A 62 0.58 -7.83 -1.02
N THR A 63 1.45 -7.38 -0.14
CA THR A 63 2.25 -6.19 -0.42
C THR A 63 3.64 -6.34 0.19
N LYS A 64 4.60 -5.67 -0.44
CA LYS A 64 5.98 -5.71 0.03
C LYS A 64 6.55 -4.30 0.06
N LEU A 65 7.54 -4.10 0.92
CA LEU A 65 8.17 -2.81 1.05
C LEU A 65 8.98 -2.51 -0.21
N LEU A 66 8.78 -1.32 -0.75
CA LEU A 66 9.48 -0.90 -1.95
C LEU A 66 10.99 -1.03 -1.73
N SER A 67 11.74 -0.86 -2.80
CA SER A 67 13.17 -0.95 -2.74
C SER A 67 13.81 0.03 -3.73
N GLY A 68 13.86 1.29 -3.32
CA GLY A 68 14.42 2.34 -4.16
C GLY A 68 15.91 2.53 -3.85
N PRO A 69 16.35 3.81 -3.96
CA PRO A 69 17.74 4.14 -3.69
C PRO A 69 18.04 4.13 -2.19
N SER A 70 19.32 4.14 -1.87
CA SER A 70 19.74 4.13 -0.48
C SER A 70 20.62 5.35 -0.19
N SER A 71 20.03 6.30 0.52
CA SER A 71 20.74 7.52 0.87
C SER A 71 20.48 7.87 2.33
N GLY A 72 19.19 8.06 2.64
CA GLY A 72 18.80 8.40 3.99
C GLY A 72 17.34 8.01 4.26
N GLY A 1 4.09 11.04 -4.99
CA GLY A 1 4.41 12.21 -4.20
C GLY A 1 5.07 11.81 -2.87
N SER A 2 6.39 11.64 -2.94
CA SER A 2 7.15 11.27 -1.75
C SER A 2 7.45 12.51 -0.91
N SER A 3 6.88 12.52 0.29
CA SER A 3 7.08 13.63 1.20
C SER A 3 6.76 13.20 2.63
N GLY A 4 7.39 13.89 3.57
CA GLY A 4 7.18 13.59 4.98
C GLY A 4 8.13 12.49 5.45
N SER A 5 8.38 12.48 6.75
CA SER A 5 9.26 11.49 7.34
C SER A 5 8.54 10.14 7.44
N SER A 6 7.23 10.19 7.24
CA SER A 6 6.42 8.99 7.31
C SER A 6 5.57 8.87 6.04
N GLY A 7 5.39 7.62 5.61
CA GLY A 7 4.59 7.35 4.42
C GLY A 7 5.31 6.37 3.50
N GLN A 8 5.72 5.25 4.08
CA GLN A 8 6.42 4.23 3.32
C GLN A 8 5.57 3.78 2.12
N LYS A 9 6.25 3.21 1.14
CA LYS A 9 5.58 2.73 -0.06
C LYS A 9 5.76 1.22 -0.18
N VAL A 10 4.71 0.58 -0.67
CA VAL A 10 4.74 -0.87 -0.84
C VAL A 10 4.29 -1.22 -2.26
N LYS A 11 4.75 -2.37 -2.72
CA LYS A 11 4.40 -2.84 -4.05
C LYS A 11 3.65 -4.17 -3.95
N THR A 12 2.53 -4.24 -4.67
CA THR A 12 1.71 -5.44 -4.67
C THR A 12 2.38 -6.53 -5.51
N ILE A 13 2.41 -7.73 -4.95
CA ILE A 13 3.00 -8.86 -5.64
C ILE A 13 1.89 -9.74 -6.22
N PHE A 14 0.67 -9.44 -5.81
CA PHE A 14 -0.48 -10.19 -6.29
C PHE A 14 -1.70 -9.29 -6.43
N PRO A 15 -2.58 -9.65 -7.40
CA PRO A 15 -3.78 -8.88 -7.66
C PRO A 15 -4.83 -9.14 -6.57
N HIS A 16 -5.65 -8.12 -6.33
CA HIS A 16 -6.70 -8.23 -5.33
C HIS A 16 -7.61 -7.01 -5.41
N THR A 17 -8.58 -7.09 -6.31
CA THR A 17 -9.52 -6.01 -6.51
C THR A 17 -10.71 -6.16 -5.56
N ALA A 18 -11.12 -5.03 -5.00
CA ALA A 18 -12.24 -5.02 -4.07
C ALA A 18 -13.51 -5.43 -4.81
N GLY A 19 -13.87 -4.62 -5.81
CA GLY A 19 -15.05 -4.88 -6.60
C GLY A 19 -16.32 -4.77 -5.75
N ASN A 20 -16.94 -3.61 -5.82
CA ASN A 20 -18.16 -3.37 -5.06
C ASN A 20 -17.79 -3.02 -3.61
N ASN A 21 -17.03 -3.91 -3.00
CA ASN A 21 -16.61 -3.72 -1.62
C ASN A 21 -16.01 -2.32 -1.47
N LYS A 22 -15.78 -1.94 -0.23
CA LYS A 22 -15.21 -0.63 0.07
C LYS A 22 -13.98 -0.80 0.95
N THR A 23 -14.20 -1.43 2.10
CA THR A 23 -13.11 -1.66 3.04
C THR A 23 -11.83 -2.02 2.30
N LEU A 24 -11.93 -3.04 1.46
CA LEU A 24 -10.79 -3.50 0.68
C LEU A 24 -10.53 -2.50 -0.45
N LEU A 25 -9.25 -2.27 -0.71
CA LEU A 25 -8.85 -1.35 -1.76
C LEU A 25 -9.01 -2.04 -3.11
N SER A 26 -8.17 -1.62 -4.05
CA SER A 26 -8.21 -2.19 -5.39
C SER A 26 -6.95 -1.77 -6.17
N PHE A 27 -6.20 -2.77 -6.58
CA PHE A 27 -4.98 -2.52 -7.33
C PHE A 27 -4.59 -3.74 -8.17
N ALA A 28 -3.54 -3.57 -8.97
CA ALA A 28 -3.06 -4.64 -9.81
C ALA A 28 -1.58 -4.92 -9.50
N GLN A 29 -1.25 -6.20 -9.47
CA GLN A 29 0.10 -6.62 -9.18
C GLN A 29 1.10 -5.66 -9.83
N GLY A 30 1.90 -5.02 -9.00
CA GLY A 30 2.90 -4.08 -9.47
C GLY A 30 2.60 -2.67 -8.98
N ASP A 31 1.31 -2.35 -8.94
CA ASP A 31 0.88 -1.04 -8.50
C ASP A 31 1.59 -0.69 -7.18
N VAL A 32 1.71 0.60 -6.94
CA VAL A 32 2.36 1.08 -5.73
C VAL A 32 1.34 1.86 -4.89
N LEU A 33 1.34 1.54 -3.60
CA LEU A 33 0.44 2.21 -2.67
C LEU A 33 1.24 2.88 -1.56
N THR A 34 0.75 4.04 -1.14
CA THR A 34 1.43 4.79 -0.09
C THR A 34 0.82 4.45 1.27
N LEU A 35 1.69 4.00 2.17
CA LEU A 35 1.25 3.64 3.51
C LEU A 35 1.06 4.90 4.34
N LEU A 36 0.07 4.85 5.22
CA LEU A 36 -0.23 5.98 6.09
C LEU A 36 0.20 5.66 7.52
N ILE A 37 -0.27 4.52 7.99
CA ILE A 37 0.04 4.08 9.34
C ILE A 37 1.19 3.08 9.29
N PRO A 38 2.17 3.27 10.23
CA PRO A 38 3.33 2.39 10.29
C PRO A 38 2.95 1.04 10.90
N GLU A 39 1.79 1.01 11.53
CA GLU A 39 1.31 -0.21 12.17
C GLU A 39 0.45 -1.02 11.18
N GLU A 40 0.17 -2.25 11.57
CA GLU A 40 -0.64 -3.13 10.74
C GLU A 40 -1.85 -3.64 11.52
N LYS A 41 -2.96 -3.78 10.81
CA LYS A 41 -4.19 -4.24 11.42
C LYS A 41 -4.12 -5.76 11.59
N ASP A 42 -3.19 -6.19 12.41
CA ASP A 42 -3.00 -7.61 12.68
C ASP A 42 -2.66 -8.32 11.37
N GLY A 43 -1.80 -7.68 10.58
CA GLY A 43 -1.40 -8.24 9.30
C GLY A 43 -1.73 -7.29 8.16
N TRP A 44 -2.98 -6.85 8.13
CA TRP A 44 -3.44 -5.94 7.10
C TRP A 44 -2.74 -4.60 7.31
N LEU A 45 -2.58 -3.88 6.21
CA LEU A 45 -1.93 -2.57 6.26
C LEU A 45 -2.78 -1.56 5.49
N TYR A 46 -2.69 -0.31 5.93
CA TYR A 46 -3.45 0.76 5.30
C TYR A 46 -2.53 1.66 4.47
N GLY A 47 -3.08 2.18 3.39
CA GLY A 47 -2.33 3.05 2.51
C GLY A 47 -3.23 3.63 1.40
N GLU A 48 -2.62 4.47 0.58
CA GLU A 48 -3.35 5.09 -0.52
C GLU A 48 -2.90 4.50 -1.85
N HIS A 49 -3.76 4.65 -2.86
CA HIS A 49 -3.45 4.14 -4.18
C HIS A 49 -2.92 5.27 -5.06
N ASP A 50 -2.06 4.89 -5.99
CA ASP A 50 -1.46 5.86 -6.90
C ASP A 50 -2.26 5.89 -8.20
N THR A 51 -3.57 5.94 -8.05
CA THR A 51 -4.45 5.97 -9.21
C THR A 51 -5.84 6.47 -8.81
N THR A 52 -6.56 5.61 -8.10
CA THR A 52 -7.90 5.96 -7.66
C THR A 52 -7.84 7.07 -6.60
N LYS A 53 -6.72 7.11 -5.90
CA LYS A 53 -6.53 8.11 -4.87
C LYS A 53 -7.25 7.68 -3.60
N ALA A 54 -7.94 6.56 -3.70
CA ALA A 54 -8.68 6.02 -2.57
C ALA A 54 -7.75 5.15 -1.73
N ARG A 55 -8.20 4.86 -0.51
CA ARG A 55 -7.42 4.04 0.40
C ARG A 55 -8.28 2.92 0.98
N GLY A 56 -7.70 1.73 1.01
CA GLY A 56 -8.40 0.57 1.53
C GLY A 56 -7.51 -0.24 2.47
N TRP A 57 -7.98 -1.42 2.82
CA TRP A 57 -7.23 -2.30 3.71
C TRP A 57 -6.78 -3.51 2.90
N PHE A 58 -5.51 -3.86 3.07
CA PHE A 58 -4.94 -5.00 2.36
C PHE A 58 -3.95 -5.75 3.25
N PRO A 59 -3.77 -7.06 2.94
CA PRO A 59 -2.85 -7.90 3.69
C PRO A 59 -1.40 -7.58 3.33
N SER A 60 -0.63 -7.25 4.36
CA SER A 60 0.77 -6.93 4.17
C SER A 60 1.46 -8.01 3.33
N SER A 61 0.85 -9.19 3.34
CA SER A 61 1.38 -10.32 2.59
C SER A 61 1.19 -10.08 1.09
N TYR A 62 0.12 -9.37 0.77
CA TYR A 62 -0.19 -9.08 -0.61
C TYR A 62 0.56 -7.83 -1.09
N THR A 63 1.49 -7.39 -0.25
CA THR A 63 2.29 -6.22 -0.58
C THR A 63 3.70 -6.38 -0.03
N LYS A 64 4.63 -5.66 -0.66
CA LYS A 64 6.02 -5.71 -0.24
C LYS A 64 6.57 -4.28 -0.11
N LEU A 65 7.58 -4.15 0.73
CA LEU A 65 8.19 -2.85 0.96
C LEU A 65 9.12 -2.51 -0.21
N LEU A 66 8.97 -1.30 -0.71
CA LEU A 66 9.78 -0.85 -1.83
C LEU A 66 11.25 -0.82 -1.40
N SER A 67 12.10 -0.52 -2.37
CA SER A 67 13.54 -0.46 -2.10
C SER A 67 14.19 0.58 -3.03
N GLY A 68 14.30 1.80 -2.52
CA GLY A 68 14.90 2.88 -3.28
C GLY A 68 14.03 4.13 -3.23
N PRO A 69 14.70 5.30 -3.40
CA PRO A 69 14.00 6.57 -3.37
C PRO A 69 13.22 6.79 -4.67
N SER A 70 12.35 7.80 -4.63
CA SER A 70 11.54 8.12 -5.78
C SER A 70 10.98 9.55 -5.65
N SER A 71 11.22 10.34 -6.67
CA SER A 71 10.76 11.72 -6.68
C SER A 71 9.89 11.96 -7.92
N GLY A 72 9.14 13.06 -7.87
CA GLY A 72 8.27 13.42 -8.96
C GLY A 72 8.71 14.74 -9.61
N GLY A 1 11.10 15.11 1.41
CA GLY A 1 11.03 14.96 2.86
C GLY A 1 12.08 15.84 3.55
N SER A 2 11.92 16.01 4.84
CA SER A 2 12.84 16.81 5.62
C SER A 2 12.81 16.37 7.09
N SER A 3 13.83 15.63 7.47
CA SER A 3 13.93 15.14 8.83
C SER A 3 12.66 14.40 9.23
N GLY A 4 12.73 13.08 9.13
CA GLY A 4 11.58 12.24 9.47
C GLY A 4 10.87 11.75 8.20
N SER A 5 10.89 10.44 8.03
CA SER A 5 10.26 9.83 6.87
C SER A 5 9.12 8.89 7.33
N SER A 6 7.91 9.36 7.12
CA SER A 6 6.73 8.58 7.49
C SER A 6 5.77 8.48 6.32
N GLY A 7 5.91 7.40 5.57
CA GLY A 7 5.06 7.17 4.42
C GLY A 7 5.74 6.24 3.40
N GLN A 8 6.19 5.11 3.90
CA GLN A 8 6.86 4.13 3.06
C GLN A 8 5.95 3.71 1.90
N LYS A 9 6.57 3.14 0.88
CA LYS A 9 5.84 2.69 -0.28
C LYS A 9 6.00 1.18 -0.44
N VAL A 10 4.92 0.54 -0.88
CA VAL A 10 4.93 -0.90 -1.07
C VAL A 10 4.39 -1.22 -2.46
N LYS A 11 4.82 -2.37 -2.97
CA LYS A 11 4.40 -2.81 -4.29
C LYS A 11 3.69 -4.16 -4.17
N THR A 12 2.53 -4.24 -4.80
CA THR A 12 1.74 -5.46 -4.78
C THR A 12 2.38 -6.52 -5.69
N ILE A 13 2.48 -7.73 -5.16
CA ILE A 13 3.05 -8.83 -5.90
C ILE A 13 1.93 -9.72 -6.45
N PHE A 14 0.73 -9.41 -6.01
CA PHE A 14 -0.44 -10.17 -6.44
C PHE A 14 -1.66 -9.26 -6.60
N PRO A 15 -2.52 -9.63 -7.58
CA PRO A 15 -3.73 -8.86 -7.85
C PRO A 15 -4.79 -9.11 -6.77
N HIS A 16 -5.51 -8.05 -6.43
CA HIS A 16 -6.55 -8.13 -5.43
C HIS A 16 -7.45 -6.89 -5.51
N THR A 17 -8.60 -7.09 -6.13
CA THR A 17 -9.56 -6.01 -6.29
C THR A 17 -10.63 -6.08 -5.20
N ALA A 18 -11.00 -4.90 -4.69
CA ALA A 18 -12.01 -4.83 -3.66
C ALA A 18 -13.39 -5.02 -4.28
N GLY A 19 -13.66 -4.22 -5.30
CA GLY A 19 -14.93 -4.28 -5.99
C GLY A 19 -16.09 -3.97 -5.04
N ASN A 20 -17.03 -4.89 -4.97
CA ASN A 20 -18.19 -4.73 -4.11
C ASN A 20 -17.73 -4.17 -2.76
N ASN A 21 -16.81 -4.88 -2.13
CA ASN A 21 -16.29 -4.47 -0.84
C ASN A 21 -15.77 -3.04 -0.95
N LYS A 22 -16.12 -2.24 0.05
CA LYS A 22 -15.69 -0.85 0.08
C LYS A 22 -14.66 -0.67 1.20
N THR A 23 -14.31 -1.77 1.84
CA THR A 23 -13.35 -1.75 2.92
C THR A 23 -11.94 -2.01 2.39
N LEU A 24 -11.84 -3.05 1.58
CA LEU A 24 -10.56 -3.42 0.99
C LEU A 24 -10.23 -2.46 -0.16
N LEU A 25 -8.95 -2.36 -0.46
CA LEU A 25 -8.50 -1.49 -1.53
C LEU A 25 -8.48 -2.27 -2.85
N SER A 26 -8.20 -1.54 -3.92
CA SER A 26 -8.16 -2.15 -5.23
C SER A 26 -6.86 -1.76 -5.96
N PHE A 27 -6.07 -2.77 -6.29
CA PHE A 27 -4.82 -2.54 -6.98
C PHE A 27 -4.42 -3.75 -7.83
N ALA A 28 -3.52 -3.52 -8.76
CA ALA A 28 -3.06 -4.58 -9.64
C ALA A 28 -1.57 -4.83 -9.38
N GLN A 29 -1.19 -6.09 -9.48
CA GLN A 29 0.19 -6.49 -9.26
C GLN A 29 1.13 -5.49 -9.93
N GLY A 30 1.99 -4.89 -9.12
CA GLY A 30 2.95 -3.92 -9.61
C GLY A 30 2.61 -2.51 -9.12
N ASP A 31 1.32 -2.26 -8.96
CA ASP A 31 0.85 -0.97 -8.49
C ASP A 31 1.58 -0.61 -7.19
N VAL A 32 1.69 0.68 -6.96
CA VAL A 32 2.35 1.18 -5.77
C VAL A 32 1.33 1.90 -4.88
N LEU A 33 1.38 1.58 -3.60
CA LEU A 33 0.47 2.20 -2.64
C LEU A 33 1.27 2.88 -1.55
N THR A 34 0.78 4.03 -1.12
CA THR A 34 1.44 4.80 -0.08
C THR A 34 0.85 4.47 1.29
N LEU A 35 1.73 4.04 2.19
CA LEU A 35 1.30 3.68 3.53
C LEU A 35 0.89 4.94 4.29
N LEU A 36 -0.10 4.77 5.16
CA LEU A 36 -0.59 5.90 5.95
C LEU A 36 -0.26 5.66 7.42
N ILE A 37 -0.58 4.46 7.89
CA ILE A 37 -0.33 4.10 9.27
C ILE A 37 0.85 3.12 9.32
N PRO A 38 1.75 3.36 10.31
CA PRO A 38 2.93 2.51 10.48
C PRO A 38 2.53 1.18 11.12
N GLU A 39 1.32 1.14 11.63
CA GLU A 39 0.81 -0.07 12.28
C GLU A 39 0.07 -0.94 11.25
N GLU A 40 -0.26 -2.15 11.68
CA GLU A 40 -0.97 -3.08 10.83
C GLU A 40 -2.25 -3.57 11.52
N LYS A 41 -3.30 -3.69 10.72
CA LYS A 41 -4.58 -4.15 11.24
C LYS A 41 -4.55 -5.66 11.40
N ASP A 42 -3.72 -6.11 12.32
CA ASP A 42 -3.59 -7.54 12.58
C ASP A 42 -3.12 -8.25 11.30
N GLY A 43 -2.14 -7.64 10.65
CA GLY A 43 -1.60 -8.19 9.43
C GLY A 43 -1.88 -7.29 8.23
N TRP A 44 -3.14 -6.90 8.12
CA TRP A 44 -3.55 -6.02 7.03
C TRP A 44 -2.90 -4.65 7.25
N LEU A 45 -2.64 -3.98 6.14
CA LEU A 45 -2.03 -2.67 6.18
C LEU A 45 -2.86 -1.68 5.36
N TYR A 46 -2.84 -0.43 5.79
CA TYR A 46 -3.57 0.61 5.11
C TYR A 46 -2.64 1.54 4.33
N GLY A 47 -3.08 1.92 3.14
CA GLY A 47 -2.29 2.80 2.30
C GLY A 47 -3.17 3.49 1.25
N GLU A 48 -2.52 4.25 0.39
CA GLU A 48 -3.23 4.97 -0.65
C GLU A 48 -2.70 4.55 -2.03
N HIS A 49 -3.62 4.47 -2.98
CA HIS A 49 -3.28 4.07 -4.34
C HIS A 49 -2.78 5.30 -5.11
N ASP A 50 -1.83 5.05 -6.00
CA ASP A 50 -1.27 6.12 -6.81
C ASP A 50 -2.03 6.21 -8.13
N THR A 51 -3.35 6.18 -8.02
CA THR A 51 -4.20 6.25 -9.19
C THR A 51 -5.58 6.78 -8.81
N THR A 52 -6.37 5.91 -8.19
CA THR A 52 -7.71 6.27 -7.77
C THR A 52 -7.66 7.30 -6.64
N LYS A 53 -6.52 7.33 -5.96
CA LYS A 53 -6.33 8.26 -4.86
C LYS A 53 -7.17 7.81 -3.67
N ALA A 54 -7.71 6.60 -3.79
CA ALA A 54 -8.54 6.05 -2.73
C ALA A 54 -7.69 5.13 -1.85
N ARG A 55 -8.05 5.07 -0.57
CA ARG A 55 -7.34 4.23 0.37
C ARG A 55 -8.24 3.11 0.88
N GLY A 56 -7.69 1.91 0.91
CA GLY A 56 -8.44 0.76 1.38
C GLY A 56 -7.59 -0.09 2.33
N TRP A 57 -8.09 -1.28 2.62
CA TRP A 57 -7.40 -2.19 3.51
C TRP A 57 -6.92 -3.39 2.69
N PHE A 58 -5.66 -3.75 2.89
CA PHE A 58 -5.08 -4.87 2.18
C PHE A 58 -4.09 -5.64 3.07
N PRO A 59 -3.92 -6.94 2.74
CA PRO A 59 -3.02 -7.80 3.50
C PRO A 59 -1.57 -7.48 3.17
N SER A 60 -0.80 -7.20 4.22
CA SER A 60 0.61 -6.88 4.06
C SER A 60 1.30 -7.96 3.22
N SER A 61 0.67 -9.13 3.19
CA SER A 61 1.21 -10.24 2.44
C SER A 61 1.08 -9.97 0.93
N TYR A 62 0.03 -9.24 0.59
CA TYR A 62 -0.22 -8.91 -0.80
C TYR A 62 0.61 -7.69 -1.23
N THR A 63 1.51 -7.29 -0.35
CA THR A 63 2.37 -6.16 -0.63
C THR A 63 3.77 -6.38 -0.03
N LYS A 64 4.75 -5.73 -0.64
CA LYS A 64 6.12 -5.86 -0.17
C LYS A 64 6.74 -4.47 -0.07
N LEU A 65 7.78 -4.38 0.75
CA LEU A 65 8.47 -3.11 0.96
C LEU A 65 9.42 -2.86 -0.22
N LEU A 66 9.29 -1.67 -0.79
CA LEU A 66 10.12 -1.29 -1.91
C LEU A 66 11.59 -1.26 -1.48
N SER A 67 12.46 -1.13 -2.47
CA SER A 67 13.89 -1.09 -2.20
C SER A 67 14.51 0.17 -2.81
N GLY A 68 14.48 1.24 -2.03
CA GLY A 68 15.02 2.51 -2.48
C GLY A 68 16.51 2.62 -2.13
N PRO A 69 16.93 3.88 -1.80
CA PRO A 69 18.32 4.13 -1.45
C PRO A 69 18.62 3.62 -0.04
N SER A 70 19.07 2.38 0.03
CA SER A 70 19.40 1.77 1.30
C SER A 70 20.83 2.15 1.71
N SER A 71 21.07 2.11 3.01
CA SER A 71 22.38 2.43 3.54
C SER A 71 23.08 1.17 4.04
N GLY A 72 23.91 0.61 3.17
CA GLY A 72 24.64 -0.60 3.51
C GLY A 72 24.68 -1.56 2.31
#